data_8POH
#
_entry.id   8POH
#
_cell.length_a   1.00
_cell.length_b   1.00
_cell.length_c   1.00
_cell.angle_alpha   90.00
_cell.angle_beta   90.00
_cell.angle_gamma   90.00
#
_symmetry.space_group_name_H-M   'P 1'
#
loop_
_entity.id
_entity.type
_entity.pdbx_description
1 polymer 'Polymerase acidic protein'
2 polymer 'RNA-directed RNA polymerase catalytic subunit'
3 polymer 'Polymerase basic protein 2'
4 polymer '51-mer vRNA loop (v51_mut_S)'
5 non-polymer 'MAGNESIUM ION'
#
loop_
_entity_poly.entity_id
_entity_poly.type
_entity_poly.pdbx_seq_one_letter_code
_entity_poly.pdbx_strand_id
1 'polypeptide(L)'
;MHHHHHHHHGSGSMEDFVRQCFNPMIVELAEKAMKEYGEDPKIETNKFASICTHLEVCFMYSDFHFIDERGESTIIESGD
PNVLLKHRFEIIEGRDRTMAWTVVNSICNTTGVEKPKFLPDLYDYKENRFIEIGVTRREVHIYYLEKANKIKSEKTHIHI
FSFTGEEMATKADYTLDEESRARIKTRLFTIRQEMASRGLWDSFRQSERGEETIEERFEITGTMRRLADQSLPPNFSSLE
NFRAYVDGFEPNGCIEGKLSQMSKEVNARIEPFLRTTPRPLRLPDGPPCSQRSKFLLMDALALSIEDPSHEGEGIPLYDA
IKCMKTFFGWKEPNIIKPHEKGINPNYLLTWKQVLAELQDIENEEKIPRTKNMKKTSQLKWALGENMAPEKVDFEDCKDV
NDLKQYDSDEPEPRSLACWIQSEFNKACELTDSSWVELDEIGEDVAPIEHIASMRRNYFTAEVSHCRATEYIMKGVYINT
ALLNASCAAMDDFQLIPMISKRRTKEGRRKTNLYGFIIKGRSHLRNDTDVVNFVSMEFSLTDPRLEPHKWEKYCVLEIGD
MLLRTAVGQVSRPMFLYVRTNGTSKIKMKWGMEMRRCLLQSLQQIESMIEAESSVKEKDLTKEFFENKSETWPIGESPKG
VEEGSIGKVCRTLLAKSVFNSLYASPQLEGFSAESRKLLLIVQALRDNLEPGTFDLEGLYEAIEECLINDPWVLLNASWF
NSFLTHALR
;
A,E
2 'polypeptide(L)'
;MDVNPTLLFLKVPVQNAISTTFPYTGDPPYSHGTGTGYTMDTVNRTHKYSEKGKWTTNTETGAPQLNPIDGPLPEDNEPS
GYAQTDCVLEAMAFLEESHPGIFENSCLETMEIVQQTRVDKLTQGRQTYDWTLNRNQPAATALANTIEVFRSNGLTANES
GRLIDFLKDVMDSMDKEEMEITTHFQRKRRVRDNMTKKMVTQRTIGKKKQRLNKRSYLIRALTLNTMTKDAERGKLKRRA
IATPGMQIRGFVYFVEALARSICEKLEQSGLPVGGNEKKAKLANVVRKMMTNSQDTELSFTITGDNTKWNENQNPRMFLA
MITYITRNQPEWFRNVLSIAPIMFSNKMARLGKGYMFESKSMKLRTQVPAEMLANIDLKYFNKSTREKIEKIRPLLIDGT
ASLSPGMMMGMFNMLSTVLGVSILNLGQKKYTKTTYWWDGLQSSDDFALIVNAPNHEGIQAGVDRFYRTCKLVGINMSKK
KSYINRTGTFEFTSFFYRYGFVANFSMELPSFGVSGINESADMSVGVTVIKNNMINNDLGPATAQMALQLFIKDYRYTYR
CHRGDTQIQTRRAFELKKLWEQTRSKAGLLVSDGGPNLYNIRNLHIPEVCLKWELMDEDYQGRLCNPMNPFVSHKEIDSV
NNAVVMPAHGPAKSMEYDAVATTHSWIPKRNRSILNTSQRGILEDEQMYQKCCNLFEKFFPSSSYRRPVGISSMVEAMVS
RARIDARIDFESGRIKKEEFAEIMKICSTIEELRRQK
;
B,F
3 'polypeptide(L)'
;MERIKELRDLMSQSRTREILTKTTVDHMAIIKKYTSGRQEKNPALRMKWMMAMKYPITADKRIMEMIPERNEQGQTLWSK
TNDAGSDRVMVSPLAVTWWNRNGPTTSTVHYPKVYKTYFEKVERLKHGTFGPVHFRNQVKIRRRVDINPGHADLSAKEAQ
DVIMEVVFPNEVGARILTSESQLTITKEKKKELQDCKIAPLMVAYMLERELVRKTRFLPVAGGTSSVYIEVLHLTQGTCW
EQMYTPGGEVRNDDVDQSLIIAARNIVRRATVSADPLASLLEMCHSTQIGGVRMVDILRQNPTEEQAVDICKAAMGLRIS
SSFSFGGFTFKRTSGSSVKREEEVLTGNLQTLKIRVHEGYEEFTMVGRRATAILRKATRRLIQLIVSGKDEQSIAEAIIV
AMVFSQEDCMIKAVRGDLNFVNRANQRLNPMHQLLRHFQKDAKVLFQNWGIEPIDNVMGMIGILPDMTPSTEMSLRGVRV
SKMGVDEYSSTERVVVSIDRFLRVRDQRGNVLLSPEEVSETQGTEKLTITYSSSMMWEINGPESVLVNTYQWIIRNWENV
KIQWSQDPTMLYNKMEFEPFQSLVPKAARGQYSGFVRVLFQQMRDVLGTFDTVQIIKLLPFAAAPPEQSRMQFSSLTVNV
RGSGMRIVVRGNSPVFNYNKATKRLTVLGKDAGALMEDPDEGTAGVESAVLRGFLILGKENKRYGPALSINELSNLAKGE
KANVLIGQGDVVLVMKRKRDSSILTDSQTATKRIRMAINGWSHPQFEKGGGSGGGSGGSAWSHPQFEK
;
C,G
4 'polyribonucleotide' AGUAGAAACAAGGGUGUAUUUUCCCCUCUUUUUGUUUCCCCUGCUUUUGCU R,V,S,U
#
loop_
_chem_comp.id
_chem_comp.type
_chem_comp.name
_chem_comp.formula
A RNA linking ADENOSINE-5'-MONOPHOSPHATE 'C10 H14 N5 O7 P'
C RNA linking CYTIDINE-5'-MONOPHOSPHATE 'C9 H14 N3 O8 P'
G RNA linking GUANOSINE-5'-MONOPHOSPHATE 'C10 H14 N5 O8 P'
MG non-polymer 'MAGNESIUM ION' 'Mg 2'
U RNA linking URIDINE-5'-MONOPHOSPHATE 'C9 H13 N2 O9 P'
#
# COMPACT_ATOMS: atom_id res chain seq x y z
N GLU A 215 71.47 9.17 -41.53
CA GLU A 215 70.94 9.05 -40.18
C GLU A 215 69.61 9.76 -40.07
N GLU A 216 69.64 11.07 -39.83
CA GLU A 216 68.45 11.91 -39.75
C GLU A 216 68.49 12.94 -40.86
N ARG A 217 67.38 13.08 -41.56
CA ARG A 217 67.29 14.00 -42.70
C ARG A 217 65.92 14.65 -42.66
N PHE A 218 65.89 15.95 -42.34
CA PHE A 218 64.66 16.74 -42.30
C PHE A 218 64.93 18.05 -43.03
N GLU A 219 64.53 18.10 -44.29
CA GLU A 219 64.79 19.26 -45.15
C GLU A 219 63.49 20.02 -45.36
N ILE A 220 63.58 21.35 -45.23
CA ILE A 220 62.42 22.21 -45.47
C ILE A 220 62.26 22.37 -46.99
N THR A 221 61.05 22.13 -47.48
CA THR A 221 60.78 22.12 -48.90
C THR A 221 60.51 23.55 -49.38
N GLY A 222 60.10 23.68 -50.66
CA GLY A 222 59.87 25.00 -51.21
C GLY A 222 58.72 25.73 -50.54
N THR A 223 57.57 25.06 -50.40
CA THR A 223 56.42 25.72 -49.80
C THR A 223 56.69 26.08 -48.35
N MET A 224 57.30 25.18 -47.59
CA MET A 224 57.62 25.47 -46.20
C MET A 224 58.68 26.56 -46.09
N ARG A 225 59.66 26.59 -47.00
CA ARG A 225 60.63 27.65 -46.99
C ARG A 225 59.97 29.00 -47.26
N ARG A 226 59.04 29.05 -48.22
CA ARG A 226 58.34 30.29 -48.52
C ARG A 226 57.44 30.71 -47.36
N LEU A 227 56.89 29.75 -46.62
CA LEU A 227 56.12 30.10 -45.43
C LEU A 227 57.00 30.64 -44.33
N ALA A 228 58.17 30.02 -44.12
CA ALA A 228 59.05 30.42 -43.04
C ALA A 228 59.78 31.74 -43.33
N ASP A 229 59.94 32.09 -44.60
CA ASP A 229 60.58 33.36 -44.93
C ASP A 229 59.75 34.56 -44.48
N GLN A 230 58.49 34.36 -44.11
CA GLN A 230 57.60 35.44 -43.71
C GLN A 230 57.24 35.38 -42.24
N SER A 231 57.94 34.58 -41.44
CA SER A 231 57.69 34.45 -40.01
C SER A 231 58.89 34.91 -39.20
N LEU A 232 59.47 36.03 -39.60
CA LEU A 232 60.66 36.59 -38.97
C LEU A 232 60.39 38.03 -38.56
N PRO A 233 61.18 38.56 -37.63
CA PRO A 233 61.05 39.98 -37.28
C PRO A 233 61.24 40.86 -38.50
N PRO A 234 60.88 42.13 -38.43
CA PRO A 234 61.00 43.01 -39.60
C PRO A 234 62.45 43.31 -39.93
N ASN A 235 62.66 43.79 -41.15
CA ASN A 235 63.97 44.13 -41.68
C ASN A 235 64.90 42.92 -41.78
N PHE A 236 64.32 41.72 -41.81
CA PHE A 236 65.06 40.49 -42.08
C PHE A 236 64.51 39.85 -43.36
N SER A 237 65.41 39.29 -44.16
CA SER A 237 65.07 38.82 -45.50
C SER A 237 64.68 37.34 -45.52
N SER A 238 65.55 36.46 -45.05
CA SER A 238 65.34 35.02 -45.16
C SER A 238 65.65 34.35 -43.83
N LEU A 239 65.22 33.09 -43.71
CA LEU A 239 65.44 32.34 -42.48
C LEU A 239 66.92 32.15 -42.21
N GLU A 240 67.72 31.91 -43.26
CA GLU A 240 69.15 31.72 -43.07
C GLU A 240 69.79 32.97 -42.48
N ASN A 241 69.37 34.15 -42.95
CA ASN A 241 69.91 35.39 -42.40
C ASN A 241 69.54 35.54 -40.93
N PHE A 242 68.30 35.22 -40.57
CA PHE A 242 67.90 35.31 -39.17
C PHE A 242 68.70 34.35 -38.30
N ARG A 243 68.91 33.12 -38.76
CA ARG A 243 69.68 32.16 -38.00
C ARG A 243 71.13 32.63 -37.85
N ALA A 244 71.69 33.20 -38.92
CA ALA A 244 73.05 33.72 -38.84
C ALA A 244 73.15 34.86 -37.82
N TYR A 245 72.17 35.77 -37.83
CA TYR A 245 72.19 36.87 -36.88
C TYR A 245 72.07 36.36 -35.45
N VAL A 246 71.17 35.40 -35.20
CA VAL A 246 70.99 34.89 -33.85
C VAL A 246 72.24 34.15 -33.39
N ASP A 247 72.91 33.44 -34.30
CA ASP A 247 74.09 32.67 -33.92
C ASP A 247 75.21 33.57 -33.41
N GLY A 248 75.40 34.72 -34.06
CA GLY A 248 76.52 35.59 -33.74
C GLY A 248 76.18 36.71 -32.78
N PHE A 249 75.10 36.55 -32.02
CA PHE A 249 74.63 37.60 -31.12
C PHE A 249 75.38 37.52 -29.79
N GLU A 250 75.87 38.68 -29.34
CA GLU A 250 76.49 38.82 -28.02
C GLU A 250 75.84 39.99 -27.29
N PRO A 251 75.41 39.82 -26.04
CA PRO A 251 74.67 40.89 -25.37
C PRO A 251 75.59 42.03 -24.93
N ASN A 252 75.16 43.26 -25.22
CA ASN A 252 75.89 44.44 -24.77
C ASN A 252 74.95 45.62 -24.73
N GLY A 253 74.58 46.05 -23.53
CA GLY A 253 73.89 47.32 -23.37
C GLY A 253 72.64 47.48 -24.21
N CYS A 254 71.81 46.44 -24.26
CA CYS A 254 70.56 46.53 -25.01
C CYS A 254 69.38 46.87 -24.10
N ILE A 255 69.22 46.14 -23.00
CA ILE A 255 68.11 46.42 -22.09
C ILE A 255 68.27 47.78 -21.44
N GLU A 256 69.48 48.11 -21.00
CA GLU A 256 69.70 49.40 -20.34
C GLU A 256 69.38 50.54 -21.29
N GLY A 257 69.81 50.44 -22.54
CA GLY A 257 69.48 51.48 -23.50
C GLY A 257 67.98 51.62 -23.67
N LYS A 258 67.30 50.53 -24.01
CA LYS A 258 65.86 50.60 -24.27
C LYS A 258 65.13 51.19 -23.06
N LEU A 259 65.55 50.82 -21.85
CA LEU A 259 64.96 51.45 -20.67
C LEU A 259 65.27 52.94 -20.64
N SER A 260 66.44 53.35 -21.11
CA SER A 260 66.76 54.78 -21.16
C SER A 260 65.84 55.52 -22.12
N GLN A 261 65.61 54.98 -23.31
CA GLN A 261 64.72 55.65 -24.27
C GLN A 261 63.27 55.67 -23.82
N MET A 262 62.85 54.77 -22.95
CA MET A 262 61.45 54.75 -22.54
C MET A 262 61.07 56.03 -21.83
N SER A 263 59.79 56.36 -21.93
CA SER A 263 59.22 57.49 -21.20
C SER A 263 59.07 57.15 -19.73
N LYS A 264 58.90 58.18 -18.92
CA LYS A 264 58.76 58.03 -17.48
C LYS A 264 57.32 57.80 -17.03
N GLU A 265 56.38 57.74 -17.98
CA GLU A 265 54.99 57.44 -17.64
C GLU A 265 54.75 55.97 -17.36
N VAL A 266 55.69 55.10 -17.70
CA VAL A 266 55.57 53.67 -17.47
C VAL A 266 56.21 53.38 -16.11
N ASN A 267 55.40 53.37 -15.06
CA ASN A 267 55.90 53.11 -13.72
C ASN A 267 54.76 52.56 -12.87
N ALA A 268 55.13 51.94 -11.74
CA ALA A 268 54.19 51.33 -10.81
C ALA A 268 54.34 52.03 -9.46
N ARG A 269 53.63 53.13 -9.28
CA ARG A 269 53.58 53.80 -8.00
C ARG A 269 52.69 53.03 -7.03
N ILE A 270 53.09 53.01 -5.76
CA ILE A 270 52.38 52.27 -4.72
C ILE A 270 51.56 53.26 -3.91
N GLU A 271 50.25 53.04 -3.85
CA GLU A 271 49.36 53.89 -3.07
C GLU A 271 49.22 53.34 -1.66
N PRO A 272 49.57 54.09 -0.62
CA PRO A 272 49.48 53.53 0.74
C PRO A 272 48.05 53.16 1.12
N PHE A 273 47.93 52.13 1.95
CA PHE A 273 46.66 51.68 2.48
C PHE A 273 46.61 51.99 3.97
N LEU A 274 45.59 52.74 4.39
CA LEU A 274 45.44 53.18 5.76
C LEU A 274 44.02 52.91 6.22
N ARG A 275 43.76 53.13 7.51
CA ARG A 275 42.45 52.83 8.07
C ARG A 275 41.34 53.67 7.47
N THR A 276 41.67 54.84 6.91
CA THR A 276 40.68 55.73 6.32
C THR A 276 40.53 55.54 4.83
N THR A 277 41.29 54.64 4.21
CA THR A 277 41.28 54.48 2.77
C THR A 277 40.06 53.71 2.27
N PRO A 278 39.81 52.49 2.76
CA PRO A 278 38.72 51.69 2.20
C PRO A 278 37.35 52.31 2.46
N ARG A 279 36.43 52.05 1.56
CA ARG A 279 35.06 52.53 1.65
C ARG A 279 34.10 51.37 1.42
N PRO A 280 32.87 51.47 1.91
CA PRO A 280 31.90 50.37 1.71
C PRO A 280 31.51 50.25 0.25
N LEU A 281 31.13 49.02 -0.12
CA LEU A 281 30.70 48.75 -1.48
C LEU A 281 29.39 49.46 -1.79
N ARG A 282 29.07 49.54 -3.08
CA ARG A 282 27.86 50.17 -3.55
C ARG A 282 26.90 49.11 -4.08
N LEU A 283 25.64 49.15 -3.60
CA LEU A 283 24.64 48.18 -4.02
C LEU A 283 23.66 48.82 -5.00
N PRO A 284 23.06 48.03 -5.90
CA PRO A 284 22.19 48.62 -6.93
C PRO A 284 20.88 49.15 -6.38
N ASP A 285 20.01 49.63 -7.26
CA ASP A 285 18.72 50.17 -6.89
C ASP A 285 17.64 49.64 -7.84
N GLY A 286 16.41 49.65 -7.35
CA GLY A 286 15.28 49.17 -8.12
C GLY A 286 14.25 48.51 -7.23
N PRO A 287 13.30 47.78 -7.83
CA PRO A 287 12.33 47.05 -7.03
C PRO A 287 13.01 45.95 -6.24
N PRO A 288 12.48 45.59 -5.07
CA PRO A 288 13.14 44.58 -4.24
C PRO A 288 13.19 43.22 -4.91
N CYS A 289 14.19 42.43 -4.50
CA CYS A 289 14.36 41.10 -5.05
C CYS A 289 13.27 40.17 -4.53
N SER A 290 13.06 39.07 -5.27
CA SER A 290 12.00 38.11 -4.97
C SER A 290 12.56 36.71 -4.88
N GLN A 291 11.84 35.84 -4.17
CA GLN A 291 12.29 34.48 -3.96
C GLN A 291 12.38 33.74 -5.29
N ARG A 292 13.46 33.02 -5.50
CA ARG A 292 13.70 32.32 -6.77
C ARG A 292 14.28 30.93 -6.54
N SER A 293 13.72 30.19 -5.59
CA SER A 293 14.14 28.81 -5.35
C SER A 293 13.11 27.85 -5.93
N LYS A 294 13.50 26.58 -6.04
CA LYS A 294 12.61 25.58 -6.62
C LYS A 294 11.53 25.12 -5.64
N PHE A 295 11.74 25.32 -4.34
CA PHE A 295 10.75 24.95 -3.35
C PHE A 295 10.83 25.93 -2.18
N LEU A 296 9.75 26.01 -1.41
CA LEU A 296 9.70 26.88 -0.25
C LEU A 296 10.63 26.33 0.84
N LEU A 297 11.22 27.25 1.60
CA LEU A 297 12.17 26.90 2.64
C LEU A 297 11.65 27.20 4.05
N MET A 298 11.33 28.46 4.33
CA MET A 298 10.86 28.84 5.65
C MET A 298 9.35 28.72 5.81
N ASP A 299 8.61 28.78 4.71
CA ASP A 299 7.16 28.75 4.74
C ASP A 299 6.58 27.36 4.51
N ALA A 300 7.43 26.34 4.40
CA ALA A 300 6.94 25.00 4.09
C ALA A 300 6.09 24.45 5.23
N LEU A 301 5.10 23.64 4.87
CA LEU A 301 4.33 22.84 5.81
C LEU A 301 4.14 21.45 5.22
N ALA A 302 4.10 20.46 6.10
CA ALA A 302 4.07 19.06 5.70
C ALA A 302 2.94 18.33 6.39
N LEU A 303 2.31 17.41 5.65
CA LEU A 303 1.34 16.48 6.22
C LEU A 303 2.07 15.17 6.49
N SER A 304 2.04 14.71 7.74
CA SER A 304 2.91 13.63 8.18
C SER A 304 2.11 12.40 8.61
N ILE A 305 2.64 11.23 8.28
CA ILE A 305 2.11 9.95 8.72
C ILE A 305 3.27 9.07 9.17
N GLU A 306 2.94 7.84 9.55
CA GLU A 306 3.91 6.88 10.07
C GLU A 306 3.86 5.59 9.25
N ASP A 307 5.03 5.06 8.92
CA ASP A 307 5.13 3.80 8.18
C ASP A 307 6.09 2.86 8.91
N PRO A 308 5.59 2.06 9.86
CA PRO A 308 6.48 1.16 10.61
C PRO A 308 7.09 0.05 9.78
N SER A 309 6.51 -0.28 8.63
CA SER A 309 7.07 -1.29 7.72
C SER A 309 8.14 -0.59 6.88
N HIS A 310 9.40 -0.80 7.24
CA HIS A 310 10.50 -0.09 6.62
C HIS A 310 10.74 -0.62 5.21
N GLU A 311 10.15 0.03 4.21
CA GLU A 311 10.34 -0.33 2.81
C GLU A 311 11.54 0.43 2.27
N GLY A 312 12.47 -0.29 1.64
CA GLY A 312 13.66 0.36 1.12
C GLY A 312 13.33 1.42 0.08
N GLU A 313 12.46 1.09 -0.87
CA GLU A 313 12.04 2.04 -1.89
C GLU A 313 10.66 1.61 -2.38
N GLY A 314 9.62 2.28 -1.87
CA GLY A 314 8.25 2.00 -2.23
C GLY A 314 7.72 3.01 -3.24
N ILE A 315 6.47 2.79 -3.64
CA ILE A 315 5.84 3.70 -4.60
C ILE A 315 5.43 4.97 -3.85
N PRO A 316 5.81 6.17 -4.31
CA PRO A 316 5.50 7.38 -3.55
C PRO A 316 4.07 7.85 -3.71
N LEU A 317 3.39 7.42 -4.77
CA LEU A 317 2.02 7.86 -4.99
C LEU A 317 1.11 7.39 -3.86
N TYR A 318 1.29 6.15 -3.41
CA TYR A 318 0.47 5.64 -2.32
C TYR A 318 0.78 6.36 -1.02
N ASP A 319 2.05 6.68 -0.80
CA ASP A 319 2.40 7.50 0.36
C ASP A 319 1.71 8.85 0.30
N ALA A 320 1.67 9.45 -0.89
CA ALA A 320 1.01 10.74 -1.05
C ALA A 320 -0.48 10.64 -0.73
N ILE A 321 -1.13 9.59 -1.24
CA ILE A 321 -2.56 9.43 -1.00
C ILE A 321 -2.83 9.20 0.48
N LYS A 322 -2.01 8.35 1.13
CA LYS A 322 -2.22 8.08 2.55
C LYS A 322 -1.98 9.32 3.39
N CYS A 323 -0.98 10.13 3.05
CA CYS A 323 -0.78 11.40 3.72
C CYS A 323 -1.96 12.35 3.51
N MET A 324 -2.51 12.37 2.29
CA MET A 324 -3.64 13.24 2.00
C MET A 324 -4.86 12.85 2.82
N LYS A 325 -5.10 11.55 2.99
CA LYS A 325 -6.31 11.07 3.67
C LYS A 325 -6.33 11.40 5.16
N THR A 326 -5.28 12.01 5.71
CA THR A 326 -5.26 12.37 7.12
C THR A 326 -5.76 13.78 7.39
N PHE A 327 -6.19 14.52 6.36
CA PHE A 327 -6.68 15.87 6.52
C PHE A 327 -8.19 15.90 6.27
N PHE A 328 -8.93 16.56 7.16
CA PHE A 328 -10.38 16.63 7.09
C PHE A 328 -10.84 18.07 7.19
N GLY A 329 -10.15 18.98 6.52
CA GLY A 329 -10.46 20.40 6.62
C GLY A 329 -10.43 21.13 5.29
N TRP A 330 -10.41 20.39 4.18
CA TRP A 330 -10.43 21.03 2.87
C TRP A 330 -11.63 21.95 2.74
N LYS A 331 -11.56 22.84 1.76
CA LYS A 331 -12.68 23.73 1.44
C LYS A 331 -12.53 24.18 0.00
N GLU A 332 -13.36 25.13 -0.41
CA GLU A 332 -13.33 25.62 -1.78
C GLU A 332 -12.17 26.61 -1.95
N PRO A 333 -11.23 26.34 -2.84
CA PRO A 333 -10.10 27.28 -3.01
C PRO A 333 -10.53 28.55 -3.72
N ASN A 334 -9.78 29.62 -3.45
CA ASN A 334 -9.97 30.89 -4.14
C ASN A 334 -8.61 31.59 -4.21
N ILE A 335 -8.53 32.59 -5.09
CA ILE A 335 -7.27 33.28 -5.32
C ILE A 335 -7.26 34.57 -4.49
N ILE A 336 -6.19 34.74 -3.71
CA ILE A 336 -6.05 35.90 -2.83
C ILE A 336 -4.87 36.78 -3.25
N LYS A 337 -3.75 36.17 -3.63
CA LYS A 337 -2.61 36.89 -4.16
C LYS A 337 -2.38 36.42 -5.59
N PRO A 338 -2.76 37.18 -6.61
CA PRO A 338 -2.70 36.70 -7.98
C PRO A 338 -1.33 36.92 -8.63
N HIS A 339 -1.16 36.30 -9.79
CA HIS A 339 0.04 36.46 -10.60
C HIS A 339 -0.24 37.49 -11.68
N GLU A 340 0.53 38.59 -11.66
CA GLU A 340 0.19 39.73 -12.50
C GLU A 340 0.30 39.41 -13.99
N LYS A 341 1.34 38.65 -14.37
CA LYS A 341 1.66 38.45 -15.77
C LYS A 341 1.15 37.11 -16.32
N GLY A 342 0.27 36.41 -15.59
CA GLY A 342 -0.23 35.14 -16.02
C GLY A 342 -1.74 35.05 -15.88
N ILE A 343 -2.32 34.03 -16.50
CA ILE A 343 -3.75 33.78 -16.46
C ILE A 343 -4.04 33.01 -15.18
N ASN A 344 -4.60 33.68 -14.19
CA ASN A 344 -4.76 33.07 -12.87
C ASN A 344 -5.69 31.86 -12.88
N PRO A 345 -6.87 31.89 -13.50
CA PRO A 345 -7.81 30.77 -13.34
C PRO A 345 -7.24 29.42 -13.73
N ASN A 346 -6.22 29.39 -14.59
CA ASN A 346 -5.65 28.13 -15.02
C ASN A 346 -5.00 27.39 -13.85
N TYR A 347 -4.39 28.13 -12.92
CA TYR A 347 -3.79 27.51 -11.75
C TYR A 347 -4.84 26.83 -10.89
N LEU A 348 -5.96 27.52 -10.67
CA LEU A 348 -7.05 26.96 -9.88
C LEU A 348 -7.61 25.71 -10.55
N LEU A 349 -7.78 25.77 -11.87
CA LEU A 349 -8.26 24.61 -12.60
C LEU A 349 -7.28 23.44 -12.48
N THR A 350 -5.97 23.74 -12.50
CA THR A 350 -4.97 22.69 -12.35
C THR A 350 -5.07 22.01 -10.99
N TRP A 351 -5.24 22.82 -9.94
CA TRP A 351 -5.38 22.23 -8.59
C TRP A 351 -6.62 21.34 -8.52
N LYS A 352 -7.74 21.83 -9.02
CA LYS A 352 -8.96 21.02 -8.99
C LYS A 352 -8.79 19.76 -9.82
N GLN A 353 -8.07 19.85 -10.95
CA GLN A 353 -7.83 18.68 -11.78
C GLN A 353 -7.00 17.63 -11.04
N VAL A 354 -5.97 18.07 -10.32
CA VAL A 354 -5.16 17.11 -9.58
C VAL A 354 -5.99 16.42 -8.52
N LEU A 355 -6.84 17.18 -7.82
CA LEU A 355 -7.72 16.55 -6.83
C LEU A 355 -8.64 15.52 -7.50
N ALA A 356 -9.21 15.89 -8.64
CA ALA A 356 -10.12 14.98 -9.34
C ALA A 356 -9.40 13.70 -9.77
N GLU A 357 -8.17 13.82 -10.27
CA GLU A 357 -7.42 12.63 -10.65
C GLU A 357 -7.13 11.75 -9.45
N LEU A 358 -6.76 12.36 -8.32
CA LEU A 358 -6.52 11.56 -7.12
C LEU A 358 -7.76 10.78 -6.73
N GLN A 359 -8.93 11.41 -6.83
CA GLN A 359 -10.16 10.67 -6.50
C GLN A 359 -10.51 9.64 -7.57
N ASP A 360 -10.14 9.88 -8.83
CA ASP A 360 -10.38 8.88 -9.87
C ASP A 360 -9.52 7.64 -9.64
N ILE A 361 -8.38 7.80 -8.97
CA ILE A 361 -7.54 6.63 -8.69
C ILE A 361 -8.34 5.51 -8.03
N GLU A 362 -9.37 5.85 -7.26
CA GLU A 362 -10.13 4.83 -6.55
C GLU A 362 -10.94 3.95 -7.50
N ASN A 363 -11.48 4.54 -8.57
CA ASN A 363 -12.37 3.82 -9.48
C ASN A 363 -11.57 3.21 -10.62
N GLU A 364 -10.87 2.12 -10.30
CA GLU A 364 -10.02 1.47 -11.28
C GLU A 364 -9.91 -0.01 -10.94
N GLU A 365 -9.85 -0.84 -11.98
CA GLU A 365 -9.71 -2.28 -11.77
C GLU A 365 -8.42 -2.60 -11.03
N LYS A 366 -7.33 -1.96 -11.44
CA LYS A 366 -6.02 -2.16 -10.82
C LYS A 366 -5.43 -0.79 -10.46
N ILE A 367 -4.76 -0.73 -9.32
CA ILE A 367 -4.18 0.52 -8.85
C ILE A 367 -2.86 0.75 -9.59
N PRO A 368 -2.65 1.91 -10.22
CA PRO A 368 -1.39 2.14 -10.94
C PRO A 368 -0.32 2.71 -10.02
N ARG A 369 0.91 2.69 -10.53
CA ARG A 369 2.05 3.23 -9.80
C ARG A 369 2.29 4.70 -10.09
N THR A 370 2.08 5.13 -11.33
CA THR A 370 2.28 6.51 -11.73
C THR A 370 1.03 7.02 -12.43
N LYS A 371 0.74 8.31 -12.23
CA LYS A 371 -0.46 8.95 -12.76
C LYS A 371 -0.04 9.97 -13.82
N ASN A 372 -0.41 9.71 -15.07
CA ASN A 372 -0.15 10.63 -16.17
C ASN A 372 -1.36 11.53 -16.35
N MET A 373 -1.17 12.83 -16.12
CA MET A 373 -2.28 13.76 -16.22
C MET A 373 -2.74 13.93 -17.67
N LYS A 374 -4.04 14.11 -17.83
CA LYS A 374 -4.59 14.35 -19.16
C LYS A 374 -4.11 15.69 -19.70
N LYS A 375 -3.81 15.73 -20.99
CA LYS A 375 -3.33 16.95 -21.61
C LYS A 375 -4.47 17.93 -21.80
N THR A 376 -4.77 18.71 -20.77
CA THR A 376 -5.87 19.66 -20.81
C THR A 376 -5.39 21.03 -21.26
N SER A 377 -6.34 21.94 -21.46
CA SER A 377 -5.99 23.28 -21.91
C SER A 377 -5.16 24.01 -20.87
N GLN A 378 -5.56 23.96 -19.60
CA GLN A 378 -4.82 24.66 -18.57
C GLN A 378 -3.41 24.11 -18.40
N LEU A 379 -3.24 22.79 -18.56
CA LEU A 379 -1.91 22.21 -18.51
C LEU A 379 -1.13 22.50 -19.78
N LYS A 380 -1.81 22.65 -20.91
CA LYS A 380 -1.12 23.07 -22.13
C LYS A 380 -0.54 24.47 -21.95
N TRP A 381 -1.31 25.39 -21.36
CA TRP A 381 -0.81 26.75 -21.16
C TRP A 381 0.24 26.80 -20.06
N ALA A 382 -0.02 26.16 -18.92
CA ALA A 382 0.86 26.31 -17.76
C ALA A 382 2.24 25.73 -18.04
N LEU A 383 2.32 24.65 -18.80
CA LEU A 383 3.60 24.03 -19.14
C LEU A 383 4.15 24.55 -20.47
N GLY A 384 3.63 25.68 -20.95
CA GLY A 384 4.21 26.34 -22.10
C GLY A 384 4.24 25.50 -23.35
N GLU A 385 3.14 24.84 -23.68
CA GLU A 385 3.07 24.01 -24.86
C GLU A 385 2.84 24.86 -26.10
N ASN A 386 3.52 24.51 -27.19
CA ASN A 386 3.38 25.22 -28.47
C ASN A 386 3.69 26.70 -28.32
N MET A 387 4.88 27.00 -27.79
CA MET A 387 5.38 28.36 -27.70
C MET A 387 6.66 28.59 -28.50
N ALA A 388 7.35 27.53 -28.90
CA ALA A 388 8.54 27.69 -29.72
C ALA A 388 8.16 28.08 -31.14
N PRO A 389 8.83 29.07 -31.73
CA PRO A 389 8.56 29.40 -33.13
C PRO A 389 8.84 28.23 -34.05
N GLU A 390 8.45 28.40 -35.31
CA GLU A 390 8.70 27.37 -36.32
C GLU A 390 10.07 27.57 -36.93
N LYS A 391 10.76 26.46 -37.22
CA LYS A 391 12.12 26.49 -37.73
C LYS A 391 12.09 26.41 -39.26
N VAL A 392 12.69 27.40 -39.92
CA VAL A 392 12.76 27.45 -41.37
C VAL A 392 14.18 27.85 -41.77
N ASP A 393 14.44 27.85 -43.06
CA ASP A 393 15.74 28.24 -43.58
C ASP A 393 15.78 29.74 -43.87
N PHE A 394 16.99 30.26 -44.05
CA PHE A 394 17.16 31.71 -44.22
C PHE A 394 16.73 32.20 -45.60
N GLU A 395 16.72 31.33 -46.60
CA GLU A 395 16.37 31.77 -47.96
C GLU A 395 14.92 32.24 -48.03
N ASP A 396 14.00 31.51 -47.39
CA ASP A 396 12.58 31.78 -47.57
C ASP A 396 12.17 33.10 -46.91
N CYS A 397 12.58 33.32 -45.67
CA CYS A 397 12.08 34.43 -44.85
C CYS A 397 13.10 35.55 -44.73
N LYS A 398 13.86 35.82 -45.79
CA LYS A 398 14.82 36.92 -45.72
C LYS A 398 14.14 38.27 -45.77
N ASP A 399 13.02 38.39 -46.50
CA ASP A 399 12.33 39.66 -46.68
C ASP A 399 11.19 39.76 -45.66
N VAL A 400 11.56 40.06 -44.42
CA VAL A 400 10.61 40.28 -43.35
C VAL A 400 11.01 41.55 -42.62
N ASN A 401 10.02 42.34 -42.20
CA ASN A 401 10.31 43.62 -41.57
C ASN A 401 10.95 43.44 -40.19
N ASP A 402 10.62 42.37 -39.48
CA ASP A 402 11.04 42.22 -38.09
C ASP A 402 11.96 41.02 -37.90
N LEU A 403 12.93 40.84 -38.78
CA LEU A 403 13.92 39.78 -38.66
C LEU A 403 15.20 40.36 -38.08
N LYS A 404 15.60 39.86 -36.91
CA LYS A 404 16.84 40.26 -36.26
C LYS A 404 17.38 39.04 -35.53
N GLN A 405 18.38 39.25 -34.68
CA GLN A 405 18.87 38.21 -33.78
C GLN A 405 18.31 38.44 -32.39
N TYR A 406 18.44 37.42 -31.55
CA TYR A 406 17.81 37.44 -30.24
C TYR A 406 18.27 38.65 -29.42
N ASP A 407 17.57 38.87 -28.30
CA ASP A 407 17.83 40.02 -27.44
C ASP A 407 18.94 39.66 -26.46
N SER A 408 20.14 40.18 -26.72
CA SER A 408 21.30 39.96 -25.85
C SER A 408 21.50 41.20 -24.99
N ASP A 409 20.73 41.29 -23.92
CA ASP A 409 20.77 42.41 -22.99
C ASP A 409 21.30 41.93 -21.64
N GLU A 410 21.38 42.86 -20.68
CA GLU A 410 21.88 42.58 -19.34
C GLU A 410 20.73 42.44 -18.36
N PRO A 411 20.94 41.73 -17.25
CA PRO A 411 19.87 41.58 -16.25
C PRO A 411 19.45 42.92 -15.67
N GLU A 412 18.18 43.00 -15.29
CA GLU A 412 17.62 44.22 -14.72
C GLU A 412 17.93 44.29 -13.23
N PRO A 413 18.48 45.42 -12.76
CA PRO A 413 18.94 45.47 -11.35
C PRO A 413 17.78 45.45 -10.36
N ARG A 414 18.07 44.92 -9.17
CA ARG A 414 17.12 44.88 -8.07
C ARG A 414 17.86 45.19 -6.77
N SER A 415 17.14 45.74 -5.80
CA SER A 415 17.71 46.11 -4.51
C SER A 415 17.42 45.06 -3.45
N LEU A 416 18.20 45.09 -2.38
CA LEU A 416 18.12 44.08 -1.33
C LEU A 416 16.84 44.24 -0.51
N ALA A 417 16.32 43.11 -0.04
CA ALA A 417 15.15 43.07 0.82
C ALA A 417 15.47 42.31 2.09
N CYS A 418 14.58 42.42 3.07
CA CYS A 418 14.86 41.92 4.42
C CYS A 418 14.50 40.45 4.62
N TRP A 419 13.87 39.80 3.64
CA TRP A 419 13.40 38.44 3.87
C TRP A 419 14.53 37.41 3.82
N ILE A 420 15.59 37.68 3.05
CA ILE A 420 16.67 36.70 2.94
C ILE A 420 17.43 36.58 4.26
N GLN A 421 17.58 37.68 4.99
CA GLN A 421 18.24 37.61 6.29
C GLN A 421 17.46 36.71 7.24
N SER A 422 16.13 36.85 7.26
CA SER A 422 15.30 35.98 8.10
C SER A 422 15.40 34.54 7.64
N GLU A 423 15.43 34.31 6.32
CA GLU A 423 15.60 32.95 5.82
C GLU A 423 16.89 32.33 6.35
N PHE A 424 17.99 33.07 6.28
CA PHE A 424 19.25 32.55 6.78
C PHE A 424 19.20 32.33 8.28
N ASN A 425 18.59 33.24 9.04
CA ASN A 425 18.50 33.06 10.48
C ASN A 425 17.75 31.78 10.82
N LYS A 426 16.62 31.54 10.15
CA LYS A 426 15.85 30.33 10.43
C LYS A 426 16.54 29.07 9.89
N ALA A 427 17.45 29.21 8.92
CA ALA A 427 18.20 28.06 8.44
C ALA A 427 19.25 27.61 9.45
N CYS A 428 19.61 28.45 10.41
CA CYS A 428 20.65 28.16 11.38
C CYS A 428 20.09 27.76 12.74
N GLU A 429 18.87 27.23 12.77
CA GLU A 429 18.20 26.88 14.01
C GLU A 429 18.12 25.37 14.16
N LEU A 430 17.60 24.93 15.30
CA LEU A 430 17.47 23.52 15.63
C LEU A 430 16.02 23.07 15.46
N THR A 431 15.86 21.78 15.22
CA THR A 431 14.55 21.15 15.07
C THR A 431 14.38 20.13 16.19
N ASP A 432 13.29 19.35 16.10
CA ASP A 432 13.02 18.27 17.04
C ASP A 432 13.02 16.91 16.34
N SER A 433 13.74 16.78 15.23
CA SER A 433 13.82 15.52 14.51
C SER A 433 15.24 15.35 13.98
N SER A 434 15.52 14.15 13.48
CA SER A 434 16.81 13.83 12.87
C SER A 434 16.59 13.62 11.38
N TRP A 435 17.35 14.35 10.57
CA TRP A 435 17.18 14.34 9.13
C TRP A 435 18.28 13.59 8.39
N VAL A 436 19.33 13.15 9.08
CA VAL A 436 20.44 12.43 8.46
C VAL A 436 20.77 11.21 9.29
N GLU A 437 20.97 10.08 8.61
CA GLU A 437 21.45 8.86 9.24
C GLU A 437 22.62 8.35 8.41
N LEU A 438 23.76 8.14 9.06
CA LEU A 438 24.99 7.74 8.39
C LEU A 438 25.38 6.35 8.84
N ASP A 439 26.19 5.69 8.02
CA ASP A 439 26.59 4.30 8.25
C ASP A 439 27.71 4.27 9.28
N GLU A 440 28.35 3.12 9.41
CA GLU A 440 29.39 2.88 10.40
C GLU A 440 30.75 2.72 9.72
N ILE A 441 31.80 2.81 10.52
CA ILE A 441 33.17 2.58 10.08
C ILE A 441 33.82 1.61 11.06
N GLY A 442 35.03 1.21 10.73
CA GLY A 442 35.74 0.25 11.54
C GLY A 442 36.15 0.82 12.89
N GLU A 443 36.61 -0.08 13.76
CA GLU A 443 37.09 0.31 15.07
C GLU A 443 38.37 1.12 14.94
N ASP A 444 38.51 2.13 15.79
CA ASP A 444 39.63 3.06 15.72
C ASP A 444 40.77 2.55 16.59
N VAL A 445 41.91 2.24 15.96
CA VAL A 445 43.07 1.76 16.68
C VAL A 445 44.18 2.79 16.78
N ALA A 446 44.45 3.55 15.71
CA ALA A 446 45.50 4.55 15.77
C ALA A 446 45.01 5.79 16.52
N PRO A 447 45.88 6.48 17.27
CA PRO A 447 45.41 7.70 17.95
C PRO A 447 44.90 8.77 16.99
N ILE A 448 45.51 8.88 15.81
CA ILE A 448 45.01 9.84 14.82
C ILE A 448 43.57 9.52 14.47
N GLU A 449 43.24 8.23 14.37
CA GLU A 449 41.85 7.86 14.12
C GLU A 449 40.96 8.18 15.31
N HIS A 450 41.48 8.08 16.53
CA HIS A 450 40.69 8.47 17.70
C HIS A 450 40.33 9.95 17.62
N ILE A 451 41.32 10.80 17.31
CA ILE A 451 41.06 12.24 17.21
C ILE A 451 40.09 12.53 16.07
N ALA A 452 40.28 11.87 14.92
CA ALA A 452 39.40 12.10 13.79
C ALA A 452 37.96 11.72 14.14
N SER A 453 37.77 10.58 14.80
CA SER A 453 36.43 10.17 15.20
C SER A 453 35.83 11.14 16.20
N MET A 454 36.64 11.64 17.14
CA MET A 454 36.13 12.62 18.09
C MET A 454 35.61 13.87 17.37
N ARG A 455 36.44 14.41 16.47
CA ARG A 455 36.01 15.58 15.70
C ARG A 455 34.71 15.30 14.94
N ARG A 456 34.69 14.19 14.19
CA ARG A 456 33.53 13.90 13.35
C ARG A 456 32.28 13.70 14.18
N ASN A 457 32.39 12.97 15.29
CA ASN A 457 31.23 12.72 16.13
C ASN A 457 30.71 13.99 16.75
N TYR A 458 31.60 14.87 17.23
CA TYR A 458 31.15 16.12 17.81
C TYR A 458 30.42 16.97 16.77
N PHE A 459 31.00 17.08 15.57
CA PHE A 459 30.34 17.88 14.53
C PHE A 459 28.98 17.29 14.18
N THR A 460 28.91 15.97 14.00
CA THR A 460 27.65 15.34 13.61
C THR A 460 26.59 15.52 14.69
N ALA A 461 27.00 15.41 15.96
CA ALA A 461 26.04 15.65 17.03
C ALA A 461 25.53 17.08 17.02
N GLU A 462 26.42 18.04 16.77
CA GLU A 462 26.01 19.44 16.82
C GLU A 462 25.18 19.85 15.61
N VAL A 463 25.30 19.14 14.48
CA VAL A 463 24.71 19.61 13.23
C VAL A 463 23.59 18.72 12.71
N SER A 464 23.29 17.60 13.35
CA SER A 464 22.34 16.65 12.80
C SER A 464 20.88 17.08 12.94
N HIS A 465 20.58 17.99 13.87
CA HIS A 465 19.23 18.45 14.11
C HIS A 465 18.93 19.78 13.43
N CYS A 466 19.84 20.27 12.59
CA CYS A 466 19.67 21.57 11.96
C CYS A 466 18.67 21.48 10.81
N ARG A 467 18.12 22.64 10.44
CA ARG A 467 17.15 22.70 9.35
C ARG A 467 17.83 22.51 7.99
N ALA A 468 19.08 22.98 7.87
CA ALA A 468 19.78 22.85 6.59
C ALA A 468 19.82 21.41 6.11
N THR A 469 19.89 20.44 7.03
CA THR A 469 19.83 19.05 6.62
C THR A 469 18.48 18.71 6.02
N GLU A 470 17.40 19.26 6.58
CA GLU A 470 16.09 19.07 5.99
C GLU A 470 16.05 19.61 4.56
N TYR A 471 16.62 20.81 4.36
CA TYR A 471 16.67 21.36 3.01
C TYR A 471 17.45 20.45 2.07
N ILE A 472 18.59 19.93 2.54
CA ILE A 472 19.41 19.07 1.71
C ILE A 472 18.60 17.86 1.25
N MET A 473 17.96 17.17 2.18
CA MET A 473 17.24 15.94 1.83
C MET A 473 16.06 16.24 0.91
N LYS A 474 15.31 17.31 1.22
CA LYS A 474 14.18 17.70 0.40
C LYS A 474 14.61 17.94 -1.05
N GLY A 475 15.66 18.76 -1.23
CA GLY A 475 16.14 19.04 -2.57
C GLY A 475 16.63 17.80 -3.28
N VAL A 476 17.36 16.93 -2.56
CA VAL A 476 17.89 15.72 -3.18
C VAL A 476 16.75 14.87 -3.71
N TYR A 477 15.72 14.64 -2.88
N TYR A 477 15.73 14.64 -2.88
CA TYR A 477 14.61 13.80 -3.31
CA TYR A 477 14.61 13.80 -3.31
C TYR A 477 13.90 14.40 -4.52
C TYR A 477 13.90 14.41 -4.51
N ILE A 478 13.63 15.71 -4.47
CA ILE A 478 12.86 16.35 -5.54
C ILE A 478 13.63 16.26 -6.85
N ASN A 479 14.93 16.56 -6.81
CA ASN A 479 15.71 16.53 -8.05
C ASN A 479 15.85 15.12 -8.58
N THR A 480 16.03 14.13 -7.70
CA THR A 480 16.13 12.75 -8.17
C THR A 480 14.84 12.32 -8.86
N ALA A 481 13.70 12.62 -8.23
CA ALA A 481 12.43 12.25 -8.85
C ALA A 481 12.25 12.93 -10.19
N LEU A 482 12.56 14.23 -10.26
CA LEU A 482 12.39 14.97 -11.51
C LEU A 482 13.25 14.39 -12.61
N LEU A 483 14.52 14.09 -12.31
CA LEU A 483 15.42 13.57 -13.34
C LEU A 483 14.93 12.23 -13.84
N ASN A 484 14.57 11.32 -12.93
CA ASN A 484 14.12 10.01 -13.36
C ASN A 484 12.85 10.12 -14.20
N ALA A 485 11.90 10.94 -13.77
CA ALA A 485 10.66 11.08 -14.54
C ALA A 485 10.93 11.67 -15.91
N SER A 486 11.78 12.69 -15.98
CA SER A 486 12.08 13.32 -17.28
C SER A 486 12.74 12.33 -18.22
N CYS A 487 13.66 11.52 -17.71
CA CYS A 487 14.38 10.60 -18.58
C CYS A 487 13.55 9.38 -18.96
N ALA A 488 12.60 8.98 -18.14
CA ALA A 488 11.81 7.78 -18.44
C ALA A 488 10.64 8.08 -19.37
N ALA A 489 9.71 8.92 -18.92
CA ALA A 489 8.49 9.22 -19.68
C ALA A 489 8.69 10.55 -20.39
N MET A 490 9.12 10.49 -21.64
CA MET A 490 9.52 11.68 -22.37
C MET A 490 8.34 12.52 -22.85
N ASP A 491 7.24 11.88 -23.24
CA ASP A 491 6.13 12.57 -23.92
C ASP A 491 4.84 12.51 -23.12
N ASP A 492 4.92 12.52 -21.80
CA ASP A 492 3.75 12.45 -20.93
C ASP A 492 3.83 13.54 -19.87
N PHE A 493 2.66 13.96 -19.39
CA PHE A 493 2.56 14.97 -18.34
C PHE A 493 2.50 14.23 -17.00
N GLN A 494 3.67 13.98 -16.42
CA GLN A 494 3.73 13.17 -15.22
C GLN A 494 3.37 13.99 -13.99
N LEU A 495 2.94 13.29 -12.94
CA LEU A 495 2.69 13.87 -11.63
C LEU A 495 3.67 13.28 -10.62
N ILE A 496 4.36 14.16 -9.88
CA ILE A 496 5.39 13.75 -8.94
C ILE A 496 5.15 14.46 -7.61
N PRO A 497 4.90 13.74 -6.52
CA PRO A 497 4.74 14.42 -5.22
C PRO A 497 6.08 14.74 -4.56
N MET A 498 6.04 15.51 -3.47
CA MET A 498 7.23 15.85 -2.70
C MET A 498 7.14 15.19 -1.34
N ILE A 499 8.05 14.25 -1.06
CA ILE A 499 8.00 13.43 0.14
C ILE A 499 9.37 13.45 0.80
N SER A 500 9.38 13.34 2.13
CA SER A 500 10.63 13.26 2.89
C SER A 500 10.42 12.34 4.09
N LYS A 501 11.53 11.84 4.62
CA LYS A 501 11.53 10.90 5.73
C LYS A 501 12.32 11.47 6.89
N ARG A 502 11.81 11.30 8.10
CA ARG A 502 12.48 11.80 9.30
C ARG A 502 12.31 10.79 10.43
N ARG A 503 13.11 10.97 11.48
CA ARG A 503 12.99 10.19 12.71
C ARG A 503 12.75 11.16 13.87
N THR A 504 11.67 10.93 14.61
CA THR A 504 11.28 11.84 15.67
C THR A 504 12.30 11.80 16.81
N LYS A 505 12.04 12.60 17.84
CA LYS A 505 12.92 12.62 19.00
C LYS A 505 12.89 11.30 19.75
N GLU A 506 11.79 10.56 19.66
CA GLU A 506 11.67 9.26 20.31
C GLU A 506 12.25 8.13 19.48
N GLY A 507 12.80 8.42 18.30
CA GLY A 507 13.29 7.38 17.43
C GLY A 507 12.25 6.71 16.58
N ARG A 508 11.11 7.36 16.35
CA ARG A 508 9.99 6.79 15.61
C ARG A 508 9.92 7.46 14.25
N ARG A 509 9.85 6.64 13.20
CA ARG A 509 9.92 7.16 11.84
C ARG A 509 8.66 7.94 11.48
N LYS A 510 8.79 8.81 10.48
CA LYS A 510 7.68 9.60 9.98
C LYS A 510 7.96 9.99 8.54
N THR A 511 6.88 10.15 7.78
CA THR A 511 6.93 10.54 6.38
C THR A 511 6.10 11.81 6.18
N ASN A 512 6.72 12.80 5.55
CA ASN A 512 6.10 14.11 5.33
C ASN A 512 5.84 14.33 3.85
N LEU A 513 4.71 14.96 3.55
CA LEU A 513 4.36 15.39 2.20
C LEU A 513 4.27 16.90 2.18
N TYR A 514 4.89 17.52 1.17
CA TYR A 514 4.95 18.98 1.04
C TYR A 514 4.07 19.53 -0.06
N GLY A 515 3.91 18.81 -1.16
CA GLY A 515 3.12 19.33 -2.27
C GLY A 515 3.23 18.42 -3.48
N PHE A 516 2.99 18.98 -4.66
CA PHE A 516 2.99 18.24 -5.91
C PHE A 516 3.69 19.04 -6.99
N ILE A 517 4.15 18.34 -8.03
CA ILE A 517 4.58 19.00 -9.26
C ILE A 517 4.07 18.18 -10.44
N ILE A 518 3.86 18.86 -11.55
CA ILE A 518 3.46 18.26 -12.82
C ILE A 518 4.52 18.61 -13.85
N LYS A 519 5.03 17.60 -14.54
CA LYS A 519 6.15 17.74 -15.46
C LYS A 519 5.67 17.52 -16.88
N GLY A 520 6.05 18.43 -17.78
CA GLY A 520 5.63 18.40 -19.16
C GLY A 520 6.59 17.65 -20.04
N ARG A 521 6.48 17.91 -21.35
CA ARG A 521 7.33 17.23 -22.32
C ARG A 521 8.80 17.50 -22.00
N SER A 522 9.62 16.47 -22.12
CA SER A 522 11.02 16.51 -21.69
C SER A 522 11.94 16.01 -22.80
N HIS A 523 11.76 16.53 -24.01
CA HIS A 523 12.60 16.18 -25.15
C HIS A 523 13.90 16.98 -25.08
N LEU A 524 14.75 16.60 -24.13
CA LEU A 524 16.00 17.29 -23.87
C LEU A 524 17.12 16.69 -24.70
N ARG A 525 17.93 17.55 -25.32
CA ARG A 525 19.05 17.13 -26.15
C ARG A 525 20.40 17.44 -25.52
N ASN A 526 20.63 18.71 -25.17
CA ASN A 526 21.89 19.14 -24.60
C ASN A 526 21.79 19.16 -23.07
N ASP A 527 22.82 19.69 -22.43
CA ASP A 527 22.86 19.82 -20.97
C ASP A 527 22.29 21.14 -20.49
N THR A 528 21.77 21.98 -21.39
CA THR A 528 21.17 23.24 -21.03
C THR A 528 19.72 23.37 -21.50
N ASP A 529 19.19 22.38 -22.21
CA ASP A 529 17.79 22.42 -22.60
C ASP A 529 16.91 22.44 -21.37
N VAL A 530 15.79 23.16 -21.46
CA VAL A 530 14.92 23.43 -20.33
C VAL A 530 13.71 22.50 -20.38
N VAL A 531 13.29 22.03 -19.22
CA VAL A 531 12.02 21.32 -19.04
C VAL A 531 11.19 22.12 -18.04
N ASN A 532 9.95 22.40 -18.41
CA ASN A 532 9.05 23.17 -17.57
C ASN A 532 8.25 22.26 -16.65
N PHE A 533 7.77 22.84 -15.55
CA PHE A 533 6.87 22.12 -14.65
C PHE A 533 6.08 23.12 -13.83
N VAL A 534 5.03 22.61 -13.20
CA VAL A 534 4.14 23.40 -12.35
C VAL A 534 4.21 22.82 -10.95
N SER A 535 4.40 23.68 -9.94
CA SER A 535 4.59 23.24 -8.57
C SER A 535 3.55 23.87 -7.66
N MET A 536 2.93 23.05 -6.81
CA MET A 536 1.98 23.50 -5.80
C MET A 536 2.47 23.04 -4.43
N GLU A 537 2.50 23.98 -3.48
CA GLU A 537 3.02 23.72 -2.14
C GLU A 537 2.03 24.20 -1.09
N PHE A 538 2.01 23.51 0.05
CA PHE A 538 1.21 23.93 1.19
C PHE A 538 2.00 24.90 2.06
N SER A 539 1.29 25.70 2.85
CA SER A 539 1.96 26.57 3.80
C SER A 539 0.93 27.26 4.67
N LEU A 540 1.43 28.02 5.65
CA LEU A 540 0.61 28.86 6.51
C LEU A 540 1.04 30.32 6.52
N THR A 541 2.00 30.70 5.68
CA THR A 541 2.49 32.08 5.66
C THR A 541 1.53 32.95 4.86
N ASP A 542 0.94 33.95 5.51
CA ASP A 542 0.01 34.85 4.84
C ASP A 542 0.73 35.63 3.76
N PRO A 543 0.35 35.49 2.48
CA PRO A 543 1.12 36.16 1.42
C PRO A 543 1.05 37.67 1.47
N ARG A 544 0.09 38.24 2.19
CA ARG A 544 -0.14 39.68 2.18
C ARG A 544 0.69 40.42 3.21
N LEU A 545 1.82 39.85 3.63
CA LEU A 545 2.74 40.52 4.56
C LEU A 545 4.01 41.00 3.88
N GLU A 546 4.58 40.20 2.97
CA GLU A 546 5.71 40.60 2.15
C GLU A 546 5.39 40.27 0.69
N PRO A 547 4.45 41.00 0.09
CA PRO A 547 4.02 40.64 -1.27
C PRO A 547 5.14 40.69 -2.30
N HIS A 548 6.12 41.59 -2.15
CA HIS A 548 7.19 41.68 -3.13
C HIS A 548 8.06 40.44 -3.16
N LYS A 549 7.99 39.59 -2.14
CA LYS A 549 8.74 38.35 -2.14
C LYS A 549 8.10 37.29 -3.03
N TRP A 550 6.82 37.44 -3.35
CA TRP A 550 6.04 36.43 -4.07
C TRP A 550 5.62 36.95 -5.44
N GLU A 551 6.55 37.57 -6.17
CA GLU A 551 6.20 38.18 -7.44
C GLU A 551 5.71 37.13 -8.45
N LYS A 552 6.37 35.97 -8.48
CA LYS A 552 6.13 34.98 -9.52
C LYS A 552 5.24 33.84 -9.06
N TYR A 553 4.55 33.99 -7.93
CA TYR A 553 3.68 32.97 -7.39
C TYR A 553 2.22 33.42 -7.47
N CYS A 554 1.33 32.45 -7.64
CA CYS A 554 -0.10 32.64 -7.46
C CYS A 554 -0.55 31.84 -6.24
N VAL A 555 -1.17 32.52 -5.28
CA VAL A 555 -1.44 31.94 -3.96
C VAL A 555 -2.94 31.78 -3.77
N LEU A 556 -3.35 30.59 -3.32
CA LEU A 556 -4.74 30.27 -3.05
C LEU A 556 -4.88 29.82 -1.60
N GLU A 557 -6.04 30.12 -1.00
CA GLU A 557 -6.35 29.70 0.36
C GLU A 557 -7.25 28.47 0.27
N ILE A 558 -6.69 27.29 0.58
CA ILE A 558 -7.34 26.02 0.30
C ILE A 558 -7.91 25.34 1.53
N GLY A 559 -7.52 25.72 2.74
CA GLY A 559 -8.02 24.97 3.87
C GLY A 559 -8.00 25.74 5.16
N ASP A 560 -8.44 25.06 6.22
CA ASP A 560 -8.43 25.61 7.58
C ASP A 560 -7.90 24.55 8.52
N MET A 561 -6.68 24.76 9.02
CA MET A 561 -6.05 23.86 9.97
C MET A 561 -6.29 24.37 11.38
N LEU A 562 -6.05 23.51 12.37
CA LEU A 562 -6.17 23.87 13.77
C LEU A 562 -4.94 23.37 14.52
N LEU A 563 -4.26 24.27 15.23
CA LEU A 563 -3.06 23.94 15.98
C LEU A 563 -3.34 24.05 17.47
N ARG A 564 -2.49 23.38 18.25
CA ARG A 564 -2.68 23.25 19.69
C ARG A 564 -1.40 23.67 20.39
N THR A 565 -1.51 24.63 21.31
CA THR A 565 -0.36 25.16 22.03
C THR A 565 -0.83 25.64 23.40
N ALA A 566 0.01 26.41 24.08
CA ALA A 566 -0.33 26.87 25.43
C ALA A 566 -1.64 27.64 25.44
N VAL A 567 -1.91 28.44 24.39
CA VAL A 567 -3.14 29.24 24.35
C VAL A 567 -4.37 28.39 24.09
N GLY A 568 -4.21 27.09 23.90
CA GLY A 568 -5.34 26.22 23.58
C GLY A 568 -5.33 25.80 22.13
N GLN A 569 -6.49 25.83 21.49
CA GLN A 569 -6.61 25.48 20.08
C GLN A 569 -6.92 26.73 19.27
N VAL A 570 -6.17 26.91 18.17
CA VAL A 570 -6.31 28.06 17.31
C VAL A 570 -6.58 27.57 15.88
N SER A 571 -7.59 28.16 15.24
CA SER A 571 -7.98 27.80 13.88
C SER A 571 -7.25 28.75 12.93
N ARG A 572 -6.20 28.25 12.30
CA ARG A 572 -5.40 28.99 11.33
C ARG A 572 -5.83 28.63 9.91
N PRO A 573 -5.65 29.54 8.94
CA PRO A 573 -5.88 29.17 7.55
C PRO A 573 -4.67 28.47 6.94
N MET A 574 -4.91 27.82 5.80
CA MET A 574 -3.92 27.00 5.12
C MET A 574 -3.90 27.37 3.65
N PHE A 575 -2.77 27.92 3.19
CA PHE A 575 -2.62 28.47 1.85
C PHE A 575 -1.85 27.51 0.96
N LEU A 576 -2.00 27.72 -0.35
CA LEU A 576 -1.31 26.95 -1.37
C LEU A 576 -0.62 27.90 -2.32
N TYR A 577 0.67 27.68 -2.55
CA TYR A 577 1.47 28.49 -3.47
C TYR A 577 1.67 27.71 -4.76
N VAL A 578 1.26 28.31 -5.88
CA VAL A 578 1.32 27.67 -7.19
C VAL A 578 2.24 28.50 -8.09
N ARG A 579 3.12 27.82 -8.81
CA ARG A 579 4.12 28.53 -9.61
C ARG A 579 4.57 27.67 -10.78
N THR A 580 4.80 28.31 -11.92
CA THR A 580 5.39 27.65 -13.08
C THR A 580 6.90 27.91 -13.08
N ASN A 581 7.68 26.85 -13.17
CA ASN A 581 9.14 26.95 -13.13
C ASN A 581 9.74 26.06 -14.20
N GLY A 582 11.06 26.05 -14.27
CA GLY A 582 11.75 25.22 -15.23
C GLY A 582 13.15 24.89 -14.73
N THR A 583 13.72 23.84 -15.31
CA THR A 583 15.05 23.40 -14.91
C THR A 583 15.71 22.67 -16.06
N SER A 584 17.05 22.67 -16.06
CA SER A 584 17.84 21.99 -17.07
C SER A 584 18.25 20.62 -16.56
N LYS A 585 19.02 19.91 -17.39
CA LYS A 585 19.55 18.62 -16.97
C LYS A 585 20.73 18.79 -16.03
N ILE A 586 21.56 19.80 -16.27
CA ILE A 586 22.75 20.00 -15.45
C ILE A 586 22.37 20.47 -14.05
N LYS A 587 21.38 21.34 -13.94
CA LYS A 587 20.94 21.80 -12.62
C LYS A 587 20.42 20.63 -11.80
N MET A 588 19.58 19.78 -12.39
CA MET A 588 19.07 18.61 -11.69
C MET A 588 20.20 17.65 -11.33
N LYS A 589 21.15 17.44 -12.24
CA LYS A 589 22.27 16.55 -11.93
C LYS A 589 23.08 17.07 -10.76
N TRP A 590 23.31 18.37 -10.69
CA TRP A 590 24.10 18.96 -9.62
C TRP A 590 23.31 19.14 -8.33
N GLY A 591 21.98 19.05 -8.38
CA GLY A 591 21.18 19.12 -7.18
C GLY A 591 20.92 17.79 -6.50
N MET A 592 21.17 16.68 -7.20
CA MET A 592 21.01 15.36 -6.60
C MET A 592 22.10 15.04 -5.60
N GLU A 593 23.14 15.84 -5.51
CA GLU A 593 24.30 15.58 -4.66
C GLU A 593 24.54 16.76 -3.73
N MET A 594 23.47 17.23 -3.08
CA MET A 594 23.61 18.29 -2.09
C MET A 594 24.33 17.81 -0.83
N ARG A 595 24.40 16.49 -0.62
CA ARG A 595 25.00 15.98 0.60
C ARG A 595 26.43 16.48 0.78
N ARG A 596 27.15 16.70 -0.32
CA ARG A 596 28.53 17.12 -0.20
C ARG A 596 28.65 18.42 0.58
N CYS A 597 27.58 19.22 0.65
CA CYS A 597 27.61 20.42 1.48
C CYS A 597 28.10 20.07 2.88
N LEU A 598 27.48 19.06 3.51
CA LEU A 598 27.96 18.60 4.82
C LEU A 598 29.47 18.43 4.79
N LEU A 599 29.97 17.61 3.88
CA LEU A 599 31.41 17.39 3.77
C LEU A 599 32.15 18.71 3.83
N GLN A 600 31.81 19.63 2.92
CA GLN A 600 32.54 20.90 2.85
C GLN A 600 32.56 21.56 4.23
N SER A 601 31.40 21.68 4.86
CA SER A 601 31.35 22.36 6.15
C SER A 601 32.36 21.75 7.11
N LEU A 602 32.34 20.42 7.23
CA LEU A 602 33.27 19.77 8.16
C LEU A 602 34.69 20.23 7.90
N GLN A 603 35.11 20.18 6.63
CA GLN A 603 36.48 20.57 6.31
C GLN A 603 36.77 21.95 6.88
N GLN A 604 35.89 22.91 6.60
CA GLN A 604 36.11 24.26 7.10
C GLN A 604 36.44 24.23 8.59
N ILE A 605 35.51 23.69 9.39
CA ILE A 605 35.74 23.65 10.83
C ILE A 605 37.09 23.00 11.11
N GLU A 606 37.30 21.81 10.57
CA GLU A 606 38.53 21.10 10.86
C GLU A 606 39.75 21.96 10.51
N SER A 607 39.72 22.59 9.33
CA SER A 607 40.88 23.38 8.93
C SER A 607 41.24 24.38 10.01
N MET A 608 40.24 25.09 10.55
CA MET A 608 40.52 26.06 11.60
C MET A 608 41.38 25.44 12.68
N ILE A 609 40.90 24.33 13.25
CA ILE A 609 41.64 23.69 14.34
C ILE A 609 43.05 23.38 13.88
N GLU A 610 43.18 22.77 12.70
CA GLU A 610 44.49 22.43 12.19
C GLU A 610 45.39 23.65 12.21
N ALA A 611 44.92 24.76 11.63
CA ALA A 611 45.72 25.97 11.64
C ALA A 611 46.06 26.37 13.08
N GLU A 612 45.04 26.47 13.92
CA GLU A 612 45.27 26.88 15.30
C GLU A 612 46.20 25.93 16.02
N SER A 613 46.29 24.68 15.56
CA SER A 613 47.22 23.74 16.20
C SER A 613 48.66 24.05 15.82
N SER A 614 48.91 24.35 14.55
CA SER A 614 50.29 24.46 14.08
C SER A 614 51.05 25.54 14.83
N VAL A 615 50.37 26.60 15.26
CA VAL A 615 51.04 27.69 15.95
C VAL A 615 51.53 27.22 17.31
N LYS A 616 50.75 26.39 18.00
CA LYS A 616 51.09 25.94 19.34
C LYS A 616 51.61 24.51 19.39
N GLU A 617 51.66 23.82 18.25
CA GLU A 617 52.23 22.48 18.18
C GLU A 617 51.49 21.51 19.10
N LYS A 618 50.17 21.61 19.12
CA LYS A 618 49.35 20.72 19.94
C LYS A 618 47.91 20.80 19.45
N ASP A 619 47.26 19.64 19.34
CA ASP A 619 45.86 19.60 18.93
C ASP A 619 45.00 20.32 19.96
N LEU A 620 43.96 20.99 19.47
CA LEU A 620 43.05 21.74 20.31
C LEU A 620 41.61 21.39 20.00
N THR A 621 41.34 20.09 19.78
CA THR A 621 39.97 19.65 19.55
C THR A 621 39.14 19.78 20.81
N LYS A 622 39.67 19.31 21.94
CA LYS A 622 38.95 19.41 23.21
C LYS A 622 38.84 20.85 23.67
N GLU A 623 39.88 21.66 23.45
CA GLU A 623 39.82 23.07 23.80
C GLU A 623 38.83 23.83 22.92
N PHE A 624 38.44 23.26 21.79
CA PHE A 624 37.48 23.90 20.89
C PHE A 624 36.06 23.47 21.20
N PHE A 625 35.83 22.16 21.36
CA PHE A 625 34.47 21.65 21.47
C PHE A 625 34.00 21.58 22.91
N GLU A 626 34.71 20.85 23.77
CA GLU A 626 34.24 20.58 25.12
C GLU A 626 34.48 21.72 26.09
N ASN A 627 35.33 22.69 25.74
CA ASN A 627 35.71 23.71 26.70
C ASN A 627 34.51 24.48 27.23
N LYS A 628 33.41 24.53 26.45
CA LYS A 628 32.22 25.30 26.83
C LYS A 628 32.57 26.77 27.08
N SER A 629 33.62 27.25 26.43
CA SER A 629 34.02 28.65 26.50
C SER A 629 34.66 29.00 25.17
N GLU A 630 35.39 30.12 25.11
CA GLU A 630 36.05 30.54 23.90
C GLU A 630 35.03 30.76 22.78
N THR A 631 34.12 31.71 23.03
CA THR A 631 33.01 31.97 22.13
C THR A 631 33.44 32.83 20.95
N TRP A 632 32.92 32.51 19.77
CA TRP A 632 33.30 33.19 18.54
C TRP A 632 32.30 34.28 18.20
N PRO A 633 32.73 35.44 17.68
CA PRO A 633 31.78 36.45 17.23
C PRO A 633 31.12 36.04 15.93
N ILE A 634 29.86 35.64 15.97
CA ILE A 634 29.21 35.05 14.80
C ILE A 634 28.05 35.88 14.26
N GLY A 635 27.48 36.78 15.06
CA GLY A 635 26.31 37.52 14.65
C GLY A 635 26.48 39.00 14.88
N GLU A 636 25.36 39.71 14.82
CA GLU A 636 25.31 41.14 15.06
C GLU A 636 24.01 41.46 15.79
N SER A 637 24.07 42.38 16.74
CA SER A 637 22.92 42.80 17.50
C SER A 637 22.99 44.30 17.72
N PRO A 638 21.86 44.96 17.95
CA PRO A 638 21.90 46.42 18.15
C PRO A 638 22.83 46.86 19.27
N LYS A 639 22.89 46.09 20.36
CA LYS A 639 23.80 46.44 21.46
C LYS A 639 25.25 46.16 21.13
N GLY A 640 25.54 45.35 20.12
CA GLY A 640 26.90 45.08 19.72
C GLY A 640 27.00 43.73 19.05
N VAL A 641 28.26 43.31 18.83
CA VAL A 641 28.51 42.02 18.22
C VAL A 641 28.08 40.90 19.17
N GLU A 642 27.65 39.79 18.60
CA GLU A 642 27.14 38.66 19.37
C GLU A 642 28.07 37.46 19.23
N GLU A 643 28.32 36.80 20.35
CA GLU A 643 29.24 35.67 20.40
C GLU A 643 28.46 34.39 20.67
N GLY A 644 28.78 33.33 19.90
CA GLY A 644 28.14 32.05 20.05
C GLY A 644 29.16 30.95 20.23
N SER A 645 28.67 29.79 20.66
CA SER A 645 29.52 28.64 20.96
C SER A 645 29.95 27.97 19.66
N ILE A 646 30.58 26.80 19.77
CA ILE A 646 31.05 26.10 18.59
C ILE A 646 29.90 25.53 17.77
N GLY A 647 28.85 25.01 18.44
CA GLY A 647 27.74 24.44 17.71
C GLY A 647 27.06 25.45 16.81
N LYS A 648 26.88 26.68 17.29
CA LYS A 648 26.32 27.72 16.46
C LYS A 648 27.20 27.96 15.24
N VAL A 649 28.53 27.90 15.42
CA VAL A 649 29.44 28.09 14.29
C VAL A 649 29.28 26.99 13.26
N CYS A 650 29.19 25.74 13.73
CA CYS A 650 28.99 24.63 12.79
C CYS A 650 27.69 24.78 12.02
N ARG A 651 26.61 25.13 12.72
CA ARG A 651 25.34 25.31 12.04
C ARG A 651 25.43 26.45 11.03
N THR A 652 26.12 27.53 11.39
CA THR A 652 26.25 28.66 10.48
C THR A 652 26.98 28.27 9.21
N LEU A 653 28.07 27.52 9.34
CA LEU A 653 28.82 27.11 8.15
C LEU A 653 28.00 26.16 7.29
N LEU A 654 27.27 25.22 7.91
CA LEU A 654 26.43 24.33 7.12
C LEU A 654 25.34 25.10 6.38
N ALA A 655 24.72 26.08 7.04
CA ALA A 655 23.70 26.88 6.39
C ALA A 655 24.28 27.67 5.22
N LYS A 656 25.48 28.23 5.40
CA LYS A 656 26.10 28.97 4.31
C LYS A 656 26.37 28.06 3.12
N SER A 657 26.89 26.86 3.36
CA SER A 657 27.15 25.95 2.25
C SER A 657 25.86 25.55 1.54
N VAL A 658 24.81 25.24 2.30
CA VAL A 658 23.55 24.85 1.69
C VAL A 658 23.00 25.98 0.83
N PHE A 659 23.04 27.21 1.33
CA PHE A 659 22.51 28.32 0.55
C PHE A 659 23.39 28.64 -0.65
N ASN A 660 24.69 28.40 -0.56
CA ASN A 660 25.54 28.53 -1.74
C ASN A 660 25.13 27.53 -2.81
N SER A 661 24.75 26.31 -2.40
CA SER A 661 24.27 25.33 -3.37
C SER A 661 22.91 25.69 -3.93
N LEU A 662 22.04 26.29 -3.11
CA LEU A 662 20.67 26.55 -3.53
C LEU A 662 20.59 27.72 -4.53
N TYR A 663 21.42 28.74 -4.34
CA TYR A 663 21.32 30.00 -5.08
C TYR A 663 22.53 30.21 -5.98
N ALA A 664 23.00 29.15 -6.63
CA ALA A 664 24.20 29.24 -7.45
C ALA A 664 23.96 30.17 -8.64
N SER A 665 25.00 30.87 -9.06
CA SER A 665 24.95 31.76 -10.21
C SER A 665 26.36 32.28 -10.49
N PRO A 666 26.64 32.69 -11.73
CA PRO A 666 27.97 33.25 -12.02
C PRO A 666 28.29 34.52 -11.24
N GLN A 667 27.28 35.32 -10.90
CA GLN A 667 27.53 36.54 -10.14
C GLN A 667 28.16 36.23 -8.80
N LEU A 668 27.70 35.16 -8.14
CA LEU A 668 28.29 34.77 -6.87
C LEU A 668 29.77 34.42 -7.03
N GLU A 669 30.11 33.70 -8.09
CA GLU A 669 31.50 33.32 -8.32
C GLU A 669 32.36 34.56 -8.54
N GLY A 670 31.87 35.49 -9.37
CA GLY A 670 32.63 36.70 -9.60
C GLY A 670 32.83 37.52 -8.33
N PHE A 671 31.76 37.68 -7.55
CA PHE A 671 31.85 38.46 -6.32
C PHE A 671 32.85 37.84 -5.35
N SER A 672 32.77 36.51 -5.16
CA SER A 672 33.69 35.86 -4.25
C SER A 672 35.14 36.04 -4.70
N ALA A 673 35.40 35.77 -5.98
CA ALA A 673 36.77 35.85 -6.47
C ALA A 673 37.33 37.25 -6.31
N GLU A 674 36.52 38.27 -6.63
CA GLU A 674 37.04 39.64 -6.59
C GLU A 674 37.02 40.26 -5.20
N SER A 675 36.29 39.68 -4.24
CA SER A 675 36.31 40.19 -2.88
C SER A 675 37.34 39.51 -1.99
N ARG A 676 37.81 38.32 -2.38
CA ARG A 676 38.85 37.66 -1.60
C ARG A 676 40.08 38.55 -1.45
N LYS A 677 40.47 39.23 -2.53
CA LYS A 677 41.67 40.07 -2.48
C LYS A 677 41.49 41.24 -1.53
N LEU A 678 40.32 41.87 -1.54
CA LEU A 678 40.07 42.96 -0.61
C LEU A 678 40.10 42.45 0.83
N LEU A 679 39.53 41.25 1.05
CA LEU A 679 39.62 40.63 2.36
C LEU A 679 41.07 40.51 2.81
N LEU A 680 41.93 39.99 1.95
CA LEU A 680 43.33 39.76 2.33
C LEU A 680 44.06 41.09 2.56
N ILE A 681 43.77 42.11 1.76
CA ILE A 681 44.39 43.41 1.96
C ILE A 681 43.99 43.97 3.33
N VAL A 682 42.70 43.89 3.67
CA VAL A 682 42.25 44.39 4.96
C VAL A 682 42.91 43.61 6.09
N GLN A 683 43.04 42.29 5.92
CA GLN A 683 43.69 41.49 6.95
C GLN A 683 45.14 41.91 7.15
N ALA A 684 45.87 42.15 6.05
CA ALA A 684 47.24 42.61 6.18
C ALA A 684 47.30 43.96 6.87
N LEU A 685 46.34 44.84 6.57
CA LEU A 685 46.30 46.13 7.27
C LEU A 685 46.09 45.92 8.76
N ARG A 686 45.18 45.03 9.15
CA ARG A 686 44.98 44.73 10.56
C ARG A 686 46.20 44.09 11.19
N ASP A 687 47.13 43.60 10.39
CA ASP A 687 48.35 42.96 10.87
C ASP A 687 49.55 43.90 10.83
N ASN A 688 49.30 45.21 10.65
CA ASN A 688 50.33 46.24 10.56
C ASN A 688 51.55 45.76 9.75
N LEU A 689 51.27 45.43 8.50
CA LEU A 689 52.30 45.04 7.54
C LEU A 689 52.46 46.07 6.42
N GLU A 690 51.92 47.28 6.61
CA GLU A 690 52.10 48.38 5.67
C GLU A 690 51.63 47.99 4.27
N PRO A 691 50.33 47.80 4.06
CA PRO A 691 49.84 47.40 2.73
C PRO A 691 49.86 48.56 1.75
N GLY A 692 49.90 48.19 0.46
CA GLY A 692 49.88 49.16 -0.61
C GLY A 692 49.28 48.58 -1.88
N THR A 693 48.51 49.37 -2.61
CA THR A 693 47.79 48.91 -3.79
C THR A 693 48.24 49.69 -5.02
N PHE A 694 48.45 48.98 -6.12
CA PHE A 694 48.85 49.63 -7.36
C PHE A 694 47.66 50.37 -7.99
N ASP A 695 46.47 49.78 -7.92
CA ASP A 695 45.26 50.41 -8.47
C ASP A 695 44.07 49.83 -7.70
N LEU A 696 43.54 50.61 -6.76
CA LEU A 696 42.47 50.13 -5.89
C LEU A 696 41.09 50.34 -6.48
N GLU A 697 40.88 51.43 -7.23
CA GLU A 697 39.54 51.69 -7.75
C GLU A 697 39.11 50.62 -8.75
N GLY A 698 40.04 50.13 -9.57
CA GLY A 698 39.68 49.06 -10.50
C GLY A 698 39.16 47.84 -9.79
N LEU A 699 39.75 47.50 -8.63
CA LEU A 699 39.27 46.36 -7.86
C LEU A 699 37.86 46.59 -7.37
N TYR A 700 37.55 47.80 -6.90
CA TYR A 700 36.19 48.09 -6.47
C TYR A 700 35.21 47.99 -7.61
N GLU A 701 35.59 48.49 -8.80
CA GLU A 701 34.71 48.38 -9.96
C GLU A 701 34.46 46.92 -10.32
N ALA A 702 35.51 46.10 -10.30
CA ALA A 702 35.35 44.69 -10.61
C ALA A 702 34.46 43.99 -9.58
N ILE A 703 34.58 44.38 -8.30
CA ILE A 703 33.74 43.79 -7.27
C ILE A 703 32.28 44.18 -7.49
N GLU A 704 32.03 45.47 -7.73
CA GLU A 704 30.66 45.97 -7.82
C GLU A 704 29.99 45.62 -9.13
N GLU A 705 30.75 45.24 -10.16
CA GLU A 705 30.14 44.91 -11.44
C GLU A 705 29.29 43.64 -11.36
N CYS A 706 29.42 42.85 -10.30
CA CYS A 706 28.75 41.55 -10.20
C CYS A 706 27.50 41.58 -9.31
N LEU A 707 27.13 42.74 -8.76
CA LEU A 707 25.93 42.85 -7.92
C LEU A 707 24.81 43.42 -8.79
N ILE A 708 23.99 42.54 -9.36
CA ILE A 708 22.91 42.96 -10.24
C ILE A 708 21.57 42.45 -9.72
N ASN A 709 21.40 41.13 -9.66
CA ASN A 709 20.10 40.53 -9.46
C ASN A 709 20.01 39.61 -8.26
N ASP A 710 21.02 38.79 -8.03
CA ASP A 710 20.92 37.73 -7.03
C ASP A 710 20.71 38.34 -5.64
N PRO A 711 19.73 37.87 -4.87
CA PRO A 711 19.62 38.34 -3.47
C PRO A 711 20.72 37.79 -2.58
N TRP A 712 21.20 36.58 -2.86
CA TRP A 712 22.25 35.99 -2.04
C TRP A 712 23.54 36.81 -2.12
N VAL A 713 23.91 37.26 -3.32
CA VAL A 713 25.12 38.06 -3.47
C VAL A 713 24.96 39.41 -2.79
N LEU A 714 23.77 40.00 -2.86
CA LEU A 714 23.55 41.27 -2.17
C LEU A 714 23.66 41.10 -0.66
N LEU A 715 23.14 39.99 -0.13
CA LEU A 715 23.30 39.71 1.29
C LEU A 715 24.77 39.56 1.66
N ASN A 716 25.54 38.86 0.82
CA ASN A 716 26.97 38.71 1.09
C ASN A 716 27.67 40.06 1.07
N ALA A 717 27.29 40.93 0.13
CA ALA A 717 27.88 42.28 0.09
C ALA A 717 27.56 43.06 1.36
N SER A 718 26.32 42.95 1.84
CA SER A 718 25.97 43.63 3.09
C SER A 718 26.78 43.10 4.25
N TRP A 719 26.97 41.77 4.29
CA TRP A 719 27.83 41.18 5.33
C TRP A 719 29.23 41.76 5.26
N PHE A 720 29.78 41.87 4.05
CA PHE A 720 31.12 42.43 3.89
C PHE A 720 31.18 43.87 4.39
N ASN A 721 30.16 44.66 4.09
CA ASN A 721 30.15 46.04 4.57
C ASN A 721 30.14 46.10 6.08
N SER A 722 29.32 45.28 6.74
CA SER A 722 29.29 45.29 8.20
C SER A 722 30.63 44.86 8.79
N PHE A 723 31.24 43.80 8.23
CA PHE A 723 32.53 43.35 8.73
C PHE A 723 33.59 44.43 8.54
N LEU A 724 33.59 45.10 7.39
CA LEU A 724 34.54 46.17 7.16
C LEU A 724 34.37 47.28 8.19
N THR A 725 33.12 47.64 8.48
CA THR A 725 32.88 48.67 9.48
C THR A 725 33.43 48.25 10.84
N HIS A 726 33.20 47.00 11.23
CA HIS A 726 33.61 46.57 12.56
C HIS A 726 35.12 46.32 12.69
N ALA A 727 35.79 45.98 11.59
CA ALA A 727 37.19 45.58 11.67
C ALA A 727 38.11 46.75 11.92
N LEU A 728 37.89 47.88 11.24
CA LEU A 728 38.77 49.03 11.33
C LEU A 728 38.44 49.93 12.51
N ARG A 729 37.59 49.46 13.43
CA ARG A 729 37.18 50.27 14.57
C ARG A 729 38.16 50.13 15.72
N MET B 1 19.43 39.09 17.16
CA MET B 1 20.72 38.65 16.57
C MET B 1 20.55 38.32 15.10
N ASP B 2 21.52 38.70 14.28
CA ASP B 2 21.55 38.40 12.86
C ASP B 2 22.85 37.68 12.54
N VAL B 3 22.75 36.40 12.21
CA VAL B 3 23.95 35.62 11.90
C VAL B 3 24.71 36.30 10.77
N ASN B 4 26.04 36.21 10.83
CA ASN B 4 26.90 36.89 9.87
C ASN B 4 28.25 36.20 9.82
N PRO B 5 28.42 35.15 9.00
CA PRO B 5 29.70 34.42 9.01
C PRO B 5 30.90 35.29 8.73
N THR B 6 30.76 36.39 7.98
CA THR B 6 31.92 37.22 7.68
C THR B 6 32.54 37.78 8.96
N LEU B 7 31.70 38.22 9.90
CA LEU B 7 32.21 38.71 11.17
C LEU B 7 33.14 37.71 11.84
N LEU B 8 33.09 36.44 11.45
CA LEU B 8 33.96 35.44 12.05
C LEU B 8 35.43 35.81 11.89
N PHE B 9 35.76 36.61 10.88
CA PHE B 9 37.15 36.99 10.65
C PHE B 9 37.66 37.96 11.71
N LEU B 10 36.79 38.49 12.57
CA LEU B 10 37.22 39.42 13.59
C LEU B 10 38.07 38.75 14.66
N LYS B 11 38.05 37.42 14.74
CA LYS B 11 38.81 36.66 15.73
C LYS B 11 39.90 35.81 15.11
N VAL B 12 39.56 34.97 14.14
CA VAL B 12 40.54 34.13 13.46
C VAL B 12 41.05 34.87 12.23
N PRO B 13 42.35 34.88 11.95
CA PRO B 13 42.85 35.54 10.73
C PRO B 13 42.19 34.97 9.49
N VAL B 14 42.25 35.74 8.41
CA VAL B 14 41.59 35.36 7.16
C VAL B 14 42.19 34.08 6.60
N GLN B 15 43.53 34.01 6.56
CA GLN B 15 44.17 32.84 5.96
C GLN B 15 43.82 31.56 6.68
N ASN B 16 43.42 31.63 7.95
CA ASN B 16 43.02 30.43 8.67
C ASN B 16 41.64 29.93 8.25
N ALA B 17 40.76 30.84 7.84
CA ALA B 17 39.40 30.48 7.46
C ALA B 17 39.10 30.93 6.03
N ILE B 18 40.02 30.69 5.11
CA ILE B 18 39.82 31.08 3.72
C ILE B 18 38.85 30.14 3.01
N SER B 19 38.71 28.90 3.46
CA SER B 19 37.85 27.95 2.78
C SER B 19 36.40 28.41 2.74
N THR B 20 36.02 29.35 3.61
CA THR B 20 34.65 29.83 3.62
C THR B 20 34.34 30.77 2.46
N THR B 21 35.34 31.16 1.67
CA THR B 21 35.14 32.07 0.55
C THR B 21 35.16 31.37 -0.80
N PHE B 22 34.88 30.07 -0.83
CA PHE B 22 34.86 29.30 -2.07
C PHE B 22 33.47 28.68 -2.26
N PRO B 23 32.62 29.21 -3.14
CA PRO B 23 31.28 28.61 -3.34
C PRO B 23 31.28 27.48 -4.36
N TYR B 24 31.88 26.36 -3.98
CA TYR B 24 32.12 25.24 -4.90
C TYR B 24 31.17 24.08 -4.64
N THR B 25 29.91 24.39 -4.33
CA THR B 25 28.89 23.36 -4.11
C THR B 25 27.69 23.49 -5.04
N GLY B 26 27.70 24.46 -5.96
CA GLY B 26 26.65 24.63 -6.94
C GLY B 26 27.11 24.24 -8.33
N ASP B 27 26.17 24.36 -9.27
CA ASP B 27 26.49 24.02 -10.66
C ASP B 27 27.28 25.16 -11.30
N PRO B 28 28.43 24.89 -11.92
CA PRO B 28 29.22 25.96 -12.50
C PRO B 28 28.52 26.53 -13.73
N PRO B 29 28.81 27.78 -14.09
CA PRO B 29 28.11 28.41 -15.22
C PRO B 29 28.39 27.70 -16.54
N TYR B 30 27.41 27.73 -17.42
CA TYR B 30 27.51 27.19 -18.78
C TYR B 30 27.14 28.28 -19.77
N SER B 31 27.29 27.96 -21.06
CA SER B 31 26.99 28.89 -22.14
C SER B 31 25.96 28.29 -23.08
N HIS B 32 24.95 29.07 -23.43
CA HIS B 32 23.91 28.67 -24.36
C HIS B 32 24.07 29.50 -25.65
N GLY B 33 24.21 28.80 -26.78
CA GLY B 33 24.31 29.45 -28.07
C GLY B 33 25.64 29.16 -28.74
N THR B 34 26.15 30.16 -29.44
CA THR B 34 27.35 30.04 -30.26
C THR B 34 28.49 30.85 -29.67
N GLY B 35 29.71 30.46 -30.03
CA GLY B 35 30.91 31.14 -29.60
C GLY B 35 31.50 32.03 -30.67
N THR B 36 30.66 32.49 -31.60
CA THR B 36 31.15 33.36 -32.67
C THR B 36 31.42 34.76 -32.13
N GLY B 37 30.54 35.30 -31.29
CA GLY B 37 30.75 36.62 -30.75
C GLY B 37 32.06 36.72 -29.98
N TYR B 38 32.31 35.75 -29.11
CA TYR B 38 33.54 35.77 -28.33
C TYR B 38 34.76 35.63 -29.22
N THR B 39 34.67 34.78 -30.25
CA THR B 39 35.80 34.61 -31.16
C THR B 39 36.14 35.91 -31.88
N MET B 40 35.12 36.58 -32.42
CA MET B 40 35.36 37.84 -33.12
C MET B 40 35.92 38.88 -32.16
N ASP B 41 35.37 38.94 -30.94
CA ASP B 41 35.89 39.90 -29.97
C ASP B 41 37.35 39.63 -29.64
N THR B 42 37.71 38.35 -29.46
CA THR B 42 39.09 38.00 -29.16
C THR B 42 40.02 38.39 -30.31
N VAL B 43 39.60 38.13 -31.55
CA VAL B 43 40.44 38.48 -32.70
C VAL B 43 40.65 39.98 -32.76
N ASN B 44 39.56 40.74 -32.59
CA ASN B 44 39.68 42.20 -32.65
C ASN B 44 40.59 42.72 -31.54
N ARG B 45 40.43 42.20 -30.32
CA ARG B 45 41.28 42.65 -29.22
C ARG B 45 42.73 42.30 -29.47
N THR B 46 43.00 41.10 -30.00
CA THR B 46 44.36 40.71 -30.29
C THR B 46 44.99 41.65 -31.31
N HIS B 47 44.22 42.06 -32.32
CA HIS B 47 44.74 43.01 -33.30
C HIS B 47 44.78 44.44 -32.79
N LYS B 48 44.09 44.74 -31.69
CA LYS B 48 44.07 46.11 -31.19
C LYS B 48 45.39 46.47 -30.51
N TYR B 49 45.95 45.54 -29.73
CA TYR B 49 47.16 45.83 -28.97
C TYR B 49 48.40 45.99 -29.84
N SER B 50 48.31 45.64 -31.12
CA SER B 50 49.44 45.68 -32.04
C SER B 50 49.13 46.56 -33.24
N GLU B 51 48.40 47.65 -33.01
CA GLU B 51 47.92 48.48 -34.10
C GLU B 51 49.04 49.22 -34.82
N LYS B 52 50.22 49.34 -34.22
CA LYS B 52 51.33 50.09 -34.80
C LYS B 52 52.41 49.18 -35.37
N GLY B 53 52.00 48.07 -35.99
CA GLY B 53 52.93 47.12 -36.55
C GLY B 53 53.06 47.26 -38.06
N LYS B 54 53.60 46.22 -38.68
CA LYS B 54 53.79 46.17 -40.12
C LYS B 54 52.74 45.27 -40.75
N TRP B 55 52.05 45.78 -41.75
CA TRP B 55 51.03 45.02 -42.46
C TRP B 55 51.61 44.46 -43.75
N THR B 56 51.29 43.21 -44.05
CA THR B 56 51.79 42.55 -45.25
C THR B 56 50.75 41.58 -45.77
N THR B 57 50.98 41.07 -46.98
CA THR B 57 50.11 40.09 -47.60
C THR B 57 50.88 38.79 -47.81
N ASN B 58 50.25 37.67 -47.45
CA ASN B 58 50.88 36.36 -47.55
C ASN B 58 50.80 35.87 -48.98
N THR B 59 51.92 35.36 -49.49
CA THR B 59 51.98 34.90 -50.88
C THR B 59 51.32 33.54 -51.07
N GLU B 60 51.35 32.68 -50.06
CA GLU B 60 50.78 31.33 -50.20
C GLU B 60 49.29 31.33 -49.91
N THR B 61 48.90 31.76 -48.71
CA THR B 61 47.49 31.70 -48.32
C THR B 61 46.72 32.94 -48.77
N GLY B 62 47.40 34.05 -49.01
CA GLY B 62 46.76 35.24 -49.54
C GLY B 62 46.06 36.11 -48.53
N ALA B 63 46.23 35.85 -47.23
CA ALA B 63 45.54 36.65 -46.23
C ALA B 63 46.46 37.71 -45.64
N PRO B 64 45.92 38.84 -45.20
CA PRO B 64 46.77 39.87 -44.58
C PRO B 64 47.32 39.40 -43.24
N GLN B 65 48.49 39.93 -42.90
CA GLN B 65 49.16 39.60 -41.65
C GLN B 65 49.77 40.84 -41.04
N LEU B 66 49.84 40.86 -39.72
CA LEU B 66 50.34 41.98 -38.94
C LEU B 66 51.52 41.51 -38.09
N ASN B 67 52.55 42.35 -38.01
CA ASN B 67 53.80 42.00 -37.35
C ASN B 67 54.27 43.19 -36.52
N PRO B 68 54.06 43.17 -35.20
CA PRO B 68 54.47 44.31 -34.37
C PRO B 68 55.84 44.20 -33.73
N ILE B 69 56.59 43.13 -33.99
CA ILE B 69 57.87 42.95 -33.34
C ILE B 69 58.78 44.13 -33.66
N ASP B 70 59.59 44.53 -32.68
CA ASP B 70 60.53 45.63 -32.82
C ASP B 70 59.82 46.94 -33.15
N GLY B 71 58.55 47.06 -32.74
CA GLY B 71 57.78 48.25 -33.01
C GLY B 71 58.12 49.37 -32.03
N PRO B 72 57.41 50.49 -32.12
CA PRO B 72 57.68 51.60 -31.22
C PRO B 72 57.48 51.21 -29.77
N LEU B 73 58.31 51.77 -28.89
CA LEU B 73 58.23 51.45 -27.49
C LEU B 73 56.90 51.92 -26.91
N PRO B 74 56.39 51.24 -25.88
CA PRO B 74 55.14 51.69 -25.25
C PRO B 74 55.33 53.01 -24.51
N GLU B 75 54.22 53.73 -24.37
CA GLU B 75 54.22 55.02 -23.69
C GLU B 75 53.38 55.02 -22.44
N ASP B 76 52.18 54.45 -22.48
CA ASP B 76 51.25 54.47 -21.36
C ASP B 76 51.17 53.07 -20.74
N ASN B 77 50.27 52.93 -19.77
CA ASN B 77 50.14 51.70 -19.01
C ASN B 77 49.19 50.69 -19.66
N GLU B 78 48.69 50.99 -20.85
CA GLU B 78 47.82 50.04 -21.53
C GLU B 78 48.60 48.82 -21.97
N PRO B 79 47.93 47.68 -22.19
CA PRO B 79 48.64 46.49 -22.65
C PRO B 79 49.33 46.74 -23.98
N SER B 80 50.51 46.14 -24.14
CA SER B 80 51.32 46.31 -25.34
C SER B 80 51.79 44.95 -25.83
N GLY B 81 52.12 44.89 -27.12
CA GLY B 81 52.57 43.65 -27.72
C GLY B 81 53.89 43.79 -28.46
N TYR B 82 54.49 44.98 -28.42
CA TYR B 82 55.73 45.26 -29.14
C TYR B 82 56.90 44.71 -28.32
N ALA B 83 57.31 43.48 -28.62
CA ALA B 83 58.42 42.85 -27.93
C ALA B 83 59.71 43.07 -28.72
N GLN B 84 60.73 43.55 -28.03
CA GLN B 84 62.01 43.84 -28.68
C GLN B 84 62.85 42.57 -28.77
N THR B 85 63.37 42.30 -29.98
CA THR B 85 64.18 41.10 -30.16
C THR B 85 65.47 41.17 -29.37
N ASP B 86 66.11 42.35 -29.34
CA ASP B 86 67.38 42.48 -28.63
C ASP B 86 67.21 42.17 -27.14
N CYS B 87 66.15 42.70 -26.53
CA CYS B 87 65.92 42.46 -25.10
C CYS B 87 65.66 40.99 -24.82
N VAL B 88 64.85 40.34 -25.66
CA VAL B 88 64.55 38.92 -25.46
C VAL B 88 65.83 38.10 -25.57
N LEU B 89 66.64 38.37 -26.59
CA LEU B 89 67.87 37.61 -26.76
C LEU B 89 68.85 37.86 -25.62
N GLU B 90 68.93 39.10 -25.13
CA GLU B 90 69.80 39.38 -24.00
C GLU B 90 69.33 38.65 -22.75
N ALA B 91 68.02 38.63 -22.51
CA ALA B 91 67.50 37.90 -21.36
C ALA B 91 67.81 36.42 -21.47
N MET B 92 67.65 35.85 -22.66
CA MET B 92 67.98 34.43 -22.85
C MET B 92 69.47 34.19 -22.60
N ALA B 93 70.33 35.07 -23.10
CA ALA B 93 71.77 34.90 -22.91
C ALA B 93 72.13 34.95 -21.44
N PHE B 94 71.56 35.89 -20.70
CA PHE B 94 71.87 35.97 -19.27
C PHE B 94 71.34 34.76 -18.52
N LEU B 95 70.15 34.27 -18.88
CA LEU B 95 69.63 33.07 -18.24
C LEU B 95 70.56 31.89 -18.49
N GLU B 96 71.07 31.75 -19.72
CA GLU B 96 72.02 30.70 -20.02
C GLU B 96 73.30 30.86 -19.20
N GLU B 97 73.77 32.11 -19.07
CA GLU B 97 74.99 32.35 -18.31
C GLU B 97 74.82 31.95 -16.85
N SER B 98 73.67 32.26 -16.25
CA SER B 98 73.48 31.99 -14.83
C SER B 98 73.45 30.50 -14.53
N HIS B 99 72.97 29.68 -15.48
CA HIS B 99 72.86 28.22 -15.30
C HIS B 99 73.59 27.56 -16.47
N PRO B 100 74.92 27.47 -16.41
CA PRO B 100 75.67 26.93 -17.55
C PRO B 100 75.25 25.50 -17.88
N GLY B 101 75.19 25.21 -19.17
CA GLY B 101 74.93 23.87 -19.66
C GLY B 101 73.47 23.45 -19.70
N ILE B 102 72.54 24.34 -19.35
CA ILE B 102 71.13 23.95 -19.31
C ILE B 102 70.61 23.64 -20.70
N PHE B 103 70.88 24.53 -21.67
CA PHE B 103 70.34 24.35 -23.01
C PHE B 103 70.91 23.12 -23.70
N GLU B 104 72.20 22.84 -23.51
CA GLU B 104 72.79 21.66 -24.14
C GLU B 104 72.14 20.38 -23.62
N ASN B 105 71.97 20.28 -22.30
CA ASN B 105 71.34 19.08 -21.74
C ASN B 105 69.90 18.96 -22.20
N SER B 106 69.17 20.07 -22.24
CA SER B 106 67.80 20.03 -22.72
C SER B 106 67.74 19.56 -24.16
N CYS B 107 68.64 20.06 -25.01
CA CYS B 107 68.66 19.65 -26.40
C CYS B 107 68.98 18.16 -26.53
N LEU B 108 69.92 17.66 -25.73
CA LEU B 108 70.26 16.24 -25.81
C LEU B 108 69.05 15.38 -25.43
N GLU B 109 68.37 15.73 -24.33
CA GLU B 109 67.22 14.96 -23.91
C GLU B 109 66.10 15.03 -24.95
N THR B 110 65.87 16.20 -25.53
CA THR B 110 64.83 16.35 -26.54
C THR B 110 65.16 15.55 -27.79
N MET B 111 66.44 15.53 -28.20
CA MET B 111 66.83 14.71 -29.33
C MET B 111 66.59 13.24 -29.04
N GLU B 112 66.90 12.80 -27.82
CA GLU B 112 66.64 11.41 -27.45
C GLU B 112 65.16 11.07 -27.56
N ILE B 113 64.31 11.94 -27.00
CA ILE B 113 62.87 11.64 -27.04
C ILE B 113 62.35 11.70 -28.48
N VAL B 114 62.88 12.60 -29.31
CA VAL B 114 62.47 12.65 -30.71
C VAL B 114 62.83 11.35 -31.41
N GLN B 115 64.04 10.83 -31.16
CA GLN B 115 64.42 9.57 -31.77
C GLN B 115 63.53 8.43 -31.29
N GLN B 116 63.18 8.42 -30.01
CA GLN B 116 62.48 7.28 -29.42
C GLN B 116 60.97 7.31 -29.68
N THR B 117 60.37 8.48 -29.83
CA THR B 117 58.93 8.60 -29.78
C THR B 117 58.25 7.76 -30.86
N ARG B 118 56.92 7.66 -30.75
CA ARG B 118 56.13 6.85 -31.65
C ARG B 118 54.83 7.59 -32.00
N VAL B 119 54.20 7.15 -33.08
CA VAL B 119 52.99 7.84 -33.57
C VAL B 119 51.84 7.68 -32.58
N ASP B 120 51.80 6.58 -31.84
CA ASP B 120 50.66 6.30 -30.98
C ASP B 120 50.41 7.43 -29.97
N LYS B 121 51.43 8.23 -29.66
CA LYS B 121 51.25 9.31 -28.69
C LYS B 121 50.17 10.29 -29.15
N LEU B 122 49.97 10.41 -30.47
CA LEU B 122 48.95 11.33 -30.96
C LEU B 122 47.54 10.88 -30.59
N THR B 123 47.37 9.62 -30.20
CA THR B 123 46.04 9.12 -29.87
C THR B 123 45.55 9.64 -28.52
N GLN B 124 46.47 9.94 -27.61
CA GLN B 124 46.09 10.42 -26.28
C GLN B 124 45.97 11.94 -26.32
N GLY B 125 44.75 12.44 -26.14
CA GLY B 125 44.53 13.87 -26.16
C GLY B 125 43.05 14.18 -26.09
N ARG B 126 42.77 15.48 -26.17
CA ARG B 126 41.40 15.98 -26.14
C ARG B 126 40.78 15.86 -27.53
N GLN B 127 39.62 16.48 -27.72
CA GLN B 127 38.96 16.47 -29.03
C GLN B 127 39.71 17.38 -29.98
N THR B 128 40.33 16.80 -31.01
CA THR B 128 41.06 17.56 -32.00
C THR B 128 40.14 17.98 -33.15
N TYR B 129 40.69 18.76 -34.07
CA TYR B 129 39.94 19.27 -35.22
C TYR B 129 40.25 18.43 -36.44
N ASP B 130 39.24 17.76 -36.99
CA ASP B 130 39.38 16.90 -38.15
C ASP B 130 39.05 17.70 -39.40
N TRP B 131 40.02 17.79 -40.32
CA TRP B 131 39.87 18.54 -41.56
C TRP B 131 39.33 17.70 -42.70
N THR B 132 39.27 16.38 -42.54
CA THR B 132 38.63 15.55 -43.57
C THR B 132 37.12 15.75 -43.56
N LEU B 133 36.52 15.83 -42.38
CA LEU B 133 35.09 16.05 -42.23
C LEU B 133 34.76 17.48 -41.84
N ASN B 134 35.76 18.33 -41.61
CA ASN B 134 35.54 19.70 -41.17
C ASN B 134 34.67 19.73 -39.92
N ARG B 135 35.19 19.12 -38.86
CA ARG B 135 34.46 19.01 -37.61
C ARG B 135 35.45 18.79 -36.48
N ASN B 136 34.94 18.44 -35.30
CA ASN B 136 35.77 18.13 -34.14
C ASN B 136 35.55 16.68 -33.76
N GLN B 137 36.64 15.92 -33.67
CA GLN B 137 36.58 14.48 -33.45
C GLN B 137 37.59 14.08 -32.39
N PRO B 138 37.39 12.93 -31.74
CA PRO B 138 38.41 12.44 -30.82
C PRO B 138 39.72 12.14 -31.54
N ALA B 139 40.80 12.16 -30.77
CA ALA B 139 42.13 12.07 -31.38
C ALA B 139 42.28 10.82 -32.23
N ALA B 140 41.83 9.68 -31.73
CA ALA B 140 42.02 8.43 -32.45
C ALA B 140 41.31 8.46 -33.80
N THR B 141 40.05 8.88 -33.81
CA THR B 141 39.28 8.90 -35.05
C THR B 141 39.87 9.88 -36.06
N ALA B 142 40.26 11.06 -35.59
CA ALA B 142 40.86 12.05 -36.50
C ALA B 142 42.17 11.53 -37.07
N LEU B 143 42.99 10.90 -36.23
CA LEU B 143 44.25 10.33 -36.72
C LEU B 143 44.01 9.25 -37.76
N ALA B 144 43.04 8.38 -37.50
CA ALA B 144 42.73 7.33 -38.46
C ALA B 144 42.25 7.92 -39.79
N ASN B 145 41.37 8.90 -39.73
CA ASN B 145 40.88 9.53 -40.95
C ASN B 145 42.01 10.18 -41.72
N THR B 146 42.89 10.91 -41.02
CA THR B 146 43.98 11.60 -41.70
C THR B 146 44.94 10.60 -42.35
N ILE B 147 45.28 9.51 -41.64
CA ILE B 147 46.20 8.54 -42.21
C ILE B 147 45.57 7.85 -43.41
N GLU B 148 44.27 7.54 -43.33
CA GLU B 148 43.60 6.91 -44.46
C GLU B 148 43.62 7.83 -45.67
N VAL B 149 43.31 9.12 -45.45
CA VAL B 149 43.28 10.06 -46.57
C VAL B 149 44.69 10.24 -47.14
N PHE B 150 45.70 10.24 -46.29
CA PHE B 150 47.07 10.33 -46.77
C PHE B 150 47.41 9.13 -47.64
N ARG B 151 47.00 7.93 -47.22
CA ARG B 151 47.28 6.73 -47.99
C ARG B 151 46.47 6.68 -49.28
N SER B 152 45.32 7.35 -49.35
CA SER B 152 44.58 7.41 -50.60
C SER B 152 45.45 7.98 -51.71
N ASN B 153 46.05 9.14 -51.48
CA ASN B 153 47.11 9.63 -52.34
C ASN B 153 48.40 8.90 -52.02
N GLY B 154 49.36 8.98 -52.92
CA GLY B 154 50.61 8.28 -52.69
C GLY B 154 51.41 8.92 -51.58
N LEU B 155 51.38 8.31 -50.40
CA LEU B 155 52.12 8.81 -49.24
C LEU B 155 52.30 7.63 -48.29
N THR B 156 53.48 7.02 -48.31
CA THR B 156 53.77 5.85 -47.50
C THR B 156 55.10 6.00 -46.77
N ALA B 157 55.40 7.21 -46.31
CA ALA B 157 56.61 7.46 -45.55
C ALA B 157 56.41 7.29 -44.05
N ASN B 158 55.18 7.13 -43.60
CA ASN B 158 54.88 6.96 -42.17
C ASN B 158 54.57 5.52 -41.79
N GLU B 159 54.84 4.57 -42.69
CA GLU B 159 54.64 3.17 -42.35
C GLU B 159 55.64 2.68 -41.31
N SER B 160 56.78 3.35 -41.17
CA SER B 160 57.79 2.95 -40.20
C SER B 160 57.30 3.08 -38.77
N GLY B 161 56.23 3.81 -38.53
CA GLY B 161 55.71 3.96 -37.18
C GLY B 161 56.45 4.95 -36.31
N ARG B 162 57.09 5.94 -36.91
CA ARG B 162 57.76 7.00 -36.17
C ARG B 162 57.05 8.32 -36.41
N LEU B 163 56.92 9.11 -35.35
CA LEU B 163 56.21 10.38 -35.47
C LEU B 163 56.89 11.29 -36.48
N ILE B 164 58.22 11.31 -36.48
CA ILE B 164 58.93 12.20 -37.41
C ILE B 164 58.62 11.82 -38.85
N ASP B 165 58.48 10.52 -39.13
CA ASP B 165 58.07 10.11 -40.47
C ASP B 165 56.69 10.64 -40.82
N PHE B 166 55.78 10.63 -39.84
CA PHE B 166 54.45 11.20 -40.08
C PHE B 166 54.56 12.69 -40.39
N LEU B 167 55.43 13.41 -39.68
CA LEU B 167 55.62 14.83 -39.96
C LEU B 167 56.21 15.04 -41.35
N LYS B 168 57.12 14.17 -41.77
CA LYS B 168 57.64 14.25 -43.14
C LYS B 168 56.53 14.05 -44.15
N ASP B 169 55.64 13.09 -43.89
CA ASP B 169 54.50 12.89 -44.79
C ASP B 169 53.62 14.14 -44.84
N VAL B 170 53.39 14.76 -43.68
CA VAL B 170 52.58 15.98 -43.63
C VAL B 170 53.23 17.07 -44.47
N MET B 171 54.54 17.27 -44.30
CA MET B 171 55.24 18.30 -45.06
C MET B 171 55.17 18.02 -46.56
N ASP B 172 55.35 16.76 -46.96
CA ASP B 172 55.27 16.43 -48.37
C ASP B 172 53.87 16.70 -48.91
N SER B 173 52.84 16.34 -48.14
CA SER B 173 51.47 16.60 -48.58
C SER B 173 51.22 18.10 -48.73
N MET B 174 51.85 18.91 -47.90
CA MET B 174 51.70 20.36 -48.02
C MET B 174 52.14 20.84 -49.41
N ASP B 175 53.15 20.19 -49.99
CA ASP B 175 53.66 20.59 -51.30
C ASP B 175 52.91 19.94 -52.46
N LYS B 176 52.02 18.99 -52.17
CA LYS B 176 51.29 18.32 -53.23
C LYS B 176 50.40 19.31 -53.97
N GLU B 177 50.26 19.10 -55.28
CA GLU B 177 49.52 20.05 -56.12
C GLU B 177 48.02 19.97 -55.86
N GLU B 178 47.47 18.77 -55.68
CA GLU B 178 46.05 18.60 -55.43
C GLU B 178 45.85 17.52 -54.38
N MET B 179 44.77 17.65 -53.62
CA MET B 179 44.43 16.71 -52.56
C MET B 179 43.04 16.16 -52.81
N GLU B 180 42.91 14.83 -52.83
CA GLU B 180 41.63 14.18 -53.07
C GLU B 180 41.17 13.51 -51.78
N ILE B 181 39.87 13.65 -51.48
CA ILE B 181 39.29 13.12 -50.26
C ILE B 181 38.04 12.35 -50.62
N THR B 182 37.76 11.29 -49.86
CA THR B 182 36.58 10.46 -50.04
C THR B 182 35.49 10.90 -49.06
N THR B 183 34.25 10.90 -49.54
CA THR B 183 33.12 11.29 -48.71
C THR B 183 32.06 10.19 -48.70
N LYS B 207 28.94 6.71 -51.93
CA LYS B 207 30.33 7.09 -52.12
C LYS B 207 30.44 8.40 -52.88
N LYS B 208 31.36 9.26 -52.45
CA LYS B 208 31.59 10.54 -53.10
C LYS B 208 33.06 10.91 -52.97
N LYS B 209 33.51 11.79 -53.86
CA LYS B 209 34.88 12.26 -53.87
C LYS B 209 34.90 13.77 -54.00
N GLN B 210 35.97 14.39 -53.49
CA GLN B 210 36.15 15.82 -53.61
C GLN B 210 37.63 16.13 -53.80
N ARG B 211 37.90 17.25 -54.47
CA ARG B 211 39.27 17.69 -54.73
C ARG B 211 39.46 19.11 -54.20
N LEU B 212 40.61 19.33 -53.56
CA LEU B 212 40.99 20.65 -53.07
C LEU B 212 42.37 20.99 -53.63
N ASN B 213 42.48 22.22 -54.13
CA ASN B 213 43.73 22.69 -54.73
C ASN B 213 44.72 23.02 -53.62
N LYS B 214 45.85 23.62 -53.98
CA LYS B 214 46.89 23.90 -53.00
C LYS B 214 46.40 24.88 -51.93
N ARG B 215 45.78 25.99 -52.35
CA ARG B 215 45.40 27.01 -51.39
C ARG B 215 44.35 26.50 -50.40
N SER B 216 43.37 25.75 -50.90
CA SER B 216 42.32 25.26 -50.00
C SER B 216 42.88 24.31 -48.95
N TYR B 217 43.72 23.35 -49.39
CA TYR B 217 44.31 22.43 -48.42
C TYR B 217 45.21 23.16 -47.44
N LEU B 218 45.99 24.13 -47.93
CA LEU B 218 46.87 24.86 -47.03
C LEU B 218 46.07 25.63 -45.98
N ILE B 219 44.98 26.27 -46.39
CA ILE B 219 44.15 27.00 -45.43
C ILE B 219 43.52 26.02 -44.45
N ARG B 220 43.14 24.83 -44.92
CA ARG B 220 42.56 23.85 -44.00
C ARG B 220 43.59 23.37 -42.98
N ALA B 221 44.85 23.22 -43.40
CA ALA B 221 45.88 22.70 -42.50
C ALA B 221 46.32 23.71 -41.46
N LEU B 222 46.07 25.00 -41.67
CA LEU B 222 46.45 26.05 -40.74
C LEU B 222 45.25 26.63 -40.01
N THR B 223 44.26 25.81 -39.68
CA THR B 223 42.99 26.26 -39.15
C THR B 223 42.83 25.80 -37.70
N LEU B 224 42.29 26.68 -36.87
CA LEU B 224 41.94 26.38 -35.48
C LEU B 224 40.42 26.42 -35.34
N ASN B 225 39.90 25.54 -34.49
CA ASN B 225 38.47 25.47 -34.22
C ASN B 225 38.19 26.10 -32.86
N THR B 226 37.30 27.08 -32.84
CA THR B 226 37.03 27.87 -31.64
C THR B 226 35.65 27.56 -31.09
N MET B 227 35.54 27.58 -29.76
CA MET B 227 34.25 27.36 -29.11
C MET B 227 34.30 27.95 -27.70
N THR B 228 33.12 28.14 -27.12
CA THR B 228 33.03 28.70 -25.78
C THR B 228 33.45 27.68 -24.74
N LYS B 229 33.99 28.17 -23.63
CA LYS B 229 34.48 27.32 -22.54
C LYS B 229 33.42 27.23 -21.46
N ASP B 230 33.06 26.00 -21.09
CA ASP B 230 31.96 25.74 -20.17
C ASP B 230 32.49 25.24 -18.83
N ALA B 231 31.69 25.47 -17.78
CA ALA B 231 31.98 24.99 -16.44
C ALA B 231 33.30 25.58 -15.91
N GLU B 232 33.31 26.90 -15.80
CA GLU B 232 34.48 27.64 -15.34
C GLU B 232 34.09 28.52 -14.16
N ARG B 233 34.96 28.55 -13.14
CA ARG B 233 34.69 29.25 -11.90
C ARG B 233 35.53 30.52 -11.81
N GLY B 234 35.05 31.44 -10.98
CA GLY B 234 35.77 32.66 -10.68
C GLY B 234 35.61 33.77 -11.68
N LYS B 235 34.74 33.62 -12.68
CA LYS B 235 34.52 34.65 -13.68
C LYS B 235 33.03 34.84 -13.93
N LEU B 236 32.66 36.04 -14.35
CA LEU B 236 31.29 36.38 -14.66
C LEU B 236 30.95 36.09 -16.12
N LYS B 237 31.82 36.53 -17.04
CA LYS B 237 31.55 36.45 -18.46
C LYS B 237 32.30 35.27 -19.08
N ARG B 238 31.76 34.76 -20.18
CA ARG B 238 32.29 33.57 -20.84
C ARG B 238 33.55 33.90 -21.62
N ARG B 239 34.21 32.85 -22.10
CA ARG B 239 35.46 32.97 -22.83
C ARG B 239 35.45 32.01 -24.00
N ALA B 240 36.34 32.25 -24.96
CA ALA B 240 36.49 31.41 -26.14
C ALA B 240 37.85 30.75 -26.13
N ILE B 241 37.89 29.44 -26.39
CA ILE B 241 39.13 28.68 -26.46
C ILE B 241 39.15 27.94 -27.78
N ALA B 242 40.37 27.65 -28.25
CA ALA B 242 40.60 27.08 -29.57
C ALA B 242 41.36 25.77 -29.45
N THR B 243 41.15 24.92 -30.45
CA THR B 243 41.83 23.64 -30.56
C THR B 243 42.43 23.51 -31.96
N PRO B 244 43.62 22.91 -32.09
CA PRO B 244 44.26 22.85 -33.41
C PRO B 244 43.88 21.63 -34.23
N GLY B 245 44.47 21.50 -35.41
CA GLY B 245 44.24 20.36 -36.28
C GLY B 245 45.15 19.20 -35.95
N MET B 246 45.48 18.42 -36.98
CA MET B 246 46.35 17.26 -36.81
C MET B 246 47.76 17.49 -37.35
N GLN B 247 47.97 18.48 -38.19
CA GLN B 247 49.30 18.73 -38.76
C GLN B 247 50.20 19.53 -37.83
N ILE B 248 49.66 20.10 -36.75
CA ILE B 248 50.46 20.91 -35.83
C ILE B 248 50.71 20.20 -34.50
N ARG B 249 50.02 19.10 -34.22
CA ARG B 249 50.10 18.50 -32.90
C ARG B 249 51.51 17.96 -32.61
N GLY B 250 52.13 17.30 -33.58
CA GLY B 250 53.42 16.68 -33.31
C GLY B 250 54.53 17.69 -33.04
N PHE B 251 54.60 18.74 -33.84
CA PHE B 251 55.61 19.77 -33.62
C PHE B 251 55.41 20.44 -32.26
N VAL B 252 54.15 20.71 -31.90
CA VAL B 252 53.87 21.29 -30.60
C VAL B 252 54.30 20.34 -29.50
N TYR B 253 54.06 19.04 -29.68
CA TYR B 253 54.47 18.08 -28.65
C TYR B 253 55.98 18.10 -28.45
N PHE B 254 56.74 18.14 -29.56
CA PHE B 254 58.20 18.21 -29.42
C PHE B 254 58.63 19.48 -28.71
N VAL B 255 58.03 20.62 -29.07
CA VAL B 255 58.41 21.88 -28.45
C VAL B 255 58.11 21.85 -26.96
N GLU B 256 56.97 21.27 -26.58
CA GLU B 256 56.61 21.19 -25.17
C GLU B 256 57.54 20.26 -24.42
N ALA B 257 57.97 19.17 -25.05
CA ALA B 257 58.96 18.30 -24.42
C ALA B 257 60.24 19.09 -24.12
N LEU B 258 60.71 19.86 -25.09
CA LEU B 258 61.91 20.67 -24.87
C LEU B 258 61.70 21.67 -23.73
N ALA B 259 60.56 22.35 -23.73
CA ALA B 259 60.30 23.35 -22.70
C ALA B 259 60.22 22.72 -21.32
N ARG B 260 59.57 21.56 -21.21
CA ARG B 260 59.52 20.86 -19.93
C ARG B 260 60.91 20.48 -19.45
N SER B 261 61.73 19.97 -20.37
CA SER B 261 63.10 19.61 -19.98
C SER B 261 63.86 20.82 -19.47
N ILE B 262 63.69 21.97 -20.12
CA ILE B 262 64.35 23.19 -19.66
C ILE B 262 63.84 23.59 -18.28
N CYS B 263 62.52 23.55 -18.10
CA CYS B 263 61.93 24.03 -16.85
C CYS B 263 62.28 23.14 -15.66
N GLU B 264 62.49 21.84 -15.90
CA GLU B 264 62.77 20.93 -14.79
C GLU B 264 64.01 21.35 -14.02
N LYS B 265 64.97 22.01 -14.67
CA LYS B 265 66.23 22.39 -14.05
C LYS B 265 66.21 23.79 -13.46
N LEU B 266 65.07 24.46 -13.47
CA LEU B 266 64.96 25.84 -12.98
C LEU B 266 64.33 25.84 -11.59
N GLU B 267 64.93 26.58 -10.67
CA GLU B 267 64.43 26.61 -9.30
C GLU B 267 63.17 27.46 -9.15
N GLN B 268 63.04 28.53 -9.92
CA GLN B 268 61.91 29.44 -9.77
C GLN B 268 60.67 28.96 -10.49
N SER B 269 60.78 28.00 -11.40
CA SER B 269 59.63 27.57 -12.19
C SER B 269 58.63 26.80 -11.33
N GLY B 270 57.36 27.16 -11.45
CA GLY B 270 56.30 26.50 -10.72
C GLY B 270 55.68 25.32 -11.42
N LEU B 271 56.25 24.87 -12.54
CA LEU B 271 55.75 23.74 -13.29
C LEU B 271 56.88 22.74 -13.52
N PRO B 272 56.55 21.45 -13.70
CA PRO B 272 55.23 20.81 -13.66
C PRO B 272 55.00 20.07 -12.34
N VAL B 273 55.39 20.68 -11.22
CA VAL B 273 55.34 20.02 -9.93
C VAL B 273 53.89 19.82 -9.49
N GLY B 274 53.69 19.00 -8.48
CA GLY B 274 52.35 18.66 -8.02
C GLY B 274 51.86 19.53 -6.88
N GLY B 275 51.73 18.95 -5.69
CA GLY B 275 51.22 19.69 -4.54
C GLY B 275 51.91 19.36 -3.24
N ASN B 276 53.04 18.65 -3.32
CA ASN B 276 53.81 18.28 -2.14
C ASN B 276 55.04 19.16 -1.92
N GLU B 277 55.68 19.61 -2.99
CA GLU B 277 56.87 20.44 -2.88
C GLU B 277 56.59 21.92 -3.13
N LYS B 278 55.37 22.28 -3.54
CA LYS B 278 55.07 23.69 -3.76
C LYS B 278 55.18 24.49 -2.46
N LYS B 279 54.68 23.92 -1.36
CA LYS B 279 54.86 24.56 -0.06
C LYS B 279 56.34 24.67 0.28
N ALA B 280 57.11 23.63 -0.04
CA ALA B 280 58.55 23.69 0.16
C ALA B 280 59.16 24.81 -0.66
N LYS B 281 58.69 25.00 -1.89
CA LYS B 281 59.22 26.08 -2.74
C LYS B 281 58.92 27.44 -2.13
N LEU B 282 57.69 27.63 -1.65
CA LEU B 282 57.33 28.92 -1.05
C LEU B 282 58.19 29.21 0.17
N ALA B 283 58.30 28.23 1.07
CA ALA B 283 59.11 28.43 2.27
C ALA B 283 60.58 28.67 1.91
N ASN B 284 61.08 27.95 0.91
CA ASN B 284 62.46 28.12 0.48
C ASN B 284 62.71 29.55 0.00
N VAL B 285 61.81 30.06 -0.85
CA VAL B 285 61.99 31.41 -1.36
C VAL B 285 61.97 32.43 -0.23
N VAL B 286 61.00 32.28 0.69
CA VAL B 286 60.89 33.26 1.77
C VAL B 286 62.13 33.23 2.65
N ARG B 287 62.61 32.03 3.01
CA ARG B 287 63.79 31.95 3.86
C ARG B 287 65.02 32.47 3.14
N LYS B 288 65.16 32.23 1.85
CA LYS B 288 66.30 32.74 1.11
C LYS B 288 66.29 34.26 1.08
N MET B 289 65.12 34.87 0.94
CA MET B 289 65.04 36.32 0.86
C MET B 289 64.89 37.00 2.21
N MET B 290 64.82 36.25 3.31
CA MET B 290 64.78 36.81 4.65
C MET B 290 66.06 36.57 5.45
N THR B 291 66.53 35.32 5.50
CA THR B 291 67.62 34.99 6.42
C THR B 291 68.88 35.80 6.14
N ASN B 292 69.28 35.89 4.87
CA ASN B 292 70.49 36.61 4.53
C ASN B 292 70.37 38.11 4.80
N SER B 293 69.15 38.61 4.95
CA SER B 293 68.96 40.04 5.21
C SER B 293 69.53 40.42 6.57
N GLN B 294 70.08 41.62 6.64
CA GLN B 294 70.62 42.15 7.88
C GLN B 294 69.47 42.65 8.75
N ASP B 295 69.79 43.36 9.83
CA ASP B 295 68.79 43.86 10.77
C ASP B 295 68.27 45.24 10.40
N THR B 296 68.75 45.83 9.30
CA THR B 296 68.31 47.15 8.86
C THR B 296 67.95 47.14 7.38
N GLU B 297 67.45 46.01 6.87
CA GLU B 297 67.06 45.86 5.48
C GLU B 297 65.56 45.65 5.39
N LEU B 298 64.91 46.40 4.50
CA LEU B 298 63.47 46.29 4.31
C LEU B 298 63.16 45.26 3.22
N SER B 299 62.13 44.45 3.46
CA SER B 299 61.69 43.43 2.53
C SER B 299 60.20 43.56 2.30
N PHE B 300 59.76 43.41 1.05
CA PHE B 300 58.36 43.53 0.68
C PHE B 300 58.00 42.41 -0.29
N THR B 301 56.71 42.06 -0.31
CA THR B 301 56.19 40.99 -1.15
C THR B 301 55.05 41.51 -2.00
N ILE B 302 55.08 41.17 -3.29
CA ILE B 302 54.04 41.51 -4.25
C ILE B 302 53.37 40.23 -4.69
N THR B 303 52.04 40.19 -4.62
CA THR B 303 51.25 39.12 -5.18
C THR B 303 50.38 39.71 -6.27
N GLY B 304 50.52 39.20 -7.49
CA GLY B 304 49.83 39.79 -8.63
C GLY B 304 49.73 38.84 -9.79
N ASP B 305 48.89 39.21 -10.74
CA ASP B 305 48.62 38.42 -11.94
C ASP B 305 49.11 39.18 -13.18
N ASN B 306 49.02 38.52 -14.32
CA ASN B 306 49.38 39.10 -15.60
C ASN B 306 48.11 39.26 -16.44
N THR B 307 47.97 40.41 -17.09
CA THR B 307 46.78 40.72 -17.86
C THR B 307 47.01 40.42 -19.33
N LYS B 308 45.99 39.83 -19.97
CA LYS B 308 46.05 39.49 -21.38
C LYS B 308 47.31 38.71 -21.70
N TRP B 309 47.55 37.65 -20.92
CA TRP B 309 48.76 36.86 -21.09
C TRP B 309 48.80 36.21 -22.47
N ASN B 310 47.68 35.68 -22.93
CA ASN B 310 47.66 34.91 -24.16
C ASN B 310 47.63 35.80 -25.40
N GLU B 311 47.22 37.06 -25.27
CA GLU B 311 47.00 37.94 -26.41
C GLU B 311 48.18 38.89 -26.63
N ASN B 312 49.36 38.57 -26.11
CA ASN B 312 50.51 39.44 -26.27
C ASN B 312 51.81 38.66 -26.53
N GLN B 313 51.73 37.35 -26.71
CA GLN B 313 52.90 36.52 -26.95
C GLN B 313 52.97 36.19 -28.44
N ASN B 314 53.88 36.85 -29.13
CA ASN B 314 54.01 36.69 -30.58
C ASN B 314 54.78 35.41 -30.90
N PRO B 315 54.32 34.58 -31.83
CA PRO B 315 55.09 33.37 -32.18
C PRO B 315 56.46 33.67 -32.75
N ARG B 316 56.69 34.88 -33.27
CA ARG B 316 58.03 35.22 -33.75
C ARG B 316 59.03 35.26 -32.61
N MET B 317 58.63 35.74 -31.44
CA MET B 317 59.51 35.71 -30.28
C MET B 317 59.78 34.26 -29.85
N PHE B 318 58.78 33.39 -29.94
CA PHE B 318 59.02 31.98 -29.65
C PHE B 318 60.01 31.40 -30.64
N LEU B 319 59.91 31.77 -31.92
CA LEU B 319 60.87 31.30 -32.90
C LEU B 319 62.28 31.78 -32.57
N ALA B 320 62.41 33.04 -32.16
CA ALA B 320 63.72 33.56 -31.78
C ALA B 320 64.28 32.82 -30.57
N MET B 321 63.43 32.56 -29.57
CA MET B 321 63.87 31.83 -28.39
C MET B 321 64.31 30.43 -28.75
N ILE B 322 63.57 29.75 -29.62
CA ILE B 322 63.92 28.39 -30.02
C ILE B 322 65.21 28.39 -30.83
N THR B 323 65.41 29.41 -31.67
CA THR B 323 66.65 29.51 -32.42
C THR B 323 67.84 29.71 -31.49
N TYR B 324 67.69 30.56 -30.48
CA TYR B 324 68.79 30.78 -29.55
C TYR B 324 69.06 29.54 -28.70
N ILE B 325 68.00 28.83 -28.31
CA ILE B 325 68.17 27.67 -27.44
C ILE B 325 68.96 26.57 -28.15
N THR B 326 68.67 26.35 -29.44
CA THR B 326 69.21 25.21 -30.17
C THR B 326 70.45 25.55 -30.97
N ARG B 327 71.24 26.52 -30.52
CA ARG B 327 72.47 26.87 -31.23
C ARG B 327 73.44 25.71 -31.21
N ASN B 328 74.21 25.59 -32.29
CA ASN B 328 75.22 24.54 -32.44
C ASN B 328 74.59 23.15 -32.27
N GLN B 329 73.66 22.86 -33.16
CA GLN B 329 72.93 21.61 -33.16
C GLN B 329 72.78 21.12 -34.60
N PRO B 330 72.43 19.85 -34.79
CA PRO B 330 72.18 19.37 -36.15
C PRO B 330 71.04 20.14 -36.80
N GLU B 331 71.15 20.31 -38.12
CA GLU B 331 70.15 21.11 -38.84
C GLU B 331 68.76 20.49 -38.75
N TRP B 332 68.68 19.16 -38.82
CA TRP B 332 67.37 18.51 -38.77
C TRP B 332 66.65 18.81 -37.46
N PHE B 333 67.38 18.77 -36.34
CA PHE B 333 66.78 19.07 -35.05
C PHE B 333 66.25 20.51 -35.03
N ARG B 334 67.06 21.45 -35.50
CA ARG B 334 66.62 22.84 -35.53
C ARG B 334 65.36 23.00 -36.35
N ASN B 335 65.31 22.37 -37.52
CA ASN B 335 64.15 22.51 -38.40
C ASN B 335 62.90 21.91 -37.76
N VAL B 336 63.03 20.69 -37.22
CA VAL B 336 61.85 20.04 -36.66
C VAL B 336 61.34 20.81 -35.45
N LEU B 337 62.23 21.42 -34.67
CA LEU B 337 61.79 22.18 -33.51
C LEU B 337 61.21 23.52 -33.90
N SER B 338 61.73 24.15 -34.96
CA SER B 338 61.29 25.49 -35.34
C SER B 338 60.13 25.50 -36.32
N ILE B 339 59.67 24.34 -36.79
CA ILE B 339 58.50 24.32 -37.65
C ILE B 339 57.28 24.89 -36.93
N ALA B 340 57.06 24.48 -35.68
CA ALA B 340 55.82 24.83 -35.00
C ALA B 340 55.58 26.34 -34.93
N PRO B 341 56.54 27.17 -34.53
CA PRO B 341 56.29 28.62 -34.57
C PRO B 341 55.92 29.14 -35.95
N ILE B 342 56.49 28.55 -37.01
CA ILE B 342 56.16 29.00 -38.36
C ILE B 342 54.68 28.76 -38.64
N MET B 343 54.18 27.56 -38.29
CA MET B 343 52.77 27.27 -38.50
C MET B 343 51.89 28.16 -37.63
N PHE B 344 52.30 28.37 -36.37
CA PHE B 344 51.47 29.16 -35.47
C PHE B 344 51.43 30.63 -35.86
N SER B 345 52.46 31.11 -36.56
CA SER B 345 52.50 32.50 -36.97
C SER B 345 51.68 32.77 -38.23
N ASN B 346 51.17 31.72 -38.88
CA ASN B 346 50.38 31.84 -40.10
C ASN B 346 49.06 31.10 -39.96
N LYS B 347 48.48 31.13 -38.76
CA LYS B 347 47.30 30.34 -38.44
C LYS B 347 46.03 31.07 -38.89
N MET B 348 44.94 30.31 -38.93
CA MET B 348 43.61 30.82 -39.25
C MET B 348 42.65 30.36 -38.16
N ALA B 349 41.65 31.20 -37.89
CA ALA B 349 40.65 30.92 -36.86
C ALA B 349 39.29 30.75 -37.52
N ARG B 350 38.60 29.66 -37.16
CA ARG B 350 37.24 29.43 -37.64
C ARG B 350 36.28 30.21 -36.77
N LEU B 351 35.40 30.97 -37.41
CA LEU B 351 34.50 31.85 -36.65
C LEU B 351 33.58 31.05 -35.74
N GLY B 352 33.05 29.93 -36.22
CA GLY B 352 32.27 29.06 -35.36
C GLY B 352 30.94 28.63 -35.93
N LYS B 353 29.95 28.46 -35.04
CA LYS B 353 28.65 27.92 -35.45
C LYS B 353 27.86 28.93 -36.27
N GLY B 354 27.82 30.19 -35.84
CA GLY B 354 27.06 31.20 -36.55
C GLY B 354 26.17 32.00 -35.62
N TYR B 355 25.03 32.46 -36.12
CA TYR B 355 24.08 33.26 -35.35
C TYR B 355 22.68 32.71 -35.55
N MET B 356 21.75 33.19 -34.73
CA MET B 356 20.36 32.77 -34.79
C MET B 356 19.47 34.00 -34.92
N PHE B 357 18.55 33.96 -35.88
CA PHE B 357 17.63 35.05 -36.15
C PHE B 357 16.23 34.66 -35.71
N GLU B 358 15.48 35.63 -35.20
CA GLU B 358 14.12 35.41 -34.72
C GLU B 358 13.20 36.49 -35.28
N SER B 359 12.04 36.08 -35.76
CA SER B 359 10.99 36.98 -36.23
C SER B 359 9.83 36.88 -35.24
N LYS B 360 9.62 37.93 -34.46
CA LYS B 360 8.58 37.93 -33.45
C LYS B 360 7.20 38.15 -34.06
N SER B 361 7.11 38.99 -35.08
CA SER B 361 5.82 39.30 -35.68
C SER B 361 5.18 38.05 -36.30
N MET B 362 5.98 37.27 -37.03
CA MET B 362 5.48 36.07 -37.70
C MET B 362 5.93 34.78 -37.02
N LYS B 363 6.63 34.87 -35.90
CA LYS B 363 6.96 33.69 -35.08
C LYS B 363 7.78 32.69 -35.89
N LEU B 364 8.96 33.14 -36.32
CA LEU B 364 9.90 32.30 -37.05
C LEU B 364 11.26 32.31 -36.35
N ARG B 365 12.02 31.26 -36.57
CA ARG B 365 13.42 31.23 -36.16
C ARG B 365 14.24 30.60 -37.27
N THR B 366 15.47 31.08 -37.43
CA THR B 366 16.37 30.59 -38.46
C THR B 366 17.80 30.66 -37.95
N GLN B 367 18.70 29.95 -38.64
CA GLN B 367 20.12 29.95 -38.31
C GLN B 367 20.91 30.49 -39.48
N VAL B 368 21.88 31.36 -39.19
CA VAL B 368 22.76 31.95 -40.19
C VAL B 368 24.16 31.39 -39.97
N PRO B 369 24.67 30.53 -40.85
CA PRO B 369 26.03 30.02 -40.67
C PRO B 369 27.06 31.12 -40.84
N ALA B 370 28.22 30.92 -40.18
CA ALA B 370 29.26 31.93 -40.20
C ALA B 370 29.76 32.23 -41.61
N GLU B 371 29.64 31.27 -42.53
CA GLU B 371 30.19 31.47 -43.87
C GLU B 371 29.60 32.70 -44.54
N MET B 372 28.36 33.05 -44.21
CA MET B 372 27.70 34.18 -44.86
C MET B 372 27.97 35.51 -44.16
N LEU B 373 28.71 35.51 -43.06
CA LEU B 373 28.98 36.77 -42.37
C LEU B 373 29.78 37.73 -43.25
N ALA B 374 30.60 37.19 -44.16
CA ALA B 374 31.44 38.06 -45.00
C ALA B 374 30.59 38.95 -45.89
N ASN B 375 29.56 38.39 -46.53
CA ASN B 375 28.70 39.12 -47.45
C ASN B 375 27.25 38.98 -46.97
N ILE B 376 26.79 39.98 -46.21
CA ILE B 376 25.44 39.96 -45.67
C ILE B 376 25.13 41.36 -45.18
N ASP B 377 23.86 41.76 -45.30
CA ASP B 377 23.44 43.05 -44.80
C ASP B 377 23.60 43.11 -43.29
N LEU B 378 23.94 44.30 -42.79
CA LEU B 378 24.16 44.52 -41.36
C LEU B 378 22.94 45.11 -40.67
N LYS B 379 21.78 45.12 -41.31
CA LYS B 379 20.57 45.64 -40.69
C LYS B 379 20.01 44.71 -39.63
N TYR B 380 20.37 43.42 -39.66
CA TYR B 380 19.83 42.47 -38.70
C TYR B 380 20.46 42.64 -37.32
N PHE B 381 21.75 42.90 -37.26
CA PHE B 381 22.49 42.84 -36.01
C PHE B 381 22.31 44.11 -35.18
N ASN B 382 22.64 44.00 -33.90
CA ASN B 382 22.59 45.15 -32.99
C ASN B 382 23.87 45.96 -33.15
N LYS B 383 24.07 46.95 -32.28
CA LYS B 383 25.22 47.85 -32.42
C LYS B 383 26.54 47.10 -32.28
N SER B 384 26.70 46.36 -31.19
CA SER B 384 28.00 45.76 -30.90
C SER B 384 28.38 44.71 -31.94
N THR B 385 27.43 43.85 -32.31
CA THR B 385 27.73 42.82 -33.30
C THR B 385 28.04 43.44 -34.65
N ARG B 386 27.30 44.49 -35.03
CA ARG B 386 27.59 45.16 -36.29
C ARG B 386 28.98 45.77 -36.28
N GLU B 387 29.37 46.39 -35.16
CA GLU B 387 30.71 46.96 -35.07
C GLU B 387 31.78 45.88 -35.18
N LYS B 388 31.56 44.75 -34.51
CA LYS B 388 32.52 43.65 -34.60
C LYS B 388 32.65 43.14 -36.03
N ILE B 389 31.51 42.97 -36.71
CA ILE B 389 31.54 42.48 -38.09
C ILE B 389 32.29 43.48 -38.98
N GLU B 390 31.98 44.76 -38.83
CA GLU B 390 32.65 45.77 -39.65
C GLU B 390 34.15 45.77 -39.40
N LYS B 391 34.57 45.68 -38.14
CA LYS B 391 35.99 45.70 -37.82
C LYS B 391 36.70 44.47 -38.38
N ILE B 392 36.08 43.29 -38.27
CA ILE B 392 36.76 42.06 -38.67
C ILE B 392 36.60 41.73 -40.15
N ARG B 393 35.74 42.44 -40.87
CA ARG B 393 35.52 42.11 -42.28
C ARG B 393 36.80 42.07 -43.11
N PRO B 394 37.72 43.02 -43.01
CA PRO B 394 38.90 42.98 -43.90
C PRO B 394 39.77 41.75 -43.71
N LEU B 395 39.61 41.02 -42.59
CA LEU B 395 40.46 39.88 -42.32
C LEU B 395 39.91 38.56 -42.86
N LEU B 396 38.60 38.44 -43.03
CA LEU B 396 38.02 37.16 -43.44
C LEU B 396 38.56 36.71 -44.78
N ILE B 397 38.82 35.41 -44.88
CA ILE B 397 39.18 34.78 -46.14
C ILE B 397 38.71 33.33 -46.13
N ASP B 398 37.83 32.98 -47.07
CA ASP B 398 37.30 31.62 -47.19
C ASP B 398 36.62 31.17 -45.89
N GLY B 399 35.91 32.09 -45.26
CA GLY B 399 35.13 31.75 -44.08
C GLY B 399 35.89 31.72 -42.78
N THR B 400 37.16 32.11 -42.76
CA THR B 400 37.99 32.12 -41.57
C THR B 400 38.72 33.44 -41.47
N ALA B 401 39.23 33.74 -40.28
CA ALA B 401 39.90 35.01 -40.01
C ALA B 401 41.37 34.77 -39.74
N SER B 402 42.24 35.58 -40.36
CA SER B 402 43.67 35.47 -40.09
C SER B 402 43.99 36.04 -38.72
N LEU B 403 44.82 35.31 -37.97
CA LEU B 403 45.14 35.65 -36.58
C LEU B 403 46.63 35.52 -36.34
N SER B 404 47.44 36.15 -37.20
CA SER B 404 48.89 36.03 -37.08
C SER B 404 49.43 36.42 -35.71
N PRO B 405 49.06 37.56 -35.13
CA PRO B 405 49.62 37.94 -33.84
C PRO B 405 48.89 37.28 -32.68
N GLY B 406 49.64 37.04 -31.60
CA GLY B 406 49.07 36.52 -30.38
C GLY B 406 48.83 35.03 -30.43
N MET B 407 48.66 34.44 -29.24
CA MET B 407 48.41 33.01 -29.08
C MET B 407 47.02 32.85 -28.50
N MET B 408 46.10 32.28 -29.29
CA MET B 408 44.69 32.27 -28.90
C MET B 408 44.47 31.40 -27.67
N MET B 409 44.95 30.16 -27.69
CA MET B 409 44.68 29.19 -26.64
C MET B 409 45.90 28.82 -25.82
N GLY B 410 47.07 29.33 -26.16
CA GLY B 410 48.24 29.16 -25.32
C GLY B 410 48.66 27.72 -25.09
N MET B 411 48.78 26.94 -26.16
CA MET B 411 49.36 25.60 -26.02
C MET B 411 50.80 25.65 -25.54
N PHE B 412 51.47 26.80 -25.69
CA PHE B 412 52.84 26.97 -25.20
C PHE B 412 52.81 27.42 -23.75
N ASN B 413 52.36 26.50 -22.89
CA ASN B 413 52.19 26.78 -21.49
C ASN B 413 53.50 26.80 -20.71
N MET B 414 54.59 26.30 -21.30
CA MET B 414 55.86 26.16 -20.59
C MET B 414 56.97 27.03 -21.15
N LEU B 415 56.90 27.45 -22.41
CA LEU B 415 57.88 28.40 -22.92
C LEU B 415 57.67 29.78 -22.30
N SER B 416 56.41 30.18 -22.15
CA SER B 416 56.13 31.46 -21.51
C SER B 416 56.62 31.48 -20.07
N THR B 417 56.51 30.34 -19.38
CA THR B 417 57.07 30.25 -18.04
C THR B 417 58.58 30.43 -18.05
N VAL B 418 59.25 29.86 -19.06
CA VAL B 418 60.70 30.05 -19.18
C VAL B 418 61.03 31.52 -19.38
N LEU B 419 60.26 32.21 -20.21
CA LEU B 419 60.49 33.64 -20.43
C LEU B 419 60.32 34.42 -19.13
N GLY B 420 59.23 34.15 -18.40
CA GLY B 420 59.02 34.83 -17.14
C GLY B 420 60.12 34.56 -16.14
N VAL B 421 60.58 33.31 -16.08
CA VAL B 421 61.66 32.98 -15.15
C VAL B 421 62.95 33.68 -15.54
N SER B 422 63.19 33.83 -16.84
CA SER B 422 64.37 34.58 -17.26
C SER B 422 64.28 36.03 -16.80
N ILE B 423 63.10 36.64 -16.94
CA ILE B 423 62.95 38.02 -16.46
C ILE B 423 63.15 38.09 -14.95
N LEU B 424 62.64 37.11 -14.21
CA LEU B 424 62.85 37.07 -12.77
C LEU B 424 64.32 36.97 -12.43
N ASN B 425 65.04 36.08 -13.11
CA ASN B 425 66.47 35.92 -12.90
C ASN B 425 67.22 37.21 -13.19
N LEU B 426 66.74 37.98 -14.16
CA LEU B 426 67.42 39.21 -14.57
C LEU B 426 67.59 40.21 -13.44
N GLY B 427 67.00 39.94 -12.27
CA GLY B 427 67.07 40.88 -11.17
C GLY B 427 68.06 40.51 -10.08
N GLN B 428 69.10 39.76 -10.43
CA GLN B 428 70.10 39.40 -9.44
C GLN B 428 70.87 40.63 -8.98
N LYS B 429 71.61 40.45 -7.88
CA LYS B 429 72.44 41.54 -7.36
C LYS B 429 73.49 41.99 -8.37
N LYS B 430 73.97 41.06 -9.21
CA LYS B 430 75.00 41.41 -10.18
C LYS B 430 74.44 42.31 -11.27
N TYR B 431 73.30 41.94 -11.84
CA TYR B 431 72.75 42.66 -12.98
C TYR B 431 72.12 43.98 -12.56
N THR B 432 71.48 44.02 -11.39
CA THR B 432 70.81 45.23 -10.96
C THR B 432 71.80 46.38 -10.77
N LYS B 433 72.98 46.09 -10.22
CA LYS B 433 74.01 47.10 -10.01
C LYS B 433 73.51 48.25 -9.14
N THR B 434 72.71 47.93 -8.13
CA THR B 434 72.18 48.92 -7.21
C THR B 434 71.84 48.23 -5.90
N THR B 435 71.48 49.02 -4.89
CA THR B 435 71.27 48.47 -3.56
C THR B 435 70.12 47.45 -3.56
N TYR B 436 69.01 47.77 -4.24
CA TYR B 436 67.85 46.89 -4.19
C TYR B 436 68.06 45.64 -5.03
N TRP B 437 67.31 44.60 -4.71
CA TRP B 437 67.32 43.37 -5.48
C TRP B 437 66.00 42.65 -5.24
N TRP B 438 65.75 41.59 -6.02
CA TRP B 438 64.47 40.91 -5.93
C TRP B 438 64.59 39.48 -6.46
N ASP B 439 63.58 38.68 -6.14
CA ASP B 439 63.45 37.33 -6.68
C ASP B 439 62.08 36.79 -6.28
N GLY B 440 61.66 35.72 -6.95
CA GLY B 440 60.34 35.17 -6.65
C GLY B 440 60.00 33.88 -7.39
N LEU B 441 58.71 33.70 -7.66
CA LEU B 441 58.20 32.49 -8.29
C LEU B 441 57.28 32.85 -9.45
N GLN B 442 57.27 32.00 -10.47
CA GLN B 442 56.47 32.21 -11.67
C GLN B 442 55.87 30.89 -12.13
N SER B 443 54.61 30.92 -12.55
CA SER B 443 53.95 29.75 -13.11
C SER B 443 52.96 30.26 -14.16
N SER B 444 53.37 30.20 -15.43
CA SER B 444 52.55 30.69 -16.54
C SER B 444 52.02 32.09 -16.24
N ASP B 445 50.73 32.20 -15.93
CA ASP B 445 50.12 33.51 -15.74
C ASP B 445 50.46 34.11 -14.39
N ASP B 446 50.58 33.29 -13.35
CA ASP B 446 50.72 33.80 -11.99
C ASP B 446 52.18 34.01 -11.63
N PHE B 447 52.41 34.96 -10.73
CA PHE B 447 53.76 35.22 -10.25
C PHE B 447 53.67 35.85 -8.86
N ALA B 448 54.75 35.69 -8.10
CA ALA B 448 54.92 36.33 -6.81
C ALA B 448 56.35 36.84 -6.72
N LEU B 449 56.52 38.02 -6.12
CA LEU B 449 57.81 38.70 -6.11
C LEU B 449 58.16 39.14 -4.70
N ILE B 450 59.46 39.18 -4.40
CA ILE B 450 59.97 39.66 -3.13
C ILE B 450 61.13 40.59 -3.42
N VAL B 451 61.06 41.81 -2.87
CA VAL B 451 62.02 42.87 -3.14
C VAL B 451 62.65 43.30 -1.83
N ASN B 452 63.98 43.33 -1.80
CA ASN B 452 64.74 43.77 -0.63
C ASN B 452 65.51 45.04 -0.98
N ALA B 453 65.42 46.04 -0.11
CA ALA B 453 66.08 47.32 -0.32
C ALA B 453 66.25 47.99 1.03
N PRO B 454 67.18 48.95 1.15
CA PRO B 454 67.42 49.59 2.45
C PRO B 454 66.38 50.62 2.85
N ASN B 455 65.65 51.23 1.90
CA ASN B 455 64.65 52.23 2.19
C ASN B 455 63.38 51.94 1.39
N HIS B 456 62.38 52.79 1.57
CA HIS B 456 61.19 52.69 0.73
C HIS B 456 61.47 53.20 -0.68
N GLU B 457 62.39 54.15 -0.83
CA GLU B 457 62.77 54.60 -2.16
C GLU B 457 63.39 53.46 -2.96
N GLY B 458 64.22 52.65 -2.31
CA GLY B 458 64.78 51.49 -2.98
C GLY B 458 63.70 50.50 -3.39
N ILE B 459 62.70 50.30 -2.52
CA ILE B 459 61.60 49.40 -2.86
C ILE B 459 60.87 49.91 -4.10
N GLN B 460 60.56 51.20 -4.13
CA GLN B 460 59.85 51.77 -5.27
C GLN B 460 60.69 51.65 -6.53
N ALA B 461 61.99 51.92 -6.43
CA ALA B 461 62.85 51.82 -7.60
C ALA B 461 62.89 50.39 -8.13
N GLY B 462 62.98 49.41 -7.23
CA GLY B 462 62.97 48.03 -7.67
C GLY B 462 61.67 47.64 -8.35
N VAL B 463 60.55 48.07 -7.79
CA VAL B 463 59.26 47.73 -8.39
C VAL B 463 59.15 48.34 -9.79
N ASP B 464 59.54 49.62 -9.92
CA ASP B 464 59.49 50.26 -11.23
C ASP B 464 60.40 49.57 -12.23
N ARG B 465 61.61 49.20 -11.79
CA ARG B 465 62.54 48.54 -12.70
C ARG B 465 61.98 47.20 -13.17
N PHE B 466 61.39 46.42 -12.25
CA PHE B 466 60.81 45.15 -12.67
C PHE B 466 59.68 45.36 -13.66
N TYR B 467 58.78 46.31 -13.38
CA TYR B 467 57.66 46.55 -14.28
C TYR B 467 58.14 46.97 -15.66
N ARG B 468 59.08 47.92 -15.72
CA ARG B 468 59.56 48.41 -17.00
C ARG B 468 60.29 47.31 -17.77
N THR B 469 61.13 46.53 -17.10
CA THR B 469 61.83 45.45 -17.79
C THR B 469 60.84 44.41 -18.32
N CYS B 470 59.79 44.13 -17.56
CA CYS B 470 58.77 43.21 -18.06
C CYS B 470 58.10 43.76 -19.30
N LYS B 471 57.78 45.06 -19.31
CA LYS B 471 57.11 45.64 -20.45
C LYS B 471 57.93 45.52 -21.73
N LEU B 472 59.26 45.45 -21.61
CA LEU B 472 60.12 45.42 -22.78
C LEU B 472 60.02 44.12 -23.56
N VAL B 473 59.38 43.10 -23.00
CA VAL B 473 59.32 41.78 -23.63
C VAL B 473 57.90 41.39 -24.03
N GLY B 474 56.89 42.15 -23.61
CA GLY B 474 55.51 41.81 -23.88
C GLY B 474 54.76 41.22 -22.71
N ILE B 475 55.36 41.19 -21.53
CA ILE B 475 54.71 40.69 -20.32
C ILE B 475 54.12 41.88 -19.58
N ASN B 476 52.82 41.82 -19.30
CA ASN B 476 52.10 42.90 -18.66
C ASN B 476 51.62 42.46 -17.28
N MET B 477 51.81 43.34 -16.30
CA MET B 477 51.40 43.09 -14.92
C MET B 477 50.06 43.74 -14.68
N SER B 478 49.14 43.01 -14.06
CA SER B 478 47.81 43.52 -13.78
C SER B 478 47.84 44.33 -12.49
N LYS B 479 47.44 45.60 -12.59
CA LYS B 479 47.44 46.50 -11.45
C LYS B 479 46.15 46.43 -10.63
N LYS B 480 45.13 45.74 -11.13
CA LYS B 480 43.88 45.59 -10.40
C LYS B 480 43.84 44.36 -9.51
N LYS B 481 44.60 43.33 -9.83
CA LYS B 481 44.61 42.08 -9.09
C LYS B 481 45.91 41.85 -8.34
N SER B 482 46.66 42.91 -8.09
CA SER B 482 47.98 42.81 -7.49
C SER B 482 48.09 43.75 -6.29
N TYR B 483 48.80 43.33 -5.26
CA TYR B 483 49.04 44.19 -4.10
C TYR B 483 50.35 43.81 -3.44
N ILE B 484 50.89 44.77 -2.68
CA ILE B 484 52.20 44.67 -2.05
C ILE B 484 52.04 44.89 -0.55
N ASN B 485 52.77 44.12 0.25
CA ASN B 485 52.76 44.28 1.69
C ASN B 485 54.13 43.88 2.24
N ARG B 486 54.27 43.90 3.56
CA ARG B 486 55.49 43.43 4.18
C ARG B 486 55.59 41.91 4.08
N THR B 487 56.78 41.41 3.80
CA THR B 487 56.93 39.99 3.57
C THR B 487 56.65 39.20 4.86
N GLY B 488 56.19 37.97 4.67
CA GLY B 488 55.79 37.12 5.77
C GLY B 488 54.51 36.38 5.46
N THR B 489 53.61 37.02 4.71
CA THR B 489 52.37 36.42 4.26
C THR B 489 52.13 36.80 2.81
N PHE B 490 51.66 35.84 2.01
CA PHE B 490 51.32 36.10 0.62
C PHE B 490 50.52 34.90 0.07
N GLU B 491 50.32 34.90 -1.24
CA GLU B 491 49.55 33.87 -1.92
C GLU B 491 50.21 33.53 -3.24
N PHE B 492 50.08 32.27 -3.67
CA PHE B 492 50.62 31.84 -4.95
C PHE B 492 49.79 30.67 -5.46
N THR B 493 49.05 30.89 -6.55
CA THR B 493 48.24 29.85 -7.17
C THR B 493 47.34 29.16 -6.14
N SER B 494 46.65 29.97 -5.34
CA SER B 494 45.71 29.54 -4.32
C SER B 494 46.38 28.86 -3.13
N PHE B 495 47.71 28.87 -3.06
CA PHE B 495 48.44 28.43 -1.87
C PHE B 495 48.64 29.66 -0.98
N PHE B 496 48.06 29.62 0.21
CA PHE B 496 48.01 30.80 1.09
C PHE B 496 49.06 30.66 2.19
N TYR B 497 50.17 31.39 2.05
CA TYR B 497 51.29 31.29 2.97
C TYR B 497 51.17 32.36 4.05
N ARG B 498 51.27 31.96 5.31
CA ARG B 498 51.19 32.88 6.45
C ARG B 498 52.15 32.39 7.52
N TYR B 499 53.26 33.11 7.70
CA TYR B 499 54.21 32.85 8.78
C TYR B 499 54.62 31.37 8.81
N GLY B 500 54.81 30.79 7.64
CA GLY B 500 55.28 29.42 7.51
C GLY B 500 54.19 28.39 7.27
N PHE B 501 52.94 28.72 7.57
CA PHE B 501 51.84 27.78 7.36
C PHE B 501 51.23 28.01 5.98
N VAL B 502 51.12 26.95 5.19
CA VAL B 502 50.62 27.02 3.83
C VAL B 502 49.36 26.16 3.73
N ALA B 503 48.30 26.75 3.17
CA ALA B 503 47.04 26.06 2.94
C ALA B 503 46.79 25.94 1.44
N ASN B 504 46.30 24.78 1.03
CA ASN B 504 46.11 24.43 -0.37
C ASN B 504 44.62 24.40 -0.68
N PHE B 505 44.20 25.20 -1.68
CA PHE B 505 42.80 25.26 -2.07
C PHE B 505 42.64 25.37 -3.57
N SER B 506 43.56 24.79 -4.34
CA SER B 506 43.55 24.91 -5.79
C SER B 506 42.76 23.80 -6.48
N MET B 507 42.13 22.90 -5.74
CA MET B 507 41.39 21.79 -6.32
C MET B 507 39.99 21.72 -5.73
N GLU B 508 39.02 21.37 -6.57
CA GLU B 508 37.64 21.23 -6.15
C GLU B 508 37.38 19.82 -5.64
N LEU B 509 36.60 19.73 -4.58
CA LEU B 509 36.32 18.43 -3.96
C LEU B 509 35.36 17.64 -4.86
N PRO B 510 35.68 16.38 -5.19
CA PRO B 510 34.79 15.60 -6.03
C PRO B 510 33.61 15.03 -5.23
N SER B 511 32.67 14.46 -5.97
CA SER B 511 31.55 13.75 -5.37
C SER B 511 31.93 12.27 -5.24
N PHE B 512 31.93 11.76 -4.02
CA PHE B 512 32.35 10.39 -3.76
C PHE B 512 31.14 9.49 -3.93
N GLY B 513 30.88 9.09 -5.17
CA GLY B 513 29.75 8.24 -5.49
C GLY B 513 30.17 6.96 -6.19
N VAL B 514 29.20 6.23 -6.73
CA VAL B 514 29.46 4.95 -7.38
C VAL B 514 29.82 5.19 -8.84
N SER B 515 30.92 4.58 -9.29
CA SER B 515 31.34 4.74 -10.68
C SER B 515 30.34 4.12 -11.64
N GLY B 516 29.77 2.98 -11.27
CA GLY B 516 28.82 2.31 -12.15
C GLY B 516 29.48 1.35 -13.12
N ILE B 517 30.21 0.36 -12.60
CA ILE B 517 30.83 -0.66 -13.42
C ILE B 517 30.36 -2.04 -12.95
N ASN B 518 30.69 -2.36 -11.69
CA ASN B 518 30.36 -3.67 -11.13
C ASN B 518 30.23 -3.53 -9.61
N GLU B 519 29.83 -4.62 -8.97
CA GLU B 519 29.79 -4.63 -7.51
C GLU B 519 31.18 -4.58 -6.90
N SER B 520 32.17 -5.17 -7.57
CA SER B 520 33.52 -5.25 -7.03
C SER B 520 34.43 -4.14 -7.53
N ALA B 521 34.19 -3.62 -8.73
CA ALA B 521 35.01 -2.51 -9.22
C ALA B 521 34.73 -1.22 -8.46
N ASP B 522 33.46 -0.98 -8.13
CA ASP B 522 33.09 0.29 -7.51
C ASP B 522 33.72 0.45 -6.14
N MET B 523 33.76 -0.62 -5.34
CA MET B 523 34.34 -0.53 -4.01
C MET B 523 35.79 -0.06 -4.08
N SER B 524 36.61 -0.76 -4.89
CA SER B 524 38.02 -0.41 -5.00
C SER B 524 38.18 0.98 -5.59
N VAL B 525 37.37 1.32 -6.59
CA VAL B 525 37.49 2.63 -7.22
C VAL B 525 37.23 3.73 -6.20
N GLY B 526 36.15 3.60 -5.42
CA GLY B 526 35.83 4.63 -4.46
C GLY B 526 36.86 4.76 -3.35
N VAL B 527 37.34 3.62 -2.84
CA VAL B 527 38.36 3.67 -1.79
C VAL B 527 39.63 4.31 -2.32
N THR B 528 40.03 3.97 -3.55
CA THR B 528 41.22 4.56 -4.13
C THR B 528 41.04 6.06 -4.35
N VAL B 529 39.85 6.49 -4.76
CA VAL B 529 39.59 7.90 -4.95
C VAL B 529 39.78 8.64 -3.62
N ILE B 530 39.20 8.09 -2.55
CA ILE B 530 39.34 8.72 -1.25
C ILE B 530 40.80 8.80 -0.84
N LYS B 531 41.55 7.71 -1.02
CA LYS B 531 42.95 7.69 -0.62
C LYS B 531 43.77 8.70 -1.41
N ASN B 532 43.54 8.77 -2.73
CA ASN B 532 44.30 9.70 -3.56
C ASN B 532 43.99 11.15 -3.20
N ASN B 533 42.71 11.45 -2.95
CA ASN B 533 42.37 12.80 -2.48
C ASN B 533 43.05 13.11 -1.17
N MET B 534 43.12 12.12 -0.26
CA MET B 534 43.79 12.32 1.01
C MET B 534 45.26 12.60 0.82
N ILE B 535 45.89 11.93 -0.15
CA ILE B 535 47.34 12.05 -0.33
C ILE B 535 47.71 13.35 -1.01
N ASN B 536 47.10 13.61 -2.19
CA ASN B 536 47.52 14.77 -2.98
C ASN B 536 46.84 16.06 -2.50
N ASN B 537 45.52 16.11 -2.57
CA ASN B 537 44.78 17.35 -2.34
C ASN B 537 44.65 17.70 -0.87
N ASP B 538 45.32 16.99 0.03
CA ASP B 538 45.34 17.31 1.45
C ASP B 538 43.94 17.30 2.04
N LEU B 539 43.30 16.14 1.94
CA LEU B 539 42.02 15.91 2.61
C LEU B 539 42.28 15.49 4.05
N GLY B 540 41.54 16.08 4.97
CA GLY B 540 41.72 15.78 6.37
C GLY B 540 41.12 14.44 6.74
N PRO B 541 41.44 13.99 7.94
CA PRO B 541 40.97 12.66 8.38
C PRO B 541 39.46 12.60 8.59
N ALA B 542 38.90 13.55 9.33
CA ALA B 542 37.47 13.50 9.61
C ALA B 542 36.65 13.64 8.33
N THR B 543 37.06 14.53 7.43
CA THR B 543 36.39 14.63 6.14
C THR B 543 36.50 13.32 5.36
N ALA B 544 37.64 12.64 5.47
CA ALA B 544 37.79 11.36 4.78
C ALA B 544 36.83 10.32 5.34
N GLN B 545 36.67 10.29 6.67
CA GLN B 545 35.73 9.34 7.26
C GLN B 545 34.30 9.65 6.83
N MET B 546 33.92 10.93 6.82
CA MET B 546 32.56 11.28 6.41
C MET B 546 32.34 10.92 4.94
N ALA B 547 33.35 11.15 4.09
CA ALA B 547 33.22 10.77 2.69
C ALA B 547 33.07 9.27 2.54
N LEU B 548 33.82 8.49 3.32
CA LEU B 548 33.68 7.04 3.29
C LEU B 548 32.27 6.62 3.67
N GLN B 549 31.71 7.25 4.71
CA GLN B 549 30.36 6.92 5.14
C GLN B 549 29.35 7.23 4.04
N LEU B 550 29.47 8.41 3.42
CA LEU B 550 28.54 8.78 2.36
C LEU B 550 28.64 7.83 1.17
N PHE B 551 29.85 7.47 0.78
CA PHE B 551 30.02 6.54 -0.33
C PHE B 551 29.45 5.17 0.02
N ILE B 552 29.63 4.71 1.26
CA ILE B 552 29.06 3.44 1.67
C ILE B 552 27.56 3.47 1.54
N LYS B 553 26.94 4.56 2.01
CA LYS B 553 25.48 4.68 1.90
C LYS B 553 25.04 4.63 0.45
N ASP B 554 25.74 5.36 -0.42
CA ASP B 554 25.36 5.38 -1.84
C ASP B 554 25.51 4.01 -2.46
N TYR B 555 26.60 3.31 -2.15
CA TYR B 555 26.83 1.97 -2.70
C TYR B 555 25.73 1.02 -2.27
N ARG B 556 25.40 1.03 -0.98
CA ARG B 556 24.35 0.14 -0.48
C ARG B 556 23.01 0.45 -1.11
N TYR B 557 22.67 1.73 -1.25
CA TYR B 557 21.38 2.07 -1.85
C TYR B 557 21.36 1.86 -3.36
N THR B 558 22.53 1.78 -4.00
CA THR B 558 22.58 1.51 -5.43
C THR B 558 22.44 0.03 -5.73
N TYR B 559 23.26 -0.80 -5.09
CA TYR B 559 23.24 -2.23 -5.35
C TYR B 559 22.28 -2.99 -4.43
N ARG B 560 21.62 -2.30 -3.50
CA ARG B 560 20.59 -2.90 -2.65
C ARG B 560 21.17 -3.99 -1.75
N CYS B 561 22.46 -3.92 -1.44
CA CYS B 561 23.11 -4.90 -0.57
C CYS B 561 23.18 -4.35 0.86
N HIS B 562 22.00 -4.14 1.43
CA HIS B 562 21.91 -3.62 2.80
C HIS B 562 22.48 -4.64 3.77
N ARG B 563 22.51 -4.27 5.05
CA ARG B 563 23.03 -5.17 6.06
C ARG B 563 22.15 -6.43 6.17
N GLY B 564 22.66 -7.41 6.91
CA GLY B 564 21.91 -8.64 7.10
C GLY B 564 20.87 -8.56 8.20
N ASP B 565 21.15 -7.79 9.25
CA ASP B 565 20.23 -7.63 10.36
C ASP B 565 19.31 -6.44 10.21
N THR B 566 19.60 -5.54 9.28
CA THR B 566 18.75 -4.39 9.05
C THR B 566 17.38 -4.83 8.55
N GLN B 567 16.34 -4.11 8.96
CA GLN B 567 14.96 -4.47 8.64
C GLN B 567 14.41 -3.72 7.43
N ILE B 568 15.24 -3.45 6.43
CA ILE B 568 14.79 -2.79 5.21
C ILE B 568 14.34 -3.85 4.22
N GLN B 569 13.13 -3.67 3.68
CA GLN B 569 12.55 -4.64 2.76
C GLN B 569 12.97 -4.32 1.32
N THR B 570 13.47 -5.34 0.63
CA THR B 570 13.94 -5.18 -0.74
C THR B 570 13.82 -6.53 -1.45
N ARG B 571 14.07 -6.54 -2.76
CA ARG B 571 13.99 -7.79 -3.51
C ARG B 571 15.03 -8.80 -3.04
N ARG B 572 16.21 -8.33 -2.65
CA ARG B 572 17.29 -9.20 -2.20
C ARG B 572 17.25 -9.44 -0.69
N ALA B 573 16.24 -8.94 0.01
CA ALA B 573 16.23 -9.05 1.47
C ALA B 573 16.24 -10.50 1.91
N PHE B 574 15.42 -11.35 1.28
CA PHE B 574 15.31 -12.74 1.73
C PHE B 574 16.65 -13.46 1.59
N GLU B 575 17.29 -13.34 0.42
CA GLU B 575 18.55 -14.04 0.20
C GLU B 575 19.63 -13.54 1.14
N LEU B 576 19.71 -12.22 1.31
CA LEU B 576 20.73 -11.67 2.21
C LEU B 576 20.52 -12.12 3.64
N LYS B 577 19.26 -12.14 4.10
CA LYS B 577 18.99 -12.61 5.46
C LYS B 577 19.33 -14.07 5.63
N LYS B 578 18.99 -14.90 4.64
CA LYS B 578 19.34 -16.31 4.72
C LYS B 578 20.85 -16.51 4.77
N LEU B 579 21.58 -15.78 3.92
CA LEU B 579 23.04 -15.89 3.93
C LEU B 579 23.62 -15.44 5.27
N TRP B 580 23.09 -14.34 5.82
CA TRP B 580 23.56 -13.87 7.12
C TRP B 580 23.31 -14.91 8.19
N GLU B 581 22.15 -15.56 8.17
CA GLU B 581 21.84 -16.57 9.17
C GLU B 581 22.72 -17.80 9.02
N GLN B 582 23.07 -18.18 7.79
CA GLN B 582 23.88 -19.37 7.58
C GLN B 582 25.25 -19.24 8.24
N THR B 583 25.89 -18.08 8.08
CA THR B 583 27.31 -17.95 8.41
C THR B 583 27.55 -18.04 9.91
N ARG B 584 28.79 -18.37 10.26
CA ARG B 584 29.22 -18.45 11.65
C ARG B 584 29.88 -17.16 12.11
N SER B 585 30.79 -16.62 11.30
CA SER B 585 31.45 -15.35 11.60
C SER B 585 30.89 -14.29 10.66
N LYS B 586 30.08 -13.38 11.20
CA LYS B 586 29.41 -12.38 10.38
C LYS B 586 30.34 -11.29 9.90
N ALA B 587 31.58 -11.24 10.41
CA ALA B 587 32.52 -10.19 10.03
C ALA B 587 33.28 -10.50 8.76
N GLY B 588 33.08 -11.68 8.17
CA GLY B 588 33.79 -12.05 6.96
C GLY B 588 32.99 -11.83 5.70
N LEU B 589 31.71 -11.47 5.85
CA LEU B 589 30.86 -11.26 4.68
C LEU B 589 31.23 -9.95 4.00
N LEU B 590 31.25 -9.99 2.67
CA LEU B 590 31.52 -8.78 1.90
C LEU B 590 30.38 -7.79 2.06
N VAL B 591 30.70 -6.52 1.84
CA VAL B 591 29.66 -5.48 1.90
C VAL B 591 28.62 -5.73 0.83
N SER B 592 28.98 -6.47 -0.23
CA SER B 592 28.02 -6.80 -1.27
C SER B 592 27.07 -7.91 -0.86
N ASP B 593 27.41 -8.68 0.19
CA ASP B 593 26.59 -9.77 0.69
C ASP B 593 25.99 -9.45 2.05
N GLY B 594 25.77 -8.17 2.33
CA GLY B 594 25.21 -7.77 3.60
C GLY B 594 26.12 -7.98 4.79
N GLY B 595 27.42 -7.73 4.62
CA GLY B 595 28.36 -7.82 5.71
C GLY B 595 28.58 -6.47 6.35
N PRO B 596 29.39 -6.43 7.40
CA PRO B 596 29.71 -5.16 8.05
C PRO B 596 30.79 -4.40 7.30
N ASN B 597 31.03 -3.17 7.76
CA ASN B 597 32.05 -2.30 7.19
C ASN B 597 33.28 -2.31 8.08
N LEU B 598 34.43 -2.67 7.51
CA LEU B 598 35.69 -2.73 8.24
C LEU B 598 36.69 -1.68 7.81
N TYR B 599 36.45 -0.98 6.71
CA TYR B 599 37.41 -0.02 6.19
C TYR B 599 37.60 1.14 7.17
N ASN B 600 38.80 1.70 7.16
CA ASN B 600 39.13 2.89 7.93
C ASN B 600 40.29 3.59 7.23
N ILE B 601 40.82 4.63 7.87
CA ILE B 601 41.90 5.39 7.26
C ILE B 601 43.11 4.51 7.02
N ARG B 602 43.45 3.66 7.99
CA ARG B 602 44.62 2.80 7.86
C ARG B 602 44.40 1.64 6.89
N ASN B 603 43.18 1.40 6.43
CA ASN B 603 42.86 0.27 5.57
C ASN B 603 42.52 0.67 4.14
N LEU B 604 42.59 1.96 3.81
CA LEU B 604 42.13 2.39 2.49
C LEU B 604 43.01 1.90 1.35
N HIS B 605 44.05 1.09 1.58
CA HIS B 605 44.88 0.57 0.51
C HIS B 605 44.75 -0.93 0.30
N ILE B 606 44.13 -1.65 1.21
CA ILE B 606 43.99 -3.11 1.12
C ILE B 606 42.71 -3.44 0.35
N PRO B 607 42.77 -4.24 -0.71
CA PRO B 607 41.54 -4.62 -1.40
C PRO B 607 40.62 -5.41 -0.48
N GLU B 608 39.31 -5.30 -0.73
CA GLU B 608 38.32 -5.83 0.20
C GLU B 608 38.47 -7.33 0.38
N VAL B 609 38.58 -8.08 -0.72
CA VAL B 609 38.62 -9.54 -0.62
C VAL B 609 39.82 -9.98 0.19
N CYS B 610 40.97 -9.33 -0.02
CA CYS B 610 42.16 -9.64 0.77
C CYS B 610 42.10 -9.05 2.17
N LEU B 611 41.15 -8.15 2.43
CA LEU B 611 41.05 -7.55 3.76
C LEU B 611 40.42 -8.49 4.77
N LYS B 612 39.46 -9.31 4.33
CA LYS B 612 38.70 -10.19 5.23
C LYS B 612 38.98 -11.66 4.96
N TRP B 613 40.04 -11.98 4.22
CA TRP B 613 40.27 -13.37 3.83
C TRP B 613 40.43 -14.28 5.02
N GLU B 614 41.03 -13.77 6.09
CA GLU B 614 41.25 -14.55 7.29
C GLU B 614 40.03 -14.50 8.20
N LEU B 615 38.90 -14.01 7.70
CA LEU B 615 37.69 -13.94 8.49
C LEU B 615 36.49 -14.60 7.83
N MET B 616 36.65 -15.16 6.63
CA MET B 616 35.54 -15.82 5.96
C MET B 616 35.42 -17.27 6.43
N ASP B 617 34.27 -17.86 6.15
CA ASP B 617 34.08 -19.28 6.39
C ASP B 617 34.68 -20.10 5.25
N GLU B 618 34.93 -21.38 5.53
CA GLU B 618 35.54 -22.24 4.52
C GLU B 618 34.62 -22.37 3.31
N ASP B 619 33.36 -22.75 3.54
CA ASP B 619 32.44 -22.97 2.43
C ASP B 619 32.06 -21.65 1.76
N TYR B 620 31.85 -20.59 2.55
CA TYR B 620 31.46 -19.32 1.95
C TYR B 620 32.56 -18.79 1.04
N GLN B 621 33.81 -18.81 1.50
CA GLN B 621 34.91 -18.34 0.69
C GLN B 621 35.24 -19.30 -0.44
N GLY B 622 34.87 -20.58 -0.30
CA GLY B 622 34.99 -21.49 -1.42
C GLY B 622 34.00 -21.17 -2.52
N ARG B 623 32.77 -20.84 -2.15
CA ARG B 623 31.74 -20.52 -3.15
C ARG B 623 31.95 -19.15 -3.76
N LEU B 624 32.44 -18.19 -2.98
CA LEU B 624 32.58 -16.82 -3.48
C LEU B 624 33.57 -16.76 -4.64
N CYS B 625 34.70 -17.44 -4.52
CA CYS B 625 35.76 -17.41 -5.53
C CYS B 625 35.71 -18.64 -6.43
N ASN B 626 34.52 -19.13 -6.73
CA ASN B 626 34.38 -20.31 -7.56
C ASN B 626 34.80 -19.98 -8.99
N PRO B 627 35.78 -20.68 -9.58
CA PRO B 627 36.22 -20.33 -10.93
C PRO B 627 35.31 -20.83 -12.03
N MET B 628 34.40 -21.76 -11.74
CA MET B 628 33.47 -22.28 -12.74
C MET B 628 32.09 -21.62 -12.66
N ASN B 629 31.96 -20.53 -11.90
CA ASN B 629 30.68 -19.88 -11.78
C ASN B 629 30.28 -19.27 -13.13
N PRO B 630 28.99 -19.27 -13.48
CA PRO B 630 28.59 -18.76 -14.80
C PRO B 630 28.69 -17.25 -14.94
N PHE B 631 28.82 -16.50 -13.84
CA PHE B 631 28.73 -15.05 -13.92
C PHE B 631 29.98 -14.43 -14.55
N VAL B 632 31.16 -14.96 -14.26
CA VAL B 632 32.40 -14.35 -14.75
C VAL B 632 32.62 -14.70 -16.22
N SER B 633 32.78 -15.98 -16.52
CA SER B 633 33.00 -16.42 -17.89
C SER B 633 32.91 -17.94 -17.99
N ASP B 658 42.95 -1.81 -8.82
CA ASP B 658 43.05 -2.84 -7.78
C ASP B 658 41.73 -3.58 -7.64
N ALA B 659 41.77 -4.90 -7.82
CA ALA B 659 40.57 -5.72 -7.72
C ALA B 659 40.97 -7.18 -7.63
N VAL B 660 40.06 -8.00 -7.11
CA VAL B 660 40.23 -9.43 -7.00
C VAL B 660 39.03 -10.11 -7.64
N ALA B 661 39.27 -11.09 -8.48
CA ALA B 661 38.18 -11.78 -9.17
C ALA B 661 37.33 -12.57 -8.17
N THR B 662 36.02 -12.42 -8.28
CA THR B 662 35.08 -13.13 -7.41
C THR B 662 33.80 -13.38 -8.21
N THR B 663 32.74 -13.80 -7.51
CA THR B 663 31.45 -14.00 -8.16
C THR B 663 30.76 -12.70 -8.51
N HIS B 664 31.25 -11.57 -8.00
CA HIS B 664 30.60 -10.28 -8.19
C HIS B 664 31.10 -9.52 -9.42
N SER B 665 32.09 -10.07 -10.14
CA SER B 665 32.61 -9.41 -11.34
C SER B 665 31.84 -9.94 -12.55
N TRP B 666 30.70 -9.30 -12.81
CA TRP B 666 29.83 -9.67 -13.91
C TRP B 666 29.74 -8.51 -14.91
N ILE B 667 29.16 -8.80 -16.06
CA ILE B 667 29.05 -7.84 -17.16
C ILE B 667 27.57 -7.48 -17.31
N PRO B 668 27.18 -6.23 -17.10
CA PRO B 668 25.76 -5.86 -17.27
C PRO B 668 25.37 -5.76 -18.74
N LYS B 669 24.06 -5.78 -18.96
CA LYS B 669 23.52 -5.63 -20.30
C LYS B 669 23.77 -4.23 -20.84
N ARG B 670 23.93 -4.14 -22.16
CA ARG B 670 24.11 -2.84 -22.81
C ARG B 670 22.85 -1.99 -22.66
N ASN C 42 26.31 10.11 -18.09
CA ASN C 42 26.75 9.75 -16.74
C ASN C 42 26.47 8.28 -16.45
N PRO C 43 27.51 7.47 -16.29
CA PRO C 43 27.28 6.05 -16.02
C PRO C 43 26.62 5.77 -14.67
N ALA C 44 26.81 6.65 -13.68
CA ALA C 44 26.31 6.37 -12.34
C ALA C 44 24.79 6.25 -12.34
N LEU C 45 24.10 7.26 -12.88
CA LEU C 45 22.64 7.19 -12.93
C LEU C 45 22.17 6.10 -13.88
N ARG C 46 22.95 5.82 -14.93
CA ARG C 46 22.58 4.74 -15.84
C ARG C 46 22.53 3.41 -15.11
N MET C 47 23.54 3.13 -14.28
CA MET C 47 23.50 1.89 -13.51
C MET C 47 22.47 1.96 -12.38
N LYS C 48 22.24 3.14 -11.81
CA LYS C 48 21.16 3.27 -10.83
C LYS C 48 19.84 2.81 -11.43
N TRP C 49 19.56 3.20 -12.67
CA TRP C 49 18.33 2.77 -13.34
C TRP C 49 18.40 1.31 -13.77
N MET C 50 19.56 0.86 -14.25
CA MET C 50 19.69 -0.52 -14.73
C MET C 50 19.47 -1.52 -13.60
N MET C 51 19.94 -1.21 -12.39
CA MET C 51 19.77 -2.13 -11.28
C MET C 51 18.33 -2.26 -10.83
N ALA C 52 17.46 -1.33 -11.22
CA ALA C 52 16.05 -1.41 -10.86
C ALA C 52 15.30 -2.46 -11.68
N MET C 53 15.82 -2.83 -12.84
CA MET C 53 15.15 -3.80 -13.69
C MET C 53 15.18 -5.19 -13.05
N LYS C 54 14.55 -6.15 -13.72
CA LYS C 54 14.46 -7.49 -13.16
C LYS C 54 15.75 -8.28 -13.36
N TYR C 55 16.24 -8.37 -14.59
CA TYR C 55 17.42 -9.16 -14.93
C TYR C 55 18.43 -8.28 -15.66
N PRO C 56 19.18 -7.46 -14.92
CA PRO C 56 20.17 -6.60 -15.57
C PRO C 56 21.48 -7.29 -15.92
N ILE C 57 21.74 -8.48 -15.39
CA ILE C 57 23.02 -9.16 -15.61
C ILE C 57 22.87 -10.10 -16.79
N THR C 58 23.99 -10.41 -17.44
CA THR C 58 24.03 -11.35 -18.54
C THR C 58 24.93 -12.52 -18.18
N ALA C 59 24.45 -13.73 -18.42
CA ALA C 59 25.20 -14.95 -18.11
C ALA C 59 25.11 -15.91 -19.29
N ASP C 60 25.74 -17.07 -19.12
CA ASP C 60 25.77 -18.09 -20.16
C ASP C 60 24.51 -18.94 -20.08
N LYS C 61 24.48 -20.04 -20.82
CA LYS C 61 23.31 -20.91 -20.86
C LYS C 61 23.40 -22.09 -19.91
N ARG C 62 24.60 -22.47 -19.47
CA ARG C 62 24.73 -23.58 -18.54
C ARG C 62 24.27 -23.21 -17.13
N ILE C 63 24.06 -21.93 -16.85
CA ILE C 63 23.56 -21.53 -15.54
C ILE C 63 22.25 -22.24 -15.24
N MET C 64 21.47 -22.56 -16.27
CA MET C 64 20.18 -23.19 -16.09
C MET C 64 20.29 -24.60 -15.54
N GLU C 65 21.48 -25.20 -15.56
CA GLU C 65 21.67 -26.55 -15.06
C GLU C 65 22.10 -26.61 -13.60
N MET C 66 22.55 -25.48 -13.03
CA MET C 66 23.10 -25.45 -11.68
C MET C 66 22.16 -24.83 -10.67
N ILE C 67 21.61 -23.65 -10.97
CA ILE C 67 20.73 -22.94 -10.04
C ILE C 67 19.30 -23.03 -10.55
N PRO C 68 18.30 -23.09 -9.68
CA PRO C 68 16.92 -23.27 -10.12
C PRO C 68 16.27 -21.95 -10.54
N GLU C 69 15.14 -22.08 -11.24
CA GLU C 69 14.45 -20.91 -11.76
C GLU C 69 13.73 -20.14 -10.67
N ARG C 70 13.44 -20.78 -9.54
CA ARG C 70 12.66 -20.16 -8.48
C ARG C 70 13.36 -20.33 -7.14
N ASN C 71 13.17 -19.35 -6.28
CA ASN C 71 13.77 -19.34 -4.95
C ASN C 71 13.00 -20.32 -4.08
N GLU C 72 13.29 -20.34 -2.77
CA GLU C 72 12.49 -21.09 -1.82
C GLU C 72 11.20 -20.36 -1.48
N GLN C 73 11.06 -19.10 -1.90
CA GLN C 73 9.87 -18.31 -1.68
C GLN C 73 9.08 -18.07 -2.96
N GLY C 74 9.62 -18.45 -4.11
CA GLY C 74 8.95 -18.28 -5.38
C GLY C 74 9.54 -17.21 -6.28
N GLN C 75 10.55 -16.48 -5.83
CA GLN C 75 11.12 -15.41 -6.64
C GLN C 75 11.85 -15.98 -7.84
N THR C 76 11.67 -15.33 -9.00
CA THR C 76 12.36 -15.76 -10.20
C THR C 76 13.82 -15.35 -10.16
N LEU C 77 14.67 -16.18 -10.77
CA LEU C 77 16.11 -15.94 -10.79
C LEU C 77 16.66 -15.72 -12.19
N TRP C 78 16.08 -16.32 -13.22
CA TRP C 78 16.52 -16.11 -14.59
C TRP C 78 15.34 -16.31 -15.52
N SER C 79 15.49 -15.82 -16.75
CA SER C 79 14.42 -15.80 -17.74
C SER C 79 14.86 -16.50 -19.02
N LYS C 80 13.87 -16.99 -19.76
CA LYS C 80 14.13 -17.72 -21.00
C LYS C 80 14.65 -16.83 -22.12
N THR C 81 14.38 -15.53 -22.06
CA THR C 81 14.77 -14.64 -23.15
C THR C 81 16.27 -14.66 -23.35
N ASN C 82 16.70 -14.62 -24.61
CA ASN C 82 18.10 -14.62 -24.97
C ASN C 82 18.58 -13.21 -25.27
N ASP C 83 19.88 -12.98 -25.04
CA ASP C 83 20.47 -11.68 -25.33
C ASP C 83 20.52 -11.42 -26.82
N ALA C 84 20.50 -10.13 -27.18
CA ALA C 84 20.55 -9.74 -28.58
C ALA C 84 21.99 -9.80 -29.08
N GLY C 85 22.19 -10.46 -30.21
CA GLY C 85 23.51 -10.59 -30.81
C GLY C 85 24.34 -11.75 -30.27
N SER C 86 23.83 -12.48 -29.28
CA SER C 86 24.56 -13.61 -28.70
C SER C 86 23.55 -14.59 -28.13
N ASP C 87 24.06 -15.72 -27.63
CA ASP C 87 23.23 -16.76 -27.03
C ASP C 87 23.16 -16.65 -25.52
N ARG C 88 23.68 -15.57 -24.94
CA ARG C 88 23.62 -15.38 -23.50
C ARG C 88 22.17 -15.26 -23.04
N VAL C 89 21.98 -15.26 -21.72
CA VAL C 89 20.67 -15.15 -21.10
C VAL C 89 20.71 -14.08 -20.03
N MET C 90 19.52 -13.60 -19.66
CA MET C 90 19.39 -12.55 -18.66
C MET C 90 19.24 -13.18 -17.28
N VAL C 91 19.97 -12.62 -16.31
CA VAL C 91 20.03 -13.15 -14.95
C VAL C 91 19.94 -11.97 -13.98
N SER C 92 19.37 -12.22 -12.79
CA SER C 92 19.15 -11.22 -11.76
C SER C 92 20.17 -11.39 -10.63
N PRO C 93 20.46 -10.33 -9.88
CA PRO C 93 21.42 -10.46 -8.77
C PRO C 93 21.02 -11.49 -7.74
N LEU C 94 19.72 -11.78 -7.61
CA LEU C 94 19.30 -12.87 -6.73
C LEU C 94 20.00 -14.16 -7.11
N ALA C 95 20.31 -14.36 -8.40
CA ALA C 95 21.09 -15.52 -8.79
C ALA C 95 22.48 -15.47 -8.19
N VAL C 96 23.10 -14.29 -8.17
CA VAL C 96 24.44 -14.16 -7.59
C VAL C 96 24.39 -14.53 -6.11
N THR C 97 23.42 -13.99 -5.38
CA THR C 97 23.33 -14.29 -3.95
C THR C 97 23.03 -15.77 -3.73
N TRP C 98 22.16 -16.36 -4.55
CA TRP C 98 21.85 -17.77 -4.43
C TRP C 98 23.10 -18.62 -4.63
N TRP C 99 23.88 -18.29 -5.66
CA TRP C 99 25.11 -19.03 -5.90
C TRP C 99 26.07 -18.89 -4.72
N ASN C 100 26.18 -17.68 -4.18
CA ASN C 100 27.08 -17.48 -3.05
C ASN C 100 26.65 -18.30 -1.84
N ARG C 101 25.34 -18.36 -1.57
CA ARG C 101 24.86 -19.11 -0.41
C ARG C 101 24.44 -20.53 -0.73
N ASN C 102 24.29 -20.88 -2.00
CA ASN C 102 23.92 -22.24 -2.40
C ASN C 102 24.62 -22.54 -3.72
N GLY C 103 25.72 -23.28 -3.65
CA GLY C 103 26.47 -23.63 -4.84
C GLY C 103 27.65 -24.52 -4.52
N PRO C 104 28.32 -25.02 -5.55
CA PRO C 104 29.44 -25.94 -5.33
C PRO C 104 30.59 -25.26 -4.61
N THR C 105 31.31 -26.04 -3.82
CA THR C 105 32.43 -25.56 -3.02
C THR C 105 33.73 -26.16 -3.55
N THR C 106 34.76 -25.31 -3.68
CA THR C 106 36.07 -25.72 -4.13
C THR C 106 37.13 -25.11 -3.24
N SER C 107 38.19 -25.86 -2.99
CA SER C 107 39.26 -25.40 -2.11
C SER C 107 39.95 -24.18 -2.72
N THR C 108 40.28 -23.20 -1.87
CA THR C 108 40.91 -21.96 -2.29
C THR C 108 42.29 -21.82 -1.66
N VAL C 109 43.04 -22.92 -1.60
CA VAL C 109 44.39 -22.87 -1.03
C VAL C 109 45.31 -22.01 -1.87
N HIS C 110 45.11 -22.00 -3.19
CA HIS C 110 46.01 -21.30 -4.10
C HIS C 110 45.92 -19.79 -3.98
N TYR C 111 44.75 -19.26 -3.63
CA TYR C 111 44.51 -17.82 -3.69
C TYR C 111 45.56 -17.03 -2.94
N PRO C 112 45.88 -17.35 -1.69
CA PRO C 112 46.93 -16.59 -1.00
C PRO C 112 48.28 -16.65 -1.68
N LYS C 113 48.59 -17.76 -2.37
CA LYS C 113 49.89 -17.89 -3.01
C LYS C 113 50.02 -16.93 -4.18
N VAL C 114 49.01 -16.89 -5.07
CA VAL C 114 49.10 -16.01 -6.23
C VAL C 114 49.00 -14.55 -5.83
N TYR C 115 48.12 -14.21 -4.90
CA TYR C 115 47.99 -12.84 -4.39
C TYR C 115 48.84 -12.64 -3.14
N LYS C 116 50.12 -13.01 -3.24
CA LYS C 116 51.00 -12.92 -2.07
C LYS C 116 51.29 -11.48 -1.68
N THR C 117 51.45 -10.60 -2.67
CA THR C 117 51.80 -9.21 -2.36
C THR C 117 50.72 -8.55 -1.53
N TYR C 118 49.44 -8.76 -1.88
CA TYR C 118 48.36 -8.14 -1.12
C TYR C 118 48.30 -8.66 0.31
N PHE C 119 48.41 -9.98 0.48
CA PHE C 119 48.33 -10.56 1.82
C PHE C 119 49.50 -10.13 2.69
N GLU C 120 50.69 -9.93 2.10
CA GLU C 120 51.81 -9.43 2.87
C GLU C 120 51.49 -8.08 3.49
N LYS C 121 50.78 -7.21 2.76
CA LYS C 121 50.43 -5.89 3.29
C LYS C 121 49.55 -6.00 4.52
N VAL C 122 48.52 -6.84 4.46
CA VAL C 122 47.60 -6.96 5.60
C VAL C 122 48.33 -7.59 6.78
N GLU C 123 49.21 -8.56 6.53
CA GLU C 123 49.99 -9.12 7.63
C GLU C 123 50.82 -8.05 8.31
N ARG C 124 51.54 -7.25 7.53
CA ARG C 124 52.38 -6.21 8.10
C ARG C 124 51.55 -5.19 8.88
N LEU C 125 50.40 -4.80 8.34
CA LEU C 125 49.54 -3.86 9.05
C LEU C 125 49.05 -4.45 10.37
N LYS C 126 48.65 -5.73 10.35
CA LYS C 126 48.15 -6.35 11.57
C LYS C 126 49.23 -6.40 12.64
N HIS C 127 50.46 -6.71 12.25
CA HIS C 127 51.53 -6.89 13.23
C HIS C 127 52.32 -5.62 13.52
N GLY C 128 51.89 -4.48 12.99
CA GLY C 128 52.59 -3.23 13.26
C GLY C 128 52.26 -2.66 14.62
N THR C 129 53.04 -1.66 15.03
CA THR C 129 52.86 -0.96 16.29
C THR C 129 52.78 0.54 16.03
N PHE C 130 51.85 1.21 16.71
CA PHE C 130 51.60 2.62 16.49
C PHE C 130 52.26 3.45 17.61
N GLY C 131 52.07 4.76 17.59
CA GLY C 131 52.69 5.64 18.55
C GLY C 131 51.93 6.94 18.73
N PRO C 132 52.48 7.84 19.55
CA PRO C 132 51.79 9.10 19.84
C PRO C 132 51.79 10.03 18.65
N VAL C 133 50.82 10.95 18.66
CA VAL C 133 50.68 11.97 17.64
C VAL C 133 51.49 13.20 18.06
N HIS C 134 52.30 13.72 17.15
CA HIS C 134 53.07 14.93 17.39
C HIS C 134 52.63 16.00 16.42
N PHE C 135 52.12 17.11 16.95
CA PHE C 135 51.68 18.23 16.13
C PHE C 135 52.83 19.21 15.99
N ARG C 136 53.35 19.34 14.77
CA ARG C 136 54.52 20.17 14.52
C ARG C 136 54.51 20.61 13.07
N ASN C 137 55.30 21.64 12.79
CA ASN C 137 55.41 22.15 11.42
C ASN C 137 56.03 21.10 10.51
N GLN C 138 55.58 21.08 9.26
CA GLN C 138 56.09 20.14 8.28
C GLN C 138 56.87 20.89 7.20
N VAL C 227 58.51 0.20 2.69
CA VAL C 227 57.65 -0.31 3.76
C VAL C 227 56.94 0.85 4.44
N TYR C 228 57.55 2.03 4.40
CA TYR C 228 56.97 3.24 4.97
C TYR C 228 56.12 4.02 3.97
N ILE C 229 56.55 4.09 2.71
CA ILE C 229 55.81 4.86 1.72
C ILE C 229 54.44 4.24 1.48
N GLU C 230 54.32 2.91 1.56
CA GLU C 230 53.06 2.26 1.29
C GLU C 230 51.94 2.76 2.20
N VAL C 231 52.29 3.19 3.42
CA VAL C 231 51.30 3.66 4.38
C VAL C 231 51.42 5.17 4.54
N LEU C 232 51.98 5.83 3.52
CA LEU C 232 52.28 7.25 3.64
C LEU C 232 51.03 8.08 3.92
N HIS C 233 49.87 7.63 3.46
CA HIS C 233 48.64 8.39 3.66
C HIS C 233 48.20 8.43 5.12
N LEU C 234 48.79 7.59 5.98
CA LEU C 234 48.41 7.55 7.39
C LEU C 234 49.48 8.09 8.33
N THR C 235 50.75 8.07 7.91
CA THR C 235 51.82 8.52 8.79
C THR C 235 51.93 10.05 8.79
N GLN C 236 52.20 10.63 7.63
CA GLN C 236 52.37 12.07 7.53
C GLN C 236 51.03 12.77 7.34
N GLY C 237 51.05 14.09 7.44
CA GLY C 237 49.84 14.86 7.31
C GLY C 237 50.16 16.32 7.07
N THR C 238 49.10 17.14 7.07
CA THR C 238 49.28 18.56 6.80
C THR C 238 50.15 19.22 7.85
N CYS C 239 49.84 18.98 9.14
CA CYS C 239 50.62 19.57 10.21
C CYS C 239 50.84 18.62 11.39
N TRP C 240 50.68 17.31 11.19
CA TRP C 240 50.85 16.35 12.27
C TRP C 240 51.66 15.16 11.77
N GLU C 241 52.27 14.45 12.72
CA GLU C 241 53.08 13.27 12.45
C GLU C 241 52.65 12.14 13.36
N GLN C 242 52.53 10.94 12.80
CA GLN C 242 52.16 9.75 13.53
C GLN C 242 53.30 8.75 13.46
N MET C 243 53.75 8.26 14.61
CA MET C 243 54.86 7.32 14.67
C MET C 243 54.39 5.93 14.25
N TYR C 244 55.13 5.32 13.34
CA TYR C 244 54.75 4.01 12.80
C TYR C 244 56.01 3.23 12.46
N THR C 245 56.09 2.00 12.94
CA THR C 245 57.11 1.05 12.55
C THR C 245 56.42 -0.24 12.11
N PRO C 246 56.60 -0.67 10.86
CA PRO C 246 55.88 -1.86 10.40
C PRO C 246 56.31 -3.11 11.15
N GLY C 247 55.36 -4.06 11.25
CA GLY C 247 55.63 -5.30 11.95
C GLY C 247 56.25 -6.35 11.06
N GLY C 248 57.13 -5.92 10.15
CA GLY C 248 57.78 -6.84 9.25
C GLY C 248 58.84 -6.16 8.40
N GLU F 215 -82.73 -15.18 -0.10
CA GLU F 215 -81.69 -14.75 0.83
C GLU F 215 -80.40 -15.52 0.56
N GLU F 216 -80.35 -16.77 1.02
CA GLU F 216 -79.20 -17.63 0.84
C GLU F 216 -79.67 -18.98 0.32
N ARG F 217 -78.90 -19.56 -0.60
CA ARG F 217 -79.27 -20.83 -1.22
C ARG F 217 -78.01 -21.58 -1.60
N PHE F 218 -77.83 -22.77 -1.04
CA PHE F 218 -76.71 -23.65 -1.38
C PHE F 218 -77.23 -25.07 -1.44
N GLU F 219 -77.28 -25.63 -2.65
CA GLU F 219 -77.82 -26.96 -2.88
C GLU F 219 -76.74 -27.89 -3.40
N ILE F 220 -76.73 -29.12 -2.87
CA ILE F 220 -75.76 -30.13 -3.30
C ILE F 220 -76.27 -30.78 -4.58
N THR F 221 -75.45 -30.76 -5.61
CA THR F 221 -75.84 -31.30 -6.91
C THR F 221 -75.76 -32.83 -6.90
N GLY F 222 -76.17 -33.44 -8.01
CA GLY F 222 -76.27 -34.89 -8.06
C GLY F 222 -74.93 -35.57 -7.86
N THR F 223 -73.91 -35.14 -8.59
CA THR F 223 -72.60 -35.77 -8.48
C THR F 223 -72.02 -35.56 -7.07
N MET F 224 -72.23 -34.38 -6.50
CA MET F 224 -71.82 -34.15 -5.13
C MET F 224 -72.53 -35.10 -4.17
N ARG F 225 -73.83 -35.33 -4.39
CA ARG F 225 -74.56 -36.27 -3.56
C ARG F 225 -73.98 -37.67 -3.69
N ARG F 226 -73.65 -38.08 -4.91
CA ARG F 226 -73.03 -39.39 -5.11
C ARG F 226 -71.72 -39.50 -4.35
N LEU F 227 -70.88 -38.48 -4.45
CA LEU F 227 -69.59 -38.52 -3.76
C LEU F 227 -69.78 -38.57 -2.25
N ALA F 228 -70.68 -37.74 -1.71
CA ALA F 228 -70.92 -37.73 -0.27
C ALA F 228 -71.55 -39.02 0.22
N ASP F 229 -72.29 -39.72 -0.63
CA ASP F 229 -72.89 -40.99 -0.23
C ASP F 229 -71.83 -42.01 0.13
N GLN F 230 -70.63 -41.90 -0.44
CA GLN F 230 -69.53 -42.81 -0.17
C GLN F 230 -68.61 -42.30 0.93
N SER F 231 -69.00 -41.22 1.61
CA SER F 231 -68.21 -40.67 2.70
C SER F 231 -69.00 -40.71 4.00
N LEU F 232 -69.62 -41.85 4.28
CA LEU F 232 -70.39 -42.06 5.49
C LEU F 232 -69.90 -43.32 6.19
N PRO F 233 -70.10 -43.43 7.50
CA PRO F 233 -69.70 -44.64 8.21
C PRO F 233 -70.43 -45.86 7.66
N PRO F 234 -69.90 -47.06 7.88
CA PRO F 234 -70.54 -48.26 7.33
C PRO F 234 -71.92 -48.47 7.93
N ASN F 235 -72.67 -49.38 7.32
CA ASN F 235 -74.03 -49.70 7.73
C ASN F 235 -74.95 -48.50 7.59
N PHE F 236 -74.67 -47.63 6.62
CA PHE F 236 -75.51 -46.48 6.33
C PHE F 236 -75.71 -46.37 4.83
N SER F 237 -76.89 -45.89 4.43
CA SER F 237 -77.30 -45.89 3.03
C SER F 237 -77.07 -44.56 2.34
N SER F 238 -77.54 -43.45 2.92
CA SER F 238 -77.47 -42.15 2.28
C SER F 238 -77.11 -41.09 3.32
N LEU F 239 -76.73 -39.91 2.81
CA LEU F 239 -76.38 -38.81 3.70
C LEU F 239 -77.56 -38.37 4.55
N GLU F 240 -78.75 -38.32 3.97
CA GLU F 240 -79.93 -37.92 4.73
C GLU F 240 -80.19 -38.87 5.88
N ASN F 241 -79.99 -40.17 5.65
CA ASN F 241 -80.16 -41.14 6.73
C ASN F 241 -79.18 -40.88 7.87
N PHE F 242 -77.92 -40.60 7.53
CA PHE F 242 -76.92 -40.30 8.55
C PHE F 242 -77.29 -39.05 9.33
N ARG F 243 -77.75 -38.01 8.63
CA ARG F 243 -78.15 -36.78 9.32
C ARG F 243 -79.33 -37.03 10.25
N ALA F 244 -80.31 -37.81 9.79
CA ALA F 244 -81.45 -38.13 10.65
C ALA F 244 -81.01 -38.92 11.88
N TYR F 245 -80.11 -39.89 11.68
CA TYR F 245 -79.61 -40.66 12.81
C TYR F 245 -78.88 -39.77 13.82
N VAL F 246 -78.05 -38.85 13.33
CA VAL F 246 -77.32 -37.95 14.22
C VAL F 246 -78.28 -37.05 14.98
N ASP F 247 -79.30 -36.54 14.29
CA ASP F 247 -80.24 -35.63 14.96
C ASP F 247 -80.99 -36.33 16.08
N GLY F 248 -81.33 -37.60 15.90
CA GLY F 248 -82.12 -38.33 16.87
C GLY F 248 -81.32 -39.20 17.79
N PHE F 249 -80.02 -38.93 17.92
CA PHE F 249 -79.14 -39.73 18.78
C PHE F 249 -79.17 -39.19 20.20
N GLU F 250 -79.29 -40.10 21.16
CA GLU F 250 -79.21 -39.77 22.58
C GLU F 250 -78.20 -40.69 23.25
N PRO F 251 -77.28 -40.16 24.05
CA PRO F 251 -76.22 -41.00 24.64
C PRO F 251 -76.76 -41.87 25.76
N ASN F 252 -76.44 -43.16 25.72
CA ASN F 252 -76.79 -44.07 26.80
C ASN F 252 -75.94 -45.32 26.70
N GLY F 253 -75.08 -45.54 27.69
CA GLY F 253 -74.37 -46.80 27.83
C GLY F 253 -73.58 -47.23 26.62
N CYS F 254 -72.89 -46.28 25.97
CA CYS F 254 -72.07 -46.62 24.82
C CYS F 254 -70.59 -46.77 25.20
N ILE F 255 -70.01 -45.73 25.80
CA ILE F 255 -68.60 -45.77 26.15
C ILE F 255 -68.33 -46.87 27.18
N GLU F 256 -69.19 -46.96 28.19
CA GLU F 256 -69.01 -47.97 29.22
C GLU F 256 -69.09 -49.37 28.65
N GLY F 257 -70.05 -49.61 27.76
CA GLY F 257 -70.18 -50.93 27.16
C GLY F 257 -68.95 -51.31 26.34
N LYS F 258 -68.47 -50.36 25.53
CA LYS F 258 -67.28 -50.63 24.72
C LYS F 258 -66.07 -50.90 25.59
N LEU F 259 -65.91 -50.12 26.67
CA LEU F 259 -64.79 -50.35 27.58
C LEU F 259 -64.88 -51.72 28.22
N SER F 260 -66.08 -52.13 28.63
CA SER F 260 -66.25 -53.45 29.22
C SER F 260 -65.92 -54.55 28.22
N GLN F 261 -66.36 -54.40 26.96
CA GLN F 261 -66.16 -55.43 25.95
C GLN F 261 -64.70 -55.57 25.54
N MET F 262 -63.87 -54.57 25.82
CA MET F 262 -62.52 -54.52 25.27
C MET F 262 -61.51 -55.11 26.25
N SER F 263 -60.57 -55.87 25.70
CA SER F 263 -59.72 -56.75 26.49
C SER F 263 -58.79 -55.96 27.41
N LYS F 264 -58.27 -56.67 28.41
CA LYS F 264 -57.44 -56.06 29.45
C LYS F 264 -56.00 -55.83 29.02
N GLU F 265 -55.62 -56.26 27.81
CA GLU F 265 -54.24 -56.11 27.39
C GLU F 265 -53.81 -54.65 27.34
N VAL F 266 -54.67 -53.78 26.82
CA VAL F 266 -54.34 -52.37 26.70
C VAL F 266 -54.41 -51.72 28.08
N ASN F 267 -53.32 -51.09 28.49
CA ASN F 267 -53.25 -50.39 29.76
C ASN F 267 -51.91 -49.66 29.82
N ALA F 268 -51.80 -48.75 30.79
CA ALA F 268 -50.59 -47.94 30.99
C ALA F 268 -50.06 -48.23 32.38
N ARG F 269 -49.25 -49.28 32.50
CA ARG F 269 -48.63 -49.60 33.78
C ARG F 269 -47.49 -48.63 34.06
N ILE F 270 -47.33 -48.27 35.33
CA ILE F 270 -46.32 -47.30 35.75
C ILE F 270 -45.16 -48.08 36.34
N GLU F 271 -44.01 -48.03 35.67
CA GLU F 271 -42.82 -48.67 36.18
C GLU F 271 -42.07 -47.70 37.09
N PRO F 272 -41.92 -47.99 38.38
CA PRO F 272 -41.26 -47.03 39.27
C PRO F 272 -39.82 -46.76 38.84
N PHE F 273 -39.39 -45.52 39.05
CA PHE F 273 -38.02 -45.10 38.79
C PHE F 273 -37.29 -44.95 40.12
N LEU F 274 -36.14 -45.60 40.23
CA LEU F 274 -35.35 -45.60 41.46
C LEU F 274 -33.90 -45.26 41.12
N ARG F 275 -33.07 -45.17 42.16
CA ARG F 275 -31.67 -44.81 41.97
C ARG F 275 -30.90 -45.90 41.23
N THR F 276 -31.39 -47.13 41.22
CA THR F 276 -30.73 -48.25 40.56
C THR F 276 -31.31 -48.56 39.19
N THR F 277 -32.31 -47.81 38.75
CA THR F 277 -32.97 -48.09 37.46
C THR F 277 -32.13 -47.61 36.28
N PRO F 278 -31.72 -46.34 36.23
CA PRO F 278 -31.05 -45.84 35.02
C PRO F 278 -29.68 -46.46 34.83
N ARG F 279 -29.27 -46.52 33.57
CA ARG F 279 -27.95 -47.02 33.20
C ARG F 279 -27.28 -46.03 32.25
N PRO F 280 -25.95 -45.99 32.24
CA PRO F 280 -25.26 -45.07 31.33
C PRO F 280 -25.49 -45.42 29.88
N LEU F 281 -25.44 -44.41 29.03
CA LEU F 281 -25.68 -44.60 27.60
C LEU F 281 -24.57 -45.44 26.98
N ARG F 282 -24.89 -46.00 25.81
CA ARG F 282 -23.96 -46.85 25.07
C ARG F 282 -23.48 -46.10 23.83
N LEU F 283 -22.16 -46.04 23.66
CA LEU F 283 -21.58 -45.35 22.51
C LEU F 283 -21.21 -46.36 21.42
N PRO F 284 -21.19 -45.92 20.16
CA PRO F 284 -20.81 -46.85 19.08
C PRO F 284 -19.35 -47.24 19.13
N ASP F 285 -18.92 -48.13 18.23
CA ASP F 285 -17.56 -48.62 18.19
C ASP F 285 -17.02 -48.57 16.77
N GLY F 286 -15.70 -48.46 16.66
CA GLY F 286 -15.05 -48.36 15.38
C GLY F 286 -13.78 -47.55 15.47
N PRO F 287 -13.29 -47.04 14.34
CA PRO F 287 -12.11 -46.18 14.35
C PRO F 287 -12.42 -44.86 15.02
N PRO F 288 -11.40 -44.13 15.49
CA PRO F 288 -11.64 -42.84 16.13
C PRO F 288 -12.16 -41.80 15.13
N CYS F 289 -12.87 -40.81 15.66
CA CYS F 289 -13.37 -39.72 14.83
C CYS F 289 -12.23 -38.79 14.43
N SER F 290 -12.49 -38.00 13.39
CA SER F 290 -11.51 -37.08 12.83
C SER F 290 -12.07 -35.67 12.75
N GLN F 291 -11.18 -34.69 12.82
CA GLN F 291 -11.59 -33.29 12.77
C GLN F 291 -12.32 -33.01 11.47
N ARG F 292 -13.46 -32.33 11.56
CA ARG F 292 -14.27 -32.02 10.39
C ARG F 292 -14.80 -30.59 10.46
N SER F 293 -13.95 -29.65 10.83
CA SER F 293 -14.31 -28.24 10.84
C SER F 293 -13.71 -27.54 9.62
N LYS F 294 -14.29 -26.40 9.28
CA LYS F 294 -13.83 -25.66 8.10
C LYS F 294 -12.42 -25.12 8.32
N PHE F 295 -12.09 -24.72 9.55
CA PHE F 295 -10.77 -24.18 9.86
C PHE F 295 -10.27 -24.79 11.15
N LEU F 296 -8.95 -24.74 11.34
CA LEU F 296 -8.35 -25.21 12.58
C LEU F 296 -8.69 -24.27 13.72
N LEU F 297 -8.85 -24.84 14.91
CA LEU F 297 -9.25 -24.08 16.10
C LEU F 297 -8.14 -23.97 17.13
N MET F 298 -7.60 -25.10 17.59
CA MET F 298 -6.54 -25.07 18.60
C MET F 298 -5.15 -24.96 17.99
N ASP F 299 -4.97 -25.41 16.75
CA ASP F 299 -3.66 -25.42 16.10
C ASP F 299 -3.41 -24.20 15.24
N ALA F 300 -4.33 -23.25 15.20
CA ALA F 300 -4.16 -22.09 14.35
C ALA F 300 -2.95 -21.27 14.79
N LEU F 301 -2.14 -20.84 13.83
CA LEU F 301 -1.07 -19.90 14.05
C LEU F 301 -1.20 -18.77 13.03
N ALA F 302 -0.82 -17.57 13.44
CA ALA F 302 -1.05 -16.39 12.61
C ALA F 302 0.24 -15.59 12.47
N LEU F 303 0.36 -14.93 11.32
CA LEU F 303 1.38 -13.92 11.09
C LEU F 303 0.74 -12.55 11.31
N SER F 304 1.36 -11.73 12.14
CA SER F 304 0.75 -10.51 12.64
C SER F 304 1.50 -9.29 12.14
N ILE F 305 0.75 -8.22 11.85
CA ILE F 305 1.29 -6.91 11.54
C ILE F 305 0.45 -5.85 12.25
N GLU F 306 0.85 -4.59 12.11
CA GLU F 306 0.17 -3.47 12.73
C GLU F 306 -0.14 -2.43 11.66
N ASP F 307 -1.42 -2.07 11.52
CA ASP F 307 -1.83 -1.03 10.58
C ASP F 307 -2.45 0.13 11.36
N PRO F 308 -1.71 1.22 11.60
CA PRO F 308 -2.28 2.36 12.33
C PRO F 308 -3.27 3.18 11.51
N SER F 309 -3.21 3.11 10.19
CA SER F 309 -4.18 3.81 9.33
C SER F 309 -5.47 2.99 9.32
N HIS F 310 -6.39 3.39 10.21
CA HIS F 310 -7.60 2.61 10.42
C HIS F 310 -8.52 2.71 9.21
N GLU F 311 -8.39 1.77 8.28
CA GLU F 311 -9.25 1.72 7.10
C GLU F 311 -10.51 0.94 7.43
N GLY F 312 -11.67 1.49 7.07
CA GLY F 312 -12.92 0.82 7.38
C GLY F 312 -13.03 -0.54 6.72
N GLU F 313 -12.70 -0.61 5.43
CA GLU F 313 -12.71 -1.87 4.69
C GLU F 313 -11.76 -1.73 3.52
N GLY F 314 -10.56 -2.30 3.66
CA GLY F 314 -9.54 -2.25 2.64
C GLY F 314 -9.37 -3.59 1.94
N ILE F 315 -8.56 -3.57 0.88
CA ILE F 315 -8.34 -4.80 0.11
C ILE F 315 -7.60 -5.80 0.99
N PRO F 316 -8.01 -7.08 1.03
CA PRO F 316 -7.30 -8.05 1.88
C PRO F 316 -6.02 -8.60 1.27
N LEU F 317 -5.87 -8.56 -0.06
CA LEU F 317 -4.66 -9.11 -0.67
C LEU F 317 -3.42 -8.37 -0.21
N TYR F 318 -3.50 -7.05 -0.11
CA TYR F 318 -2.35 -6.27 0.35
C TYR F 318 -2.00 -6.63 1.78
N ASP F 319 -3.01 -6.84 2.62
CA ASP F 319 -2.76 -7.27 4.00
C ASP F 319 -2.06 -8.62 4.02
N ALA F 320 -2.51 -9.56 3.18
CA ALA F 320 -1.88 -10.87 3.12
C ALA F 320 -0.42 -10.76 2.72
N ILE F 321 -0.14 -9.95 1.69
CA ILE F 321 1.24 -9.77 1.25
C ILE F 321 2.09 -9.16 2.36
N LYS F 322 1.55 -8.13 3.03
CA LYS F 322 2.31 -7.49 4.10
C LYS F 322 2.60 -8.47 5.24
N CYS F 323 1.62 -9.28 5.61
CA CYS F 323 1.86 -10.27 6.65
C CYS F 323 2.87 -11.31 6.21
N MET F 324 2.89 -11.65 4.93
CA MET F 324 3.88 -12.62 4.43
C MET F 324 5.26 -12.02 4.26
N LYS F 325 5.39 -10.69 4.24
CA LYS F 325 6.69 -10.05 4.13
C LYS F 325 7.40 -9.88 5.46
N THR F 326 6.79 -10.32 6.57
CA THR F 326 7.44 -10.28 7.87
C THR F 326 8.08 -11.60 8.26
N PHE F 327 8.02 -12.61 7.38
CA PHE F 327 8.60 -13.92 7.64
C PHE F 327 9.78 -14.13 6.72
N PHE F 328 10.89 -14.61 7.28
CA PHE F 328 12.12 -14.87 6.54
C PHE F 328 12.66 -16.25 6.86
N GLY F 329 11.76 -17.22 7.04
CA GLY F 329 12.16 -18.56 7.39
C GLY F 329 11.61 -19.62 6.48
N TRP F 330 11.26 -19.25 5.25
CA TRP F 330 10.76 -20.21 4.29
C TRP F 330 11.83 -21.23 3.93
N LYS F 331 11.40 -22.43 3.58
CA LYS F 331 12.29 -23.47 3.11
C LYS F 331 11.54 -24.32 2.08
N GLU F 332 12.17 -25.40 1.65
CA GLU F 332 11.57 -26.25 0.63
C GLU F 332 10.51 -27.13 1.26
N PRO F 333 9.25 -27.05 0.84
CA PRO F 333 8.21 -27.89 1.44
C PRO F 333 8.39 -29.35 1.08
N ASN F 334 7.96 -30.22 1.98
CA ASN F 334 7.99 -31.66 1.75
C ASN F 334 6.84 -32.30 2.50
N ILE F 335 6.44 -33.49 2.05
CA ILE F 335 5.28 -34.18 2.60
C ILE F 335 5.77 -35.11 3.71
N ILE F 336 5.18 -34.97 4.90
CA ILE F 336 5.49 -35.83 6.04
C ILE F 336 4.29 -36.67 6.44
N LYS F 337 3.11 -36.08 6.47
CA LYS F 337 1.87 -36.80 6.77
C LYS F 337 0.99 -36.74 5.53
N PRO F 338 0.92 -37.78 4.71
CA PRO F 338 0.18 -37.70 3.44
C PRO F 338 -1.30 -38.00 3.62
N HIS F 339 -2.07 -37.61 2.60
CA HIS F 339 -3.47 -37.96 2.48
C HIS F 339 -3.57 -39.30 1.77
N GLU F 340 -4.18 -40.28 2.46
CA GLU F 340 -4.13 -41.65 1.95
C GLU F 340 -4.84 -41.79 0.62
N LYS F 341 -6.00 -41.13 0.46
CA LYS F 341 -6.87 -41.36 -0.69
C LYS F 341 -6.76 -40.27 -1.74
N GLY F 342 -5.68 -39.49 -1.76
CA GLY F 342 -5.55 -38.41 -2.71
C GLY F 342 -4.16 -38.36 -3.31
N ILE F 343 -4.04 -37.57 -4.38
CA ILE F 343 -2.78 -37.38 -5.08
C ILE F 343 -2.06 -36.22 -4.40
N ASN F 344 -1.03 -36.54 -3.61
CA ASN F 344 -0.38 -35.51 -2.80
C ASN F 344 0.50 -34.56 -3.60
N PRO F 345 1.22 -34.99 -4.63
CA PRO F 345 2.00 -34.03 -5.42
C PRO F 345 1.15 -32.90 -5.97
N ASN F 346 -0.14 -33.13 -6.20
CA ASN F 346 -1.02 -32.03 -6.59
C ASN F 346 -1.11 -30.98 -5.49
N TYR F 347 -1.24 -31.42 -4.23
CA TYR F 347 -1.27 -30.46 -3.13
C TYR F 347 0.04 -29.69 -3.04
N LEU F 348 1.17 -30.39 -3.16
CA LEU F 348 2.47 -29.72 -3.09
C LEU F 348 2.61 -28.70 -4.21
N LEU F 349 2.23 -29.08 -5.43
CA LEU F 349 2.30 -28.16 -6.55
C LEU F 349 1.34 -26.99 -6.37
N THR F 350 0.19 -27.21 -5.72
CA THR F 350 -0.72 -26.12 -5.46
C THR F 350 -0.09 -25.08 -4.53
N TRP F 351 0.57 -25.55 -3.47
CA TRP F 351 1.24 -24.61 -2.58
C TRP F 351 2.34 -23.86 -3.30
N LYS F 352 3.17 -24.57 -4.08
CA LYS F 352 4.19 -23.89 -4.84
C LYS F 352 3.59 -22.88 -5.82
N GLN F 353 2.42 -23.19 -6.38
CA GLN F 353 1.77 -22.31 -7.33
C GLN F 353 1.31 -21.02 -6.65
N VAL F 354 0.68 -21.13 -5.48
CA VAL F 354 0.27 -19.89 -4.80
C VAL F 354 1.49 -19.06 -4.45
N LEU F 355 2.57 -19.71 -4.00
CA LEU F 355 3.78 -18.95 -3.69
C LEU F 355 4.30 -18.21 -4.93
N ALA F 356 4.30 -18.88 -6.09
CA ALA F 356 4.79 -18.24 -7.30
C ALA F 356 3.86 -17.11 -7.76
N GLU F 357 2.55 -17.34 -7.68
CA GLU F 357 1.59 -16.33 -8.12
C GLU F 357 1.71 -15.06 -7.29
N LEU F 358 1.91 -15.21 -5.97
CA LEU F 358 2.06 -14.03 -5.14
C LEU F 358 3.26 -13.19 -5.56
N GLN F 359 4.39 -13.83 -5.89
CA GLN F 359 5.54 -13.06 -6.38
C GLN F 359 5.27 -12.45 -7.75
N ASP F 360 4.49 -13.12 -8.60
CA ASP F 360 4.19 -12.53 -9.90
C ASP F 360 3.38 -11.23 -9.82
N ILE F 361 3.00 -10.80 -8.62
CA ILE F 361 2.29 -9.53 -8.48
C ILE F 361 3.23 -8.36 -8.73
N GLU F 362 4.52 -8.51 -8.40
CA GLU F 362 5.42 -7.38 -8.46
C GLU F 362 5.66 -6.91 -9.89
N ASN F 363 5.77 -7.83 -10.83
CA ASN F 363 6.07 -7.47 -12.22
C ASN F 363 4.80 -7.18 -13.02
N GLU F 364 3.96 -6.29 -12.51
CA GLU F 364 2.75 -5.87 -13.18
C GLU F 364 2.72 -4.35 -13.30
N GLU F 365 2.17 -3.88 -14.42
CA GLU F 365 2.06 -2.43 -14.61
C GLU F 365 1.16 -1.80 -13.55
N LYS F 366 0.05 -2.46 -13.21
CA LYS F 366 -0.85 -2.00 -12.18
C LYS F 366 -1.16 -3.15 -11.23
N ILE F 367 -1.10 -2.88 -9.94
CA ILE F 367 -1.37 -3.90 -8.94
C ILE F 367 -2.87 -4.20 -8.92
N PRO F 368 -3.30 -5.46 -8.90
CA PRO F 368 -4.72 -5.77 -8.87
C PRO F 368 -5.27 -5.81 -7.44
N ARG F 369 -6.60 -5.81 -7.36
CA ARG F 369 -7.30 -5.92 -6.08
C ARG F 369 -7.59 -7.37 -5.71
N THR F 370 -7.79 -8.23 -6.71
CA THR F 370 -8.03 -9.65 -6.50
C THR F 370 -7.14 -10.46 -7.42
N LYS F 371 -6.72 -11.62 -6.95
CA LYS F 371 -5.87 -12.52 -7.70
C LYS F 371 -6.69 -13.69 -8.22
N ASN F 372 -6.50 -14.02 -9.49
CA ASN F 372 -7.24 -15.09 -10.16
C ASN F 372 -6.27 -16.21 -10.51
N MET F 373 -6.43 -17.35 -9.87
CA MET F 373 -5.51 -18.47 -10.11
C MET F 373 -5.68 -19.01 -11.52
N LYS F 374 -4.61 -19.58 -12.04
CA LYS F 374 -4.64 -20.17 -13.38
C LYS F 374 -5.19 -21.59 -13.32
N LYS F 375 -6.05 -21.91 -14.30
CA LYS F 375 -6.74 -23.21 -14.31
C LYS F 375 -5.75 -24.29 -14.73
N THR F 376 -4.91 -24.68 -13.78
CA THR F 376 -3.86 -25.65 -14.03
C THR F 376 -4.38 -27.06 -13.72
N SER F 377 -3.62 -28.08 -14.11
CA SER F 377 -4.08 -29.45 -13.94
C SER F 377 -4.29 -29.79 -12.47
N GLN F 378 -3.35 -29.40 -11.61
CA GLN F 378 -3.47 -29.76 -10.20
C GLN F 378 -4.69 -29.09 -9.58
N LEU F 379 -4.96 -27.84 -9.93
CA LEU F 379 -6.17 -27.19 -9.46
C LEU F 379 -7.41 -27.82 -10.07
N LYS F 380 -7.30 -28.32 -11.31
CA LYS F 380 -8.43 -29.02 -11.91
C LYS F 380 -8.78 -30.27 -11.11
N TRP F 381 -7.78 -31.03 -10.68
CA TRP F 381 -8.06 -32.24 -9.92
C TRP F 381 -8.51 -31.92 -8.50
N ALA F 382 -7.81 -31.00 -7.83
CA ALA F 382 -8.07 -30.74 -6.42
C ALA F 382 -9.47 -30.18 -6.21
N LEU F 383 -9.90 -29.27 -7.09
CA LEU F 383 -11.20 -28.63 -6.97
C LEU F 383 -12.31 -29.42 -7.65
N GLY F 384 -12.04 -30.67 -8.02
CA GLY F 384 -13.09 -31.55 -8.52
C GLY F 384 -13.75 -31.06 -9.79
N GLU F 385 -12.98 -30.55 -10.74
CA GLU F 385 -13.55 -30.09 -12.00
C GLU F 385 -13.74 -31.27 -12.95
N ASN F 386 -14.86 -31.26 -13.66
CA ASN F 386 -15.19 -32.30 -14.65
C ASN F 386 -15.29 -33.67 -13.98
N MET F 387 -16.06 -33.73 -12.90
CA MET F 387 -16.33 -34.99 -12.21
C MET F 387 -17.79 -35.40 -12.21
N ALA F 388 -18.70 -34.50 -12.57
CA ALA F 388 -20.12 -34.83 -12.58
C ALA F 388 -20.44 -35.69 -13.80
N PRO F 389 -21.11 -36.83 -13.63
CA PRO F 389 -21.50 -37.63 -14.79
C PRO F 389 -22.45 -36.86 -15.70
N GLU F 390 -22.33 -37.11 -17.00
CA GLU F 390 -23.14 -36.39 -17.98
C GLU F 390 -24.62 -36.75 -17.80
N LYS F 391 -25.48 -35.79 -18.12
CA LYS F 391 -26.92 -35.92 -17.95
C LYS F 391 -27.55 -36.23 -19.30
N VAL F 392 -28.39 -37.27 -19.34
CA VAL F 392 -29.11 -37.66 -20.54
C VAL F 392 -30.51 -38.10 -20.14
N ASP F 393 -31.35 -38.33 -21.14
CA ASP F 393 -32.71 -38.79 -20.90
C ASP F 393 -32.72 -40.29 -20.59
N PHE F 394 -33.80 -40.74 -19.95
CA PHE F 394 -33.91 -42.14 -19.60
C PHE F 394 -34.03 -43.04 -20.82
N GLU F 395 -34.68 -42.55 -21.87
CA GLU F 395 -34.97 -43.40 -23.03
C GLU F 395 -33.69 -43.87 -23.72
N ASP F 396 -32.61 -43.09 -23.63
CA ASP F 396 -31.39 -43.42 -24.37
C ASP F 396 -30.68 -44.62 -23.76
N CYS F 397 -30.55 -44.64 -22.43
CA CYS F 397 -29.68 -45.59 -21.74
C CYS F 397 -30.45 -46.47 -20.77
N LYS F 398 -31.66 -46.90 -21.15
CA LYS F 398 -32.38 -47.82 -20.28
C LYS F 398 -31.72 -49.20 -20.26
N ASP F 399 -31.00 -49.56 -21.32
CA ASP F 399 -30.36 -50.87 -21.43
C ASP F 399 -28.89 -50.73 -21.02
N VAL F 400 -28.67 -50.63 -19.71
CA VAL F 400 -27.33 -50.58 -19.15
C VAL F 400 -27.29 -51.51 -17.95
N ASN F 401 -26.22 -52.30 -17.84
CA ASN F 401 -26.13 -53.31 -16.79
C ASN F 401 -26.08 -52.67 -15.41
N ASP F 402 -25.33 -51.58 -15.27
CA ASP F 402 -25.04 -50.97 -13.97
C ASP F 402 -25.85 -49.71 -13.74
N LEU F 403 -27.10 -49.69 -14.21
CA LEU F 403 -27.98 -48.54 -14.02
C LEU F 403 -28.88 -48.82 -12.82
N LYS F 404 -28.62 -48.10 -11.72
CA LYS F 404 -29.43 -48.19 -10.52
C LYS F 404 -29.60 -46.77 -9.97
N GLN F 405 -30.23 -46.67 -8.81
CA GLN F 405 -30.36 -45.39 -8.13
C GLN F 405 -29.19 -45.21 -7.16
N TYR F 406 -29.06 -44.00 -6.62
CA TYR F 406 -27.90 -43.67 -5.81
C TYR F 406 -27.83 -44.55 -4.56
N ASP F 407 -26.65 -44.55 -3.94
CA ASP F 407 -26.40 -45.32 -2.73
C ASP F 407 -26.97 -44.54 -1.56
N SER F 408 -28.13 -44.99 -1.06
CA SER F 408 -28.77 -44.37 0.10
C SER F 408 -28.55 -45.29 1.31
N ASP F 409 -27.39 -45.10 1.95
CA ASP F 409 -26.98 -45.89 3.09
C ASP F 409 -26.78 -45.00 4.31
N GLU F 410 -26.42 -45.63 5.44
CA GLU F 410 -26.23 -44.94 6.71
C GLU F 410 -24.75 -44.66 6.94
N PRO F 411 -24.40 -43.56 7.61
CA PRO F 411 -23.00 -43.28 7.89
C PRO F 411 -22.36 -44.39 8.73
N GLU F 412 -21.09 -44.64 8.47
CA GLU F 412 -20.35 -45.69 9.17
C GLU F 412 -20.02 -45.24 10.59
N PRO F 413 -20.35 -46.03 11.61
CA PRO F 413 -20.12 -45.58 12.99
C PRO F 413 -18.65 -45.39 13.31
N ARG F 414 -18.39 -44.47 14.25
CA ARG F 414 -17.06 -44.13 14.70
C ARG F 414 -17.04 -44.14 16.22
N SER F 415 -15.83 -44.19 16.79
CA SER F 415 -15.63 -44.26 18.23
C SER F 415 -14.99 -42.98 18.74
N LEU F 416 -15.31 -42.64 19.99
CA LEU F 416 -14.89 -41.37 20.57
C LEU F 416 -13.37 -41.34 20.75
N ALA F 417 -12.82 -40.12 20.66
CA ALA F 417 -11.41 -39.87 20.93
C ALA F 417 -11.29 -38.74 21.93
N CYS F 418 -10.04 -38.43 22.32
CA CYS F 418 -9.82 -37.49 23.39
C CYS F 418 -9.62 -36.05 22.90
N TRP F 419 -9.24 -35.87 21.63
CA TRP F 419 -8.82 -34.54 21.19
C TRP F 419 -9.92 -33.50 21.35
N ILE F 420 -11.19 -33.92 21.27
CA ILE F 420 -12.28 -32.95 21.34
C ILE F 420 -12.37 -32.35 22.74
N GLN F 421 -12.11 -33.15 23.77
CA GLN F 421 -12.14 -32.62 25.14
C GLN F 421 -11.05 -31.57 25.35
N SER F 422 -9.85 -31.81 24.83
CA SER F 422 -8.80 -30.81 24.90
C SER F 422 -9.19 -29.56 24.11
N GLU F 423 -9.82 -29.75 22.95
CA GLU F 423 -10.28 -28.61 22.16
C GLU F 423 -11.22 -27.74 22.96
N PHE F 424 -12.19 -28.37 23.64
CA PHE F 424 -13.13 -27.61 24.46
C PHE F 424 -12.44 -26.92 25.62
N ASN F 425 -11.53 -27.62 26.30
CA ASN F 425 -10.83 -27.03 27.42
C ASN F 425 -10.06 -25.78 26.99
N LYS F 426 -9.37 -25.87 25.85
CA LYS F 426 -8.70 -24.68 25.32
C LYS F 426 -9.71 -23.60 24.95
N ALA F 427 -10.84 -23.98 24.34
CA ALA F 427 -11.86 -23.00 23.99
C ALA F 427 -12.38 -22.26 25.21
N CYS F 428 -12.25 -22.83 26.40
CA CYS F 428 -12.71 -22.19 27.62
C CYS F 428 -11.63 -21.39 28.33
N GLU F 429 -10.48 -21.17 27.70
CA GLU F 429 -9.36 -20.48 28.32
C GLU F 429 -9.42 -18.98 28.00
N LEU F 430 -8.37 -18.25 28.38
CA LEU F 430 -8.27 -16.81 28.18
C LEU F 430 -7.24 -16.49 27.11
N THR F 431 -7.07 -15.18 26.86
CA THR F 431 -6.06 -14.68 25.94
C THR F 431 -5.52 -13.36 26.45
N ASP F 432 -4.70 -12.68 25.65
CA ASP F 432 -4.16 -11.37 26.01
C ASP F 432 -4.69 -10.25 25.12
N SER F 433 -5.70 -10.52 24.31
CA SER F 433 -6.24 -9.53 23.39
C SER F 433 -7.76 -9.57 23.45
N SER F 434 -8.38 -8.44 23.09
CA SER F 434 -9.82 -8.30 23.08
C SER F 434 -10.32 -8.49 21.65
N TRP F 435 -11.26 -9.42 21.47
CA TRP F 435 -11.69 -9.83 20.14
C TRP F 435 -13.03 -9.25 19.73
N VAL F 436 -13.67 -8.46 20.58
CA VAL F 436 -14.98 -7.88 20.27
C VAL F 436 -15.01 -6.43 20.74
N GLU F 437 -15.54 -5.55 19.91
CA GLU F 437 -15.80 -4.16 20.27
C GLU F 437 -17.25 -3.87 19.97
N LEU F 438 -17.98 -3.38 20.97
CA LEU F 438 -19.41 -3.15 20.86
C LEU F 438 -19.71 -1.66 20.97
N ASP F 439 -20.83 -1.26 20.37
CA ASP F 439 -21.21 0.14 20.29
C ASP F 439 -21.81 0.59 21.62
N GLU F 440 -22.32 1.82 21.65
CA GLU F 440 -22.78 2.45 22.88
C GLU F 440 -24.30 2.49 22.94
N ILE F 441 -24.82 2.71 24.14
CA ILE F 441 -26.24 2.88 24.38
C ILE F 441 -26.42 4.14 25.20
N GLY F 442 -27.58 4.77 25.07
CA GLY F 442 -27.84 6.02 25.76
C GLY F 442 -27.71 5.88 27.27
N GLU F 443 -27.80 7.02 27.93
CA GLU F 443 -27.70 7.04 29.39
C GLU F 443 -28.86 6.27 30.01
N ASP F 444 -28.58 5.60 31.11
CA ASP F 444 -29.57 4.79 31.82
C ASP F 444 -30.14 5.62 32.98
N VAL F 445 -31.46 5.72 33.03
CA VAL F 445 -32.14 6.47 34.08
C VAL F 445 -32.96 5.58 34.99
N ALA F 446 -33.64 4.56 34.46
CA ALA F 446 -34.46 3.70 35.30
C ALA F 446 -33.59 2.69 36.05
N PRO F 447 -33.99 2.30 37.26
CA PRO F 447 -33.21 1.27 37.97
C PRO F 447 -33.11 -0.04 37.22
N ILE F 448 -34.16 -0.42 36.50
CA ILE F 448 -34.11 -1.65 35.71
C ILE F 448 -32.99 -1.55 34.68
N GLU F 449 -32.89 -0.40 34.01
CA GLU F 449 -31.80 -0.21 33.07
C GLU F 449 -30.45 -0.21 33.78
N HIS F 450 -30.38 0.30 35.01
CA HIS F 450 -29.12 0.28 35.74
C HIS F 450 -28.65 -1.16 35.97
N ILE F 451 -29.55 -2.00 36.49
CA ILE F 451 -29.15 -3.38 36.76
C ILE F 451 -28.88 -4.12 35.45
N ALA F 452 -29.65 -3.85 34.40
CA ALA F 452 -29.42 -4.51 33.12
C ALA F 452 -28.05 -4.15 32.58
N SER F 453 -27.68 -2.86 32.63
CA SER F 453 -26.38 -2.44 32.15
C SER F 453 -25.26 -3.03 32.98
N MET F 454 -25.44 -3.12 34.29
CA MET F 454 -24.38 -3.70 35.13
C MET F 454 -24.19 -5.17 34.81
N ARG F 455 -25.29 -5.91 34.67
CA ARG F 455 -25.19 -7.31 34.26
C ARG F 455 -24.48 -7.44 32.92
N ARG F 456 -24.89 -6.64 31.94
CA ARG F 456 -24.31 -6.72 30.61
C ARG F 456 -22.82 -6.43 30.65
N ASN F 457 -22.41 -5.37 31.37
CA ASN F 457 -21.00 -5.01 31.42
C ASN F 457 -20.18 -6.08 32.14
N TYR F 458 -20.70 -6.63 33.24
CA TYR F 458 -19.97 -7.67 33.95
C TYR F 458 -19.82 -8.92 33.09
N PHE F 459 -20.87 -9.29 32.35
CA PHE F 459 -20.75 -10.43 31.44
C PHE F 459 -19.73 -10.14 30.35
N THR F 460 -19.78 -8.94 29.76
CA THR F 460 -18.88 -8.61 28.66
C THR F 460 -17.42 -8.61 29.12
N ALA F 461 -17.16 -8.09 30.32
CA ALA F 461 -15.78 -8.03 30.80
C ALA F 461 -15.18 -9.43 30.93
N GLU F 462 -15.96 -10.38 31.45
CA GLU F 462 -15.46 -11.72 31.71
C GLU F 462 -15.41 -12.58 30.46
N VAL F 463 -15.94 -12.09 29.33
CA VAL F 463 -16.08 -12.93 28.13
C VAL F 463 -15.43 -12.31 26.91
N SER F 464 -15.06 -11.03 26.93
CA SER F 464 -14.47 -10.40 25.75
C SER F 464 -13.09 -10.95 25.43
N HIS F 465 -12.34 -11.40 26.44
CA HIS F 465 -11.00 -11.91 26.26
C HIS F 465 -10.98 -13.43 26.07
N CYS F 466 -12.12 -14.09 26.08
CA CYS F 466 -12.17 -15.52 25.88
C CYS F 466 -11.77 -15.87 24.46
N ARG F 467 -11.39 -17.13 24.26
CA ARG F 467 -10.96 -17.57 22.93
C ARG F 467 -12.13 -17.76 21.98
N ALA F 468 -13.29 -18.19 22.50
CA ALA F 468 -14.42 -18.47 21.62
C ALA F 468 -14.77 -17.28 20.74
N THR F 469 -14.58 -16.06 21.25
CA THR F 469 -14.84 -14.88 20.44
C THR F 469 -13.92 -14.83 19.22
N GLU F 470 -12.68 -15.27 19.36
CA GLU F 470 -11.79 -15.34 18.22
C GLU F 470 -12.33 -16.29 17.16
N TYR F 471 -12.85 -17.44 17.58
CA TYR F 471 -13.46 -18.38 16.64
C TYR F 471 -14.66 -17.73 15.95
N ILE F 472 -15.50 -17.02 16.71
CA ILE F 472 -16.65 -16.37 16.11
C ILE F 472 -16.21 -15.41 15.02
N MET F 473 -15.23 -14.54 15.33
CA MET F 473 -14.78 -13.57 14.35
C MET F 473 -14.19 -14.24 13.11
N LYS F 474 -13.36 -15.26 13.34
CA LYS F 474 -12.69 -15.93 12.23
C LYS F 474 -13.70 -16.59 11.31
N GLY F 475 -14.67 -17.32 11.89
CA GLY F 475 -15.68 -17.95 11.07
C GLY F 475 -16.53 -16.96 10.31
N VAL F 476 -16.93 -15.86 10.97
CA VAL F 476 -17.72 -14.85 10.29
C VAL F 476 -16.96 -14.29 9.10
N TYR F 477 -15.68 -13.95 9.29
N TYR F 477 -15.68 -13.95 9.29
CA TYR F 477 -14.88 -13.39 8.20
CA TYR F 477 -14.90 -13.39 8.19
C TYR F 477 -14.77 -14.38 7.04
C TYR F 477 -14.79 -14.38 7.04
N ILE F 478 -14.43 -15.63 7.36
CA ILE F 478 -14.18 -16.61 6.29
C ILE F 478 -15.45 -16.86 5.49
N ASN F 479 -16.58 -17.03 6.17
CA ASN F 479 -17.81 -17.33 5.44
C ASN F 479 -18.30 -16.11 4.65
N THR F 480 -18.16 -14.91 5.20
CA THR F 480 -18.51 -13.71 4.45
C THR F 480 -17.69 -13.63 3.17
N ALA F 481 -16.37 -13.82 3.28
CA ALA F 481 -15.53 -13.74 2.09
C ALA F 481 -15.92 -14.81 1.08
N LEU F 482 -16.16 -16.03 1.54
CA LEU F 482 -16.51 -17.11 0.62
C LEU F 482 -17.79 -16.80 -0.13
N LEU F 483 -18.83 -16.35 0.59
CA LEU F 483 -20.09 -16.06 -0.08
C LEU F 483 -19.95 -14.93 -1.08
N ASN F 484 -19.24 -13.85 -0.70
CA ASN F 484 -19.07 -12.74 -1.62
C ASN F 484 -18.35 -13.18 -2.88
N ALA F 485 -17.23 -13.90 -2.73
CA ALA F 485 -16.46 -14.32 -3.90
C ALA F 485 -17.27 -15.28 -4.77
N SER F 486 -17.99 -16.22 -4.16
CA SER F 486 -18.76 -17.17 -4.94
C SER F 486 -19.87 -16.47 -5.72
N CYS F 487 -20.51 -15.46 -5.12
CA CYS F 487 -21.56 -14.75 -5.84
C CYS F 487 -20.99 -13.90 -6.96
N ALA F 488 -19.83 -13.26 -6.74
CA ALA F 488 -19.31 -12.31 -7.73
C ALA F 488 -18.63 -13.01 -8.89
N ALA F 489 -17.56 -13.75 -8.63
CA ALA F 489 -16.78 -14.41 -9.68
C ALA F 489 -17.23 -15.86 -9.78
N MET F 490 -18.20 -16.11 -10.66
CA MET F 490 -18.85 -17.42 -10.70
C MET F 490 -17.99 -18.48 -11.39
N ASP F 491 -17.21 -18.10 -12.40
CA ASP F 491 -16.52 -19.06 -13.26
C ASP F 491 -15.01 -18.98 -13.16
N ASP F 492 -14.48 -18.50 -12.03
CA ASP F 492 -13.05 -18.29 -11.87
C ASP F 492 -12.56 -18.99 -10.61
N PHE F 493 -11.24 -19.20 -10.56
CA PHE F 493 -10.58 -19.82 -9.41
C PHE F 493 -9.98 -18.71 -8.55
N GLN F 494 -10.83 -18.07 -7.76
CA GLN F 494 -10.40 -16.97 -6.91
C GLN F 494 -9.52 -17.47 -5.76
N LEU F 495 -8.70 -16.57 -5.24
CA LEU F 495 -7.85 -16.83 -4.09
C LEU F 495 -8.26 -15.89 -2.96
N ILE F 496 -8.54 -16.44 -1.79
CA ILE F 496 -9.10 -15.70 -0.67
C ILE F 496 -8.22 -15.96 0.55
N PRO F 497 -7.64 -14.94 1.18
CA PRO F 497 -6.90 -15.15 2.41
C PRO F 497 -7.81 -15.14 3.64
N MET F 498 -7.26 -15.62 4.75
CA MET F 498 -7.94 -15.61 6.04
C MET F 498 -7.29 -14.54 6.91
N ILE F 499 -8.05 -13.51 7.26
CA ILE F 499 -7.52 -12.38 8.01
C ILE F 499 -8.46 -12.06 9.16
N SER F 500 -7.88 -11.62 10.28
CA SER F 500 -8.63 -11.22 11.46
C SER F 500 -7.99 -9.99 12.07
N LYS F 501 -8.76 -9.27 12.89
CA LYS F 501 -8.31 -8.03 13.52
C LYS F 501 -8.47 -8.14 15.03
N ARG F 502 -7.57 -7.49 15.77
CA ARG F 502 -7.60 -7.55 17.21
C ARG F 502 -6.97 -6.29 17.79
N ARG F 503 -7.17 -6.11 19.11
CA ARG F 503 -6.55 -5.03 19.86
C ARG F 503 -5.77 -5.62 21.02
N THR F 504 -4.56 -5.11 21.25
CA THR F 504 -3.66 -5.66 22.26
C THR F 504 -4.05 -5.17 23.65
N LYS F 505 -3.32 -5.66 24.65
CA LYS F 505 -3.52 -5.19 26.02
C LYS F 505 -3.19 -3.71 26.14
N GLU F 506 -2.13 -3.27 25.46
CA GLU F 506 -1.74 -1.87 25.49
C GLU F 506 -2.69 -0.97 24.72
N GLY F 507 -3.65 -1.54 23.98
CA GLY F 507 -4.56 -0.75 23.19
C GLY F 507 -4.10 -0.49 21.77
N ARG F 508 -3.23 -1.34 21.23
CA ARG F 508 -2.70 -1.18 19.89
C ARG F 508 -3.29 -2.23 18.98
N ARG F 509 -3.65 -1.83 17.75
CA ARG F 509 -4.29 -2.73 16.82
C ARG F 509 -3.29 -3.70 16.19
N LYS F 510 -3.79 -4.88 15.82
CA LYS F 510 -2.99 -5.87 15.12
C LYS F 510 -3.88 -6.64 14.16
N THR F 511 -3.26 -7.12 13.09
CA THR F 511 -3.94 -7.89 12.04
C THR F 511 -3.23 -9.22 11.89
N ASN F 512 -4.02 -10.31 11.88
CA ASN F 512 -3.53 -11.68 11.85
C ASN F 512 -3.92 -12.35 10.54
N LEU F 513 -2.99 -13.13 9.99
CA LEU F 513 -3.23 -13.94 8.81
C LEU F 513 -3.03 -15.41 9.18
N TYR F 514 -3.99 -16.25 8.80
CA TYR F 514 -3.96 -17.67 9.13
C TYR F 514 -3.63 -18.58 7.96
N GLY F 515 -4.02 -18.23 6.75
CA GLY F 515 -3.78 -19.09 5.61
C GLY F 515 -4.53 -18.61 4.38
N PHE F 516 -4.78 -19.55 3.47
CA PHE F 516 -5.40 -19.25 2.19
C PHE F 516 -6.46 -20.29 1.87
N ILE F 517 -7.41 -19.91 1.00
CA ILE F 517 -8.34 -20.85 0.40
C ILE F 517 -8.52 -20.49 -1.07
N ILE F 518 -8.52 -21.50 -1.93
CA ILE F 518 -8.77 -21.34 -3.35
C ILE F 518 -10.15 -21.92 -3.64
N LYS F 519 -10.99 -21.13 -4.30
CA LYS F 519 -12.39 -21.48 -4.56
C LYS F 519 -12.54 -21.86 -6.02
N GLY F 520 -13.34 -22.89 -6.28
CA GLY F 520 -13.59 -23.38 -7.62
C GLY F 520 -14.84 -22.77 -8.23
N ARG F 521 -15.35 -23.45 -9.24
CA ARG F 521 -16.56 -22.98 -9.90
C ARG F 521 -17.74 -23.02 -8.94
N SER F 522 -18.58 -21.99 -8.99
CA SER F 522 -19.64 -21.79 -8.02
C SER F 522 -20.98 -21.56 -8.72
N HIS F 523 -21.29 -22.42 -9.70
CA HIS F 523 -22.58 -22.35 -10.40
C HIS F 523 -23.66 -22.97 -9.52
N LEU F 524 -23.97 -22.26 -8.44
CA LEU F 524 -24.95 -22.72 -7.46
C LEU F 524 -26.34 -22.33 -7.90
N ARG F 525 -27.28 -23.27 -7.80
CA ARG F 525 -28.67 -23.07 -8.18
C ARG F 525 -29.60 -23.07 -6.96
N ASN F 526 -29.57 -24.12 -6.17
CA ASN F 526 -30.43 -24.24 -5.01
C ASN F 526 -29.65 -23.81 -3.76
N ASP F 527 -30.23 -24.03 -2.59
CA ASP F 527 -29.59 -23.72 -1.33
C ASP F 527 -28.75 -24.88 -0.79
N THR F 528 -28.64 -25.97 -1.55
CA THR F 528 -27.87 -27.13 -1.12
C THR F 528 -26.78 -27.52 -2.10
N ASP F 529 -26.68 -26.87 -3.26
CA ASP F 529 -25.58 -27.14 -4.17
C ASP F 529 -24.27 -26.72 -3.54
N VAL F 530 -23.22 -27.50 -3.78
CA VAL F 530 -21.95 -27.34 -3.09
C VAL F 530 -20.94 -26.67 -4.00
N VAL F 531 -20.02 -25.93 -3.39
CA VAL F 531 -18.84 -25.38 -4.05
C VAL F 531 -17.62 -25.94 -3.33
N ASN F 532 -16.64 -26.42 -4.09
CA ASN F 532 -15.45 -27.01 -3.52
C ASN F 532 -14.33 -25.98 -3.44
N PHE F 533 -13.46 -26.16 -2.46
CA PHE F 533 -12.30 -25.29 -2.29
C PHE F 533 -11.18 -26.06 -1.64
N VAL F 534 -9.98 -25.48 -1.70
CA VAL F 534 -8.77 -26.05 -1.13
C VAL F 534 -8.23 -25.08 -0.11
N SER F 535 -7.99 -25.55 1.12
CA SER F 535 -7.61 -24.70 2.24
C SER F 535 -6.23 -25.08 2.73
N MET F 536 -5.39 -24.06 2.94
CA MET F 536 -4.06 -24.22 3.52
C MET F 536 -3.96 -23.35 4.77
N GLU F 537 -3.67 -23.98 5.90
CA GLU F 537 -3.58 -23.26 7.19
C GLU F 537 -2.21 -23.50 7.82
N PHE F 538 -1.66 -22.45 8.43
CA PHE F 538 -0.40 -22.55 9.15
C PHE F 538 -0.63 -23.13 10.54
N SER F 539 0.42 -23.73 11.11
CA SER F 539 0.32 -24.25 12.48
C SER F 539 1.70 -24.66 12.97
N LEU F 540 1.76 -24.94 14.27
CA LEU F 540 2.96 -25.47 14.92
C LEU F 540 2.74 -26.86 15.51
N THR F 541 1.59 -27.47 15.26
CA THR F 541 1.31 -28.78 15.83
C THR F 541 1.87 -29.89 14.95
N ASP F 542 2.58 -30.82 15.57
CA ASP F 542 3.15 -31.94 14.83
C ASP F 542 2.05 -32.93 14.50
N PRO F 543 1.82 -33.25 13.22
CA PRO F 543 0.72 -34.16 12.88
C PRO F 543 0.94 -35.59 13.34
N ARG F 544 2.17 -35.97 13.65
CA ARG F 544 2.50 -37.36 13.96
C ARG F 544 2.24 -37.73 15.42
N LEU F 545 1.51 -36.90 16.17
CA LEU F 545 1.15 -37.22 17.55
C LEU F 545 -0.23 -37.84 17.67
N GLU F 546 -1.21 -37.34 16.90
CA GLU F 546 -2.55 -37.92 16.84
C GLU F 546 -2.92 -38.07 15.38
N PRO F 547 -2.34 -39.04 14.68
CA PRO F 547 -2.61 -39.17 13.24
C PRO F 547 -4.08 -39.40 12.93
N HIS F 548 -4.80 -40.15 13.76
CA HIS F 548 -6.21 -40.42 13.50
C HIS F 548 -7.04 -39.15 13.44
N LYS F 549 -6.60 -38.08 14.11
CA LYS F 549 -7.33 -36.82 14.05
C LYS F 549 -7.23 -36.17 12.68
N TRP F 550 -6.12 -36.39 11.97
CA TRP F 550 -5.83 -35.71 10.71
C TRP F 550 -6.05 -36.60 9.51
N GLU F 551 -7.11 -37.41 9.53
CA GLU F 551 -7.34 -38.39 8.48
C GLU F 551 -7.51 -37.72 7.11
N LYS F 552 -8.25 -36.61 7.07
CA LYS F 552 -8.65 -35.98 5.81
C LYS F 552 -7.70 -34.86 5.37
N TYR F 553 -6.57 -34.69 6.06
CA TYR F 553 -5.63 -33.62 5.76
C TYR F 553 -4.34 -34.19 5.18
N CYS F 554 -3.68 -33.38 4.35
CA CYS F 554 -2.31 -33.63 3.92
C CYS F 554 -1.44 -32.52 4.49
N VAL F 555 -0.40 -32.87 5.23
CA VAL F 555 0.36 -31.93 6.02
C VAL F 555 1.77 -31.83 5.45
N LEU F 556 2.22 -30.60 5.24
CA LEU F 556 3.57 -30.31 4.78
C LEU F 556 4.32 -29.52 5.83
N GLU F 557 5.64 -29.69 5.87
CA GLU F 557 6.52 -28.88 6.71
C GLU F 557 7.14 -27.82 5.83
N ILE F 558 6.81 -26.55 6.09
CA ILE F 558 7.17 -25.46 5.19
C ILE F 558 8.13 -24.46 5.80
N GLY F 559 8.32 -24.44 7.11
CA GLY F 559 9.20 -23.41 7.63
C GLY F 559 9.81 -23.76 8.96
N ASP F 560 10.66 -22.86 9.44
CA ASP F 560 11.28 -22.97 10.77
C ASP F 560 11.15 -21.63 11.46
N MET F 561 10.34 -21.58 12.52
CA MET F 561 10.14 -20.38 13.30
C MET F 561 11.07 -20.39 14.51
N LEU F 562 11.32 -19.20 15.06
CA LEU F 562 12.17 -19.05 16.24
C LEU F 562 11.39 -18.36 17.35
N LEU F 563 11.60 -18.83 18.58
CA LEU F 563 10.95 -18.28 19.75
C LEU F 563 11.99 -18.07 20.84
N ARG F 564 11.93 -16.92 21.50
CA ARG F 564 12.84 -16.60 22.60
C ARG F 564 12.04 -16.48 23.88
N THR F 565 12.43 -17.26 24.89
CA THR F 565 11.73 -17.32 26.17
C THR F 565 12.75 -17.32 27.30
N ALA F 566 12.25 -17.42 28.52
CA ALA F 566 13.14 -17.44 29.68
C ALA F 566 14.07 -18.66 29.65
N VAL F 567 13.52 -19.82 29.31
CA VAL F 567 14.33 -21.04 29.27
C VAL F 567 15.44 -20.91 28.24
N GLY F 568 15.12 -20.36 27.07
CA GLY F 568 16.12 -20.18 26.03
C GLY F 568 15.46 -19.97 24.68
N GLN F 569 16.26 -20.12 23.64
CA GLN F 569 15.82 -19.94 22.26
C GLN F 569 15.48 -21.30 21.67
N VAL F 570 14.32 -21.40 21.03
CA VAL F 570 13.83 -22.64 20.43
C VAL F 570 13.60 -22.39 18.95
N SER F 571 14.19 -23.26 18.11
CA SER F 571 13.96 -23.23 16.67
C SER F 571 12.94 -24.32 16.33
N ARG F 572 11.67 -23.93 16.37
CA ARG F 572 10.58 -24.87 16.16
C ARG F 572 10.27 -25.00 14.68
N PRO F 573 9.66 -26.12 14.27
CA PRO F 573 9.18 -26.23 12.89
C PRO F 573 7.80 -25.60 12.73
N MET F 574 7.45 -25.33 11.47
CA MET F 574 6.21 -24.67 11.11
C MET F 574 5.56 -25.44 9.98
N PHE F 575 4.39 -26.02 10.24
CA PHE F 575 3.69 -26.90 9.33
C PHE F 575 2.54 -26.18 8.64
N LEU F 576 2.11 -26.77 7.52
CA LEU F 576 0.99 -26.27 6.74
C LEU F 576 0.04 -27.43 6.46
N TYR F 577 -1.20 -27.31 6.92
CA TYR F 577 -2.23 -28.31 6.71
C TYR F 577 -3.00 -27.96 5.44
N VAL F 578 -3.07 -28.90 4.51
CA VAL F 578 -3.73 -28.70 3.22
C VAL F 578 -4.87 -29.69 3.11
N ARG F 579 -6.06 -29.20 2.71
CA ARG F 579 -7.23 -30.06 2.68
C ARG F 579 -8.20 -29.59 1.60
N THR F 580 -8.91 -30.55 1.01
CA THR F 580 -9.94 -30.27 0.03
C THR F 580 -11.31 -30.39 0.71
N ASN F 581 -12.06 -29.29 0.75
CA ASN F 581 -13.34 -29.24 1.43
C ASN F 581 -14.39 -28.70 0.48
N GLY F 582 -15.63 -28.66 0.95
CA GLY F 582 -16.73 -28.12 0.16
C GLY F 582 -17.84 -27.64 1.05
N THR F 583 -18.57 -26.64 0.59
CA THR F 583 -19.63 -26.04 1.40
C THR F 583 -20.76 -25.55 0.50
N SER F 584 -21.96 -25.48 1.08
CA SER F 584 -23.15 -25.07 0.36
C SER F 584 -23.50 -23.63 0.74
N LYS F 585 -24.56 -23.10 0.11
CA LYS F 585 -24.92 -21.70 0.33
C LYS F 585 -25.57 -21.48 1.69
N ILE F 586 -26.44 -22.40 2.11
CA ILE F 586 -27.11 -22.22 3.40
C ILE F 586 -26.12 -22.28 4.55
N LYS F 587 -25.08 -23.12 4.42
CA LYS F 587 -24.06 -23.20 5.46
C LYS F 587 -23.32 -21.86 5.61
N MET F 588 -22.94 -21.26 4.48
CA MET F 588 -22.29 -19.95 4.55
C MET F 588 -23.23 -18.88 5.07
N LYS F 589 -24.52 -18.97 4.73
CA LYS F 589 -25.47 -18.00 5.26
C LYS F 589 -25.59 -18.10 6.77
N TRP F 590 -25.62 -19.31 7.30
CA TRP F 590 -25.75 -19.52 8.74
C TRP F 590 -24.42 -19.37 9.48
N GLY F 591 -23.31 -19.35 8.77
CA GLY F 591 -22.02 -19.11 9.41
C GLY F 591 -21.66 -17.64 9.46
N MET F 592 -22.39 -16.81 8.71
CA MET F 592 -22.15 -15.38 8.71
C MET F 592 -22.75 -14.67 9.91
N GLU F 593 -23.52 -15.39 10.75
CA GLU F 593 -24.18 -14.81 11.91
C GLU F 593 -23.84 -15.60 13.15
N MET F 594 -22.55 -15.87 13.35
CA MET F 594 -22.10 -16.54 14.57
C MET F 594 -22.21 -15.65 15.79
N ARG F 595 -22.30 -14.34 15.61
CA ARG F 595 -22.35 -13.42 16.75
C ARG F 595 -23.50 -13.75 17.69
N ARG F 596 -24.61 -14.29 17.18
CA ARG F 596 -25.74 -14.58 18.03
C ARG F 596 -25.39 -15.58 19.13
N CYS F 597 -24.30 -16.33 18.97
CA CYS F 597 -23.83 -17.17 20.06
C CYS F 597 -23.71 -16.36 21.34
N LEU F 598 -23.02 -15.21 21.26
CA LEU F 598 -22.98 -14.30 22.40
C LEU F 598 -24.39 -13.99 22.88
N LEU F 599 -25.24 -13.56 21.96
CA LEU F 599 -26.59 -13.15 22.32
C LEU F 599 -27.33 -14.29 23.01
N GLN F 600 -26.95 -15.53 22.73
CA GLN F 600 -27.57 -16.66 23.42
C GLN F 600 -26.98 -16.85 24.81
N SER F 601 -25.65 -16.87 24.92
CA SER F 601 -25.02 -17.22 26.18
C SER F 601 -25.48 -16.27 27.28
N LEU F 602 -25.51 -14.97 27.01
CA LEU F 602 -25.96 -14.01 28.01
C LEU F 602 -27.29 -14.45 28.59
N GLN F 603 -28.26 -14.77 27.73
CA GLN F 603 -29.56 -15.18 28.22
C GLN F 603 -29.44 -16.31 29.23
N GLN F 604 -28.65 -17.33 28.88
CA GLN F 604 -28.48 -18.48 29.77
C GLN F 604 -28.08 -18.02 31.16
N ILE F 605 -27.13 -17.09 31.24
CA ILE F 605 -26.73 -16.57 32.55
C ILE F 605 -27.85 -15.73 33.14
N GLU F 606 -28.43 -14.83 32.35
CA GLU F 606 -29.41 -13.91 32.90
C GLU F 606 -30.58 -14.66 33.51
N SER F 607 -31.12 -15.64 32.78
CA SER F 607 -32.21 -16.44 33.32
C SER F 607 -31.80 -17.08 34.64
N MET F 608 -30.56 -17.59 34.72
CA MET F 608 -30.09 -18.18 35.96
C MET F 608 -30.24 -17.20 37.11
N ILE F 609 -29.87 -15.93 36.89
CA ILE F 609 -30.05 -14.91 37.91
C ILE F 609 -31.53 -14.70 38.19
N GLU F 610 -32.35 -14.67 37.15
CA GLU F 610 -33.78 -14.41 37.33
C GLU F 610 -34.42 -15.52 38.16
N ALA F 611 -34.23 -16.78 37.76
CA ALA F 611 -34.92 -17.88 38.42
C ALA F 611 -34.59 -17.93 39.91
N GLU F 612 -33.30 -17.93 40.25
CA GLU F 612 -32.91 -17.95 41.64
C GLU F 612 -33.47 -16.75 42.40
N SER F 613 -33.71 -15.64 41.71
CA SER F 613 -34.29 -14.48 42.37
C SER F 613 -35.77 -14.68 42.67
N SER F 614 -36.49 -15.39 41.78
CA SER F 614 -37.93 -15.54 41.95
C SER F 614 -38.26 -16.11 43.33
N VAL F 615 -37.50 -17.11 43.78
CA VAL F 615 -37.74 -17.69 45.09
C VAL F 615 -37.49 -16.66 46.19
N LYS F 616 -36.39 -15.91 46.06
CA LYS F 616 -35.96 -15.01 47.14
C LYS F 616 -36.58 -13.63 47.04
N GLU F 617 -37.28 -13.31 45.95
CA GLU F 617 -37.94 -12.02 45.80
C GLU F 617 -36.95 -10.86 45.99
N LYS F 618 -35.75 -11.03 45.45
CA LYS F 618 -34.72 -10.00 45.53
C LYS F 618 -33.63 -10.33 44.52
N ASP F 619 -33.16 -9.31 43.81
CA ASP F 619 -32.07 -9.52 42.86
C ASP F 619 -30.81 -9.96 43.60
N LEU F 620 -30.19 -11.02 43.11
CA LEU F 620 -28.96 -11.55 43.68
C LEU F 620 -27.78 -11.31 42.73
N THR F 621 -27.91 -10.30 41.87
CA THR F 621 -26.87 -10.01 40.91
C THR F 621 -25.52 -9.75 41.59
N LYS F 622 -25.51 -8.84 42.58
CA LYS F 622 -24.27 -8.56 43.30
C LYS F 622 -23.78 -9.79 44.04
N GLU F 623 -24.69 -10.65 44.51
CA GLU F 623 -24.30 -11.86 45.21
C GLU F 623 -23.69 -12.89 44.28
N PHE F 624 -23.73 -12.69 42.97
CA PHE F 624 -23.20 -13.64 42.01
C PHE F 624 -21.87 -13.22 41.42
N PHE F 625 -21.70 -11.93 41.09
CA PHE F 625 -20.49 -11.48 40.40
C PHE F 625 -19.42 -11.00 41.36
N GLU F 626 -19.73 -9.97 42.14
CA GLU F 626 -18.74 -9.38 43.04
C GLU F 626 -18.59 -10.16 44.34
N ASN F 627 -19.45 -11.14 44.60
CA ASN F 627 -19.36 -11.91 45.84
C ASN F 627 -18.05 -12.67 45.96
N LYS F 628 -17.42 -13.02 44.83
CA LYS F 628 -16.13 -13.70 44.83
C LYS F 628 -16.17 -15.03 45.60
N SER F 629 -17.35 -15.63 45.69
CA SER F 629 -17.51 -16.94 46.30
C SER F 629 -18.69 -17.62 45.63
N GLU F 630 -19.22 -18.67 46.26
CA GLU F 630 -20.37 -19.39 45.73
C GLU F 630 -20.06 -19.95 44.34
N THR F 631 -19.07 -20.83 44.30
CA THR F 631 -18.63 -21.41 43.04
C THR F 631 -19.66 -22.43 42.53
N TRP F 632 -19.53 -22.79 41.24
CA TRP F 632 -20.41 -23.73 40.59
C TRP F 632 -19.64 -24.95 40.12
N PRO F 633 -20.20 -26.16 40.25
CA PRO F 633 -19.48 -27.35 39.79
C PRO F 633 -19.40 -27.40 38.28
N ILE F 634 -18.20 -27.18 37.72
CA ILE F 634 -18.07 -26.97 36.29
C ILE F 634 -17.23 -28.04 35.60
N GLY F 635 -16.31 -28.71 36.30
CA GLY F 635 -15.44 -29.67 35.65
C GLY F 635 -15.19 -30.88 36.51
N GLU F 636 -14.64 -31.90 35.88
CA GLU F 636 -14.36 -33.19 36.52
C GLU F 636 -12.85 -33.37 36.59
N SER F 637 -12.36 -33.73 37.77
CA SER F 637 -10.95 -33.99 37.99
C SER F 637 -10.73 -35.31 38.68
N PRO F 638 -9.53 -35.95 38.59
CA PRO F 638 -9.46 -37.31 39.17
C PRO F 638 -9.75 -37.32 40.66
N LYS F 639 -9.27 -36.27 41.36
CA LYS F 639 -9.49 -36.19 42.80
C LYS F 639 -10.95 -35.95 43.13
N GLY F 640 -11.66 -35.18 42.31
CA GLY F 640 -13.07 -34.94 42.54
C GLY F 640 -13.60 -33.85 41.63
N VAL F 641 -14.85 -33.48 41.88
CA VAL F 641 -15.49 -32.42 41.11
C VAL F 641 -14.83 -31.09 41.42
N GLU F 642 -14.70 -30.24 40.40
CA GLU F 642 -14.10 -28.93 40.54
C GLU F 642 -15.15 -27.85 40.39
N GLU F 643 -15.01 -26.80 41.20
CA GLU F 643 -15.93 -25.68 41.20
C GLU F 643 -15.23 -24.42 40.70
N GLY F 644 -15.85 -23.75 39.74
CA GLY F 644 -15.31 -22.53 39.18
C GLY F 644 -16.13 -21.31 39.52
N SER F 645 -15.59 -20.13 39.24
CA SER F 645 -16.24 -18.87 39.56
C SER F 645 -17.28 -18.55 38.49
N ILE F 646 -17.81 -17.33 38.52
CA ILE F 646 -18.82 -16.93 37.54
C ILE F 646 -18.20 -16.77 36.16
N GLY F 647 -17.02 -16.15 36.08
CA GLY F 647 -16.39 -15.94 34.80
C GLY F 647 -16.15 -17.24 34.05
N LYS F 648 -15.73 -18.28 34.76
CA LYS F 648 -15.59 -19.58 34.14
C LYS F 648 -16.93 -20.08 33.62
N VAL F 649 -18.03 -19.78 34.32
CA VAL F 649 -19.34 -20.19 33.84
C VAL F 649 -19.69 -19.49 32.54
N CYS F 650 -19.43 -18.17 32.47
CA CYS F 650 -19.73 -17.43 31.25
C CYS F 650 -18.90 -17.97 30.09
N ARG F 651 -17.61 -18.18 30.31
CA ARG F 651 -16.77 -18.71 29.24
C ARG F 651 -17.22 -20.10 28.82
N THR F 652 -17.62 -20.94 29.77
CA THR F 652 -18.08 -22.29 29.43
C THR F 652 -19.32 -22.22 28.56
N LEU F 653 -20.27 -21.37 28.92
CA LEU F 653 -21.51 -21.29 28.13
C LEU F 653 -21.24 -20.72 26.74
N LEU F 654 -20.39 -19.70 26.64
CA LEU F 654 -20.06 -19.16 25.32
C LEU F 654 -19.38 -20.21 24.46
N ALA F 655 -18.44 -20.96 25.04
CA ALA F 655 -17.78 -22.01 24.28
C ALA F 655 -18.76 -23.08 23.84
N LYS F 656 -19.70 -23.45 24.71
CA LYS F 656 -20.68 -24.46 24.33
C LYS F 656 -21.53 -23.98 23.17
N SER F 657 -21.97 -22.72 23.19
CA SER F 657 -22.75 -22.21 22.07
C SER F 657 -21.93 -22.17 20.79
N VAL F 658 -20.68 -21.73 20.87
CA VAL F 658 -19.85 -21.65 19.67
C VAL F 658 -19.66 -23.05 19.07
N PHE F 659 -19.38 -24.03 19.92
CA PHE F 659 -19.19 -25.38 19.42
C PHE F 659 -20.48 -26.01 18.92
N ASN F 660 -21.63 -25.61 19.47
CA ASN F 660 -22.90 -26.03 18.89
C ASN F 660 -23.05 -25.47 17.48
N SER F 661 -22.62 -24.23 17.27
CA SER F 661 -22.70 -23.63 15.93
C SER F 661 -21.69 -24.23 14.96
N LEU F 662 -20.53 -24.64 15.45
CA LEU F 662 -19.47 -25.12 14.57
C LEU F 662 -19.74 -26.53 14.06
N TYR F 663 -20.32 -27.38 14.92
CA TYR F 663 -20.51 -28.80 14.63
C TYR F 663 -22.00 -29.13 14.51
N ALA F 664 -22.76 -28.24 13.88
CA ALA F 664 -24.20 -28.47 13.73
C ALA F 664 -24.46 -29.70 12.88
N SER F 665 -25.49 -30.46 13.25
CA SER F 665 -25.85 -31.67 12.53
C SER F 665 -27.18 -32.17 13.06
N PRO F 666 -27.96 -32.90 12.26
CA PRO F 666 -29.25 -33.40 12.75
C PRO F 666 -29.13 -34.32 13.95
N GLN F 667 -28.04 -35.08 14.05
CA GLN F 667 -27.89 -36.00 15.17
C GLN F 667 -27.84 -35.25 16.48
N LEU F 668 -27.18 -34.10 16.50
CA LEU F 668 -27.14 -33.28 17.71
C LEU F 668 -28.54 -32.85 18.12
N GLU F 669 -29.35 -32.42 17.15
CA GLU F 669 -30.71 -31.98 17.45
C GLU F 669 -31.52 -33.13 18.04
N GLY F 670 -31.45 -34.30 17.40
CA GLY F 670 -32.19 -35.45 17.90
C GLY F 670 -31.75 -35.84 19.30
N PHE F 671 -30.44 -35.88 19.53
CA PHE F 671 -29.93 -36.27 20.84
C PHE F 671 -30.40 -35.30 21.91
N SER F 672 -30.31 -33.99 21.66
CA SER F 672 -30.75 -33.03 22.67
C SER F 672 -32.24 -33.19 22.95
N ALA F 673 -33.05 -33.29 21.89
CA ALA F 673 -34.49 -33.37 22.08
C ALA F 673 -34.86 -34.62 22.88
N GLU F 674 -34.22 -35.75 22.59
CA GLU F 674 -34.57 -36.98 23.28
C GLU F 674 -34.01 -37.02 24.71
N SER F 675 -32.84 -36.44 24.95
CA SER F 675 -32.23 -36.49 26.27
C SER F 675 -32.83 -35.48 27.24
N ARG F 676 -33.52 -34.45 26.75
CA ARG F 676 -34.14 -33.50 27.66
C ARG F 676 -35.10 -34.18 28.62
N LYS F 677 -35.92 -35.11 28.11
CA LYS F 677 -36.90 -35.78 28.96
C LYS F 677 -36.23 -36.62 30.03
N LEU F 678 -35.16 -37.35 29.66
CA LEU F 678 -34.43 -38.12 30.66
C LEU F 678 -33.81 -37.21 31.71
N LEU F 679 -33.29 -36.07 31.28
CA LEU F 679 -32.75 -35.11 32.24
C LEU F 679 -33.82 -34.66 33.23
N LEU F 680 -35.02 -34.35 32.71
CA LEU F 680 -36.11 -33.92 33.60
C LEU F 680 -36.51 -35.03 34.55
N ILE F 681 -36.55 -36.27 34.08
CA ILE F 681 -36.92 -37.39 34.94
C ILE F 681 -35.90 -37.55 36.06
N VAL F 682 -34.61 -37.44 35.72
CA VAL F 682 -33.58 -37.55 36.76
C VAL F 682 -33.68 -36.41 37.75
N GLN F 683 -33.96 -35.20 37.26
CA GLN F 683 -34.15 -34.06 38.17
C GLN F 683 -35.31 -34.31 39.12
N ALA F 684 -36.41 -34.85 38.61
CA ALA F 684 -37.55 -35.17 39.46
C ALA F 684 -37.17 -36.23 40.50
N LEU F 685 -36.41 -37.25 40.08
CA LEU F 685 -35.98 -38.27 41.02
C LEU F 685 -35.14 -37.68 42.14
N ARG F 686 -34.20 -36.80 41.79
CA ARG F 686 -33.43 -36.10 42.81
C ARG F 686 -34.31 -35.25 43.71
N ASP F 687 -35.50 -34.87 43.23
CA ASP F 687 -36.45 -34.08 44.01
C ASP F 687 -37.43 -34.96 44.79
N ASN F 688 -37.11 -36.25 44.95
CA ASN F 688 -37.95 -37.20 45.70
C ASN F 688 -39.43 -36.98 45.43
N LEU F 689 -39.79 -36.91 44.15
CA LEU F 689 -41.16 -36.73 43.71
C LEU F 689 -41.77 -38.03 43.18
N GLU F 690 -41.11 -39.17 43.40
CA GLU F 690 -41.64 -40.46 43.00
C GLU F 690 -41.91 -40.50 41.51
N PRO F 691 -40.87 -40.50 40.68
CA PRO F 691 -41.08 -40.55 39.23
C PRO F 691 -41.45 -41.95 38.74
N GLY F 692 -42.02 -41.99 37.55
CA GLY F 692 -42.40 -43.25 36.93
C GLY F 692 -42.41 -43.16 35.42
N THR F 693 -41.94 -44.21 34.75
CA THR F 693 -41.83 -44.24 33.29
C THR F 693 -42.72 -45.33 32.73
N PHE F 694 -43.49 -44.99 31.70
CA PHE F 694 -44.36 -45.99 31.07
C PHE F 694 -43.56 -46.92 30.17
N ASP F 695 -42.52 -46.40 29.51
CA ASP F 695 -41.66 -47.22 28.67
C ASP F 695 -40.29 -46.53 28.61
N LEU F 696 -39.34 -47.05 29.38
CA LEU F 696 -38.02 -46.44 29.48
C LEU F 696 -37.08 -46.96 28.39
N GLU F 697 -37.15 -48.25 28.09
CA GLU F 697 -36.28 -48.81 27.06
C GLU F 697 -36.48 -48.10 25.72
N GLY F 698 -37.71 -47.69 25.43
CA GLY F 698 -37.95 -46.98 24.18
C GLY F 698 -37.23 -45.64 24.12
N LEU F 699 -37.29 -44.88 25.22
CA LEU F 699 -36.57 -43.61 25.25
C LEU F 699 -35.06 -43.84 25.15
N TYR F 700 -34.55 -44.88 25.82
CA TYR F 700 -33.13 -45.16 25.72
C TYR F 700 -32.74 -45.50 24.29
N GLU F 701 -33.56 -46.30 23.60
CA GLU F 701 -33.28 -46.61 22.21
C GLU F 701 -33.32 -45.37 21.35
N ALA F 702 -34.29 -44.48 21.59
CA ALA F 702 -34.38 -43.25 20.82
C ALA F 702 -33.15 -42.38 21.02
N ILE F 703 -32.68 -42.26 22.26
CA ILE F 703 -31.47 -41.47 22.50
C ILE F 703 -30.27 -42.11 21.83
N GLU F 704 -30.12 -43.44 21.96
CA GLU F 704 -28.95 -44.11 21.43
C GLU F 704 -28.95 -44.22 19.92
N GLU F 705 -30.06 -43.87 19.26
CA GLU F 705 -30.13 -43.99 17.81
C GLU F 705 -29.40 -42.84 17.10
N CYS F 706 -29.12 -41.75 17.80
CA CYS F 706 -28.54 -40.56 17.19
C CYS F 706 -27.03 -40.46 17.36
N LEU F 707 -26.38 -41.46 17.94
CA LEU F 707 -24.93 -41.44 18.11
C LEU F 707 -24.30 -42.30 17.03
N ILE F 708 -23.88 -41.68 15.94
CA ILE F 708 -23.31 -42.42 14.81
C ILE F 708 -21.90 -41.93 14.49
N ASN F 709 -21.79 -40.66 14.08
CA ASN F 709 -20.54 -40.12 13.56
C ASN F 709 -20.02 -38.92 14.33
N ASP F 710 -20.88 -37.95 14.61
CA ASP F 710 -20.41 -36.64 15.04
C ASP F 710 -19.66 -36.73 16.36
N PRO F 711 -18.41 -36.26 16.44
CA PRO F 711 -17.71 -36.30 17.74
C PRO F 711 -18.37 -35.43 18.79
N TRP F 712 -19.00 -34.32 18.40
CA TRP F 712 -19.61 -33.42 19.38
C TRP F 712 -20.73 -34.12 20.15
N VAL F 713 -21.57 -34.88 19.44
CA VAL F 713 -22.64 -35.61 20.10
C VAL F 713 -22.07 -36.68 21.03
N LEU F 714 -21.01 -37.35 20.60
CA LEU F 714 -20.40 -38.37 21.46
C LEU F 714 -19.86 -37.75 22.74
N LEU F 715 -19.19 -36.61 22.63
CA LEU F 715 -18.69 -35.93 23.82
C LEU F 715 -19.85 -35.52 24.72
N ASN F 716 -20.95 -35.05 24.13
CA ASN F 716 -22.11 -34.70 24.95
C ASN F 716 -22.67 -35.92 25.68
N ALA F 717 -22.70 -37.07 25.01
CA ALA F 717 -23.16 -38.29 25.67
C ALA F 717 -22.24 -38.69 26.81
N SER F 718 -20.93 -38.54 26.61
CA SER F 718 -19.99 -38.82 27.69
C SER F 718 -20.23 -37.90 28.87
N TRP F 719 -20.45 -36.61 28.60
CA TRP F 719 -20.79 -35.67 29.66
C TRP F 719 -22.03 -36.13 30.41
N PHE F 720 -23.06 -36.56 29.67
CA PHE F 720 -24.29 -37.02 30.30
C PHE F 720 -24.04 -38.23 31.18
N ASN F 721 -23.23 -39.18 30.71
CA ASN F 721 -22.91 -40.35 31.52
C ASN F 721 -22.21 -39.96 32.81
N SER F 722 -21.22 -39.07 32.71
CA SER F 722 -20.52 -38.64 33.92
C SER F 722 -21.47 -37.94 34.89
N PHE F 723 -22.34 -37.07 34.38
CA PHE F 723 -23.28 -36.39 35.25
C PHE F 723 -24.24 -37.38 35.90
N LEU F 724 -24.70 -38.38 35.15
CA LEU F 724 -25.59 -39.37 35.72
C LEU F 724 -24.90 -40.15 36.83
N THR F 725 -23.64 -40.53 36.63
CA THR F 725 -22.90 -41.22 37.67
C THR F 725 -22.77 -40.35 38.92
N HIS F 726 -22.48 -39.06 38.73
CA HIS F 726 -22.25 -38.19 39.90
C HIS F 726 -23.54 -37.82 40.62
N ALA F 727 -24.67 -37.76 39.89
CA ALA F 727 -25.89 -37.22 40.49
C ALA F 727 -26.48 -38.16 41.53
N LEU F 728 -26.57 -39.45 41.21
CA LEU F 728 -27.22 -40.42 42.09
C LEU F 728 -26.28 -40.91 43.18
N ARG F 729 -25.05 -40.40 43.24
CA ARG F 729 -24.08 -40.82 44.24
C ARG F 729 -24.43 -40.23 45.60
N MET G 1 -7.48 -30.79 34.24
CA MET G 1 -8.89 -30.38 34.48
C MET G 1 -9.71 -30.50 33.19
N ASP G 2 -10.86 -31.15 33.29
CA ASP G 2 -11.76 -31.34 32.16
C ASP G 2 -13.06 -30.62 32.45
N VAL G 3 -13.45 -29.71 31.57
CA VAL G 3 -14.69 -28.96 31.76
C VAL G 3 -15.87 -29.83 31.34
N ASN G 4 -17.00 -29.64 32.02
CA ASN G 4 -18.21 -30.43 31.76
C ASN G 4 -19.42 -29.60 32.17
N PRO G 5 -19.97 -28.80 31.26
CA PRO G 5 -21.11 -27.95 31.63
C PRO G 5 -22.29 -28.73 32.19
N THR G 6 -22.49 -29.98 31.77
CA THR G 6 -23.61 -30.75 32.30
C THR G 6 -23.54 -30.89 33.82
N LEU G 7 -22.33 -31.01 34.36
CA LEU G 7 -22.18 -31.12 35.81
C LEU G 7 -22.77 -29.93 36.53
N LEU G 8 -22.93 -28.80 35.83
CA LEU G 8 -23.52 -27.62 36.43
C LEU G 8 -24.93 -27.88 36.95
N PHE G 9 -25.60 -28.92 36.43
CA PHE G 9 -26.94 -29.25 36.92
C PHE G 9 -26.93 -29.85 38.31
N LEU G 10 -25.75 -30.19 38.85
CA LEU G 10 -25.69 -30.78 40.18
C LEU G 10 -26.05 -29.78 41.27
N LYS G 11 -25.97 -28.49 40.99
CA LYS G 11 -26.29 -27.44 41.97
C LYS G 11 -27.56 -26.70 41.63
N VAL G 12 -27.69 -26.21 40.40
CA VAL G 12 -28.88 -25.47 39.97
C VAL G 12 -29.88 -26.46 39.37
N PRO G 13 -31.16 -26.37 39.71
CA PRO G 13 -32.12 -27.32 39.13
C PRO G 13 -32.17 -27.22 37.61
N VAL G 14 -32.51 -28.34 36.97
CA VAL G 14 -32.49 -28.39 35.51
C VAL G 14 -33.46 -27.38 34.92
N GLN G 15 -34.65 -27.24 35.50
CA GLN G 15 -35.62 -26.29 34.97
C GLN G 15 -35.15 -24.85 35.07
N ASN G 16 -34.19 -24.56 35.96
CA ASN G 16 -33.59 -23.24 36.02
C ASN G 16 -32.50 -23.04 34.99
N ALA G 17 -32.05 -24.11 34.34
CA ALA G 17 -31.02 -24.05 33.30
C ALA G 17 -31.40 -24.93 32.13
N ILE G 18 -32.69 -24.96 31.78
CA ILE G 18 -33.13 -25.77 30.65
C ILE G 18 -32.67 -25.15 29.33
N SER G 19 -32.50 -23.83 29.28
CA SER G 19 -32.05 -23.18 28.05
C SER G 19 -30.74 -23.75 27.55
N THR G 20 -29.92 -24.32 28.45
CA THR G 20 -28.64 -24.89 28.06
C THR G 20 -28.79 -26.10 27.14
N THR G 21 -30.00 -26.66 27.01
CA THR G 21 -30.21 -27.86 26.20
C THR G 21 -30.93 -27.56 24.89
N PHE G 22 -30.68 -26.39 24.30
CA PHE G 22 -31.27 -26.03 23.01
C PHE G 22 -30.16 -25.63 22.03
N PRO G 23 -29.80 -26.47 21.06
CA PRO G 23 -28.77 -26.09 20.06
C PRO G 23 -29.36 -25.36 18.86
N TYR G 24 -29.74 -24.10 19.05
CA TYR G 24 -30.44 -23.30 18.05
C TYR G 24 -29.55 -22.21 17.48
N THR G 25 -28.26 -22.53 17.26
CA THR G 25 -27.31 -21.57 16.71
C THR G 25 -26.71 -21.98 15.38
N GLY G 26 -26.86 -23.24 14.96
CA GLY G 26 -26.33 -23.72 13.71
C GLY G 26 -27.38 -23.76 12.62
N ASP G 27 -26.96 -24.28 11.47
CA ASP G 27 -27.87 -24.39 10.33
C ASP G 27 -28.81 -25.58 10.54
N PRO G 28 -30.12 -25.39 10.43
CA PRO G 28 -31.03 -26.52 10.62
C PRO G 28 -30.93 -27.51 9.47
N PRO G 29 -31.28 -28.77 9.68
CA PRO G 29 -31.14 -29.76 8.61
C PRO G 29 -32.01 -29.43 7.41
N TYR G 30 -31.52 -29.82 6.23
CA TYR G 30 -32.22 -29.67 4.97
C TYR G 30 -32.33 -31.03 4.29
N SER G 31 -33.06 -31.06 3.17
CA SER G 31 -33.27 -32.29 2.40
C SER G 31 -32.76 -32.09 0.98
N HIS G 32 -31.92 -33.03 0.53
CA HIS G 32 -31.40 -33.02 -0.83
C HIS G 32 -32.04 -34.17 -1.60
N GLY G 33 -32.68 -33.84 -2.73
CA GLY G 33 -33.30 -34.83 -3.59
C GLY G 33 -34.81 -34.66 -3.63
N THR G 34 -35.49 -35.78 -3.86
CA THR G 34 -36.95 -35.81 -3.99
C THR G 34 -37.58 -36.49 -2.78
N GLY G 35 -38.79 -36.05 -2.45
CA GLY G 35 -39.54 -36.59 -1.34
C GLY G 35 -40.45 -37.75 -1.68
N THR G 36 -40.39 -38.26 -2.92
CA THR G 36 -41.32 -39.31 -3.33
C THR G 36 -41.28 -40.49 -2.37
N GLY G 37 -40.08 -40.94 -2.00
CA GLY G 37 -39.98 -42.06 -1.09
C GLY G 37 -40.68 -41.80 0.24
N TYR G 38 -40.50 -40.59 0.78
CA TYR G 38 -41.11 -40.27 2.06
C TYR G 38 -42.64 -40.35 1.97
N THR G 39 -43.23 -39.71 0.96
CA THR G 39 -44.68 -39.71 0.83
C THR G 39 -45.20 -41.12 0.59
N MET G 40 -44.49 -41.91 -0.22
CA MET G 40 -44.88 -43.30 -0.42
C MET G 40 -44.90 -44.05 0.91
N ASP G 41 -43.87 -43.84 1.73
CA ASP G 41 -43.80 -44.49 3.03
C ASP G 41 -44.97 -44.07 3.92
N THR G 42 -45.28 -42.77 3.97
CA THR G 42 -46.39 -42.33 4.80
C THR G 42 -47.73 -42.87 4.30
N VAL G 43 -47.90 -42.97 2.99
CA VAL G 43 -49.17 -43.50 2.47
C VAL G 43 -49.34 -44.95 2.87
N ASN G 44 -48.30 -45.76 2.66
CA ASN G 44 -48.37 -47.16 3.08
C ASN G 44 -48.57 -47.27 4.58
N ARG G 45 -47.88 -46.42 5.35
CA ARG G 45 -48.00 -46.45 6.80
C ARG G 45 -49.42 -46.14 7.24
N THR G 46 -50.03 -45.11 6.65
CA THR G 46 -51.39 -44.75 7.00
C THR G 46 -52.36 -45.87 6.66
N HIS G 47 -52.15 -46.53 5.51
CA HIS G 47 -53.00 -47.66 5.17
C HIS G 47 -52.71 -48.88 6.03
N LYS G 48 -51.57 -48.92 6.73
CA LYS G 48 -51.23 -50.09 7.53
C LYS G 48 -52.16 -50.23 8.73
N TYR G 49 -52.36 -49.16 9.49
CA TYR G 49 -53.13 -49.27 10.73
C TYR G 49 -54.62 -49.49 10.49
N SER G 50 -55.10 -49.30 9.26
CA SER G 50 -56.52 -49.48 8.93
C SER G 50 -56.73 -50.76 8.13
N GLU G 51 -55.86 -51.74 8.31
CA GLU G 51 -55.88 -52.94 7.48
C GLU G 51 -57.16 -53.76 7.68
N LYS G 52 -57.88 -53.56 8.78
CA LYS G 52 -59.08 -54.34 9.08
C LYS G 52 -60.35 -53.55 8.81
N GLY G 53 -60.36 -52.73 7.76
CA GLY G 53 -61.50 -51.93 7.39
C GLY G 53 -62.31 -52.55 6.27
N LYS G 54 -63.06 -51.71 5.58
CA LYS G 54 -63.91 -52.10 4.46
C LYS G 54 -63.32 -51.53 3.18
N TRP G 55 -63.18 -52.37 2.16
CA TRP G 55 -62.63 -51.97 0.88
C TRP G 55 -63.76 -51.72 -0.12
N THR G 56 -63.70 -50.59 -0.80
CA THR G 56 -64.71 -50.24 -1.79
C THR G 56 -64.04 -49.54 -2.96
N THR G 57 -64.81 -49.29 -4.01
CA THR G 57 -64.35 -48.59 -5.19
C THR G 57 -65.23 -47.36 -5.45
N ASN G 58 -64.59 -46.26 -5.82
CA ASN G 58 -65.30 -45.01 -6.07
C ASN G 58 -65.99 -45.05 -7.42
N THR G 59 -67.22 -44.55 -7.45
CA THR G 59 -67.98 -44.53 -8.71
C THR G 59 -67.47 -43.44 -9.64
N GLU G 60 -67.11 -42.28 -9.09
CA GLU G 60 -66.70 -41.15 -9.93
C GLU G 60 -65.25 -41.27 -10.35
N THR G 61 -64.33 -41.24 -9.39
CA THR G 61 -62.90 -41.27 -9.72
C THR G 61 -62.44 -42.66 -10.13
N GLY G 62 -62.97 -43.70 -9.47
CA GLY G 62 -62.60 -45.07 -9.79
C GLY G 62 -61.46 -45.64 -8.98
N ALA G 63 -60.98 -44.92 -7.96
CA ALA G 63 -59.87 -45.43 -7.18
C ALA G 63 -60.38 -46.13 -5.91
N PRO G 64 -59.71 -47.19 -5.46
CA PRO G 64 -60.18 -47.88 -4.26
C PRO G 64 -60.05 -47.02 -3.01
N GLN G 65 -60.92 -47.29 -2.04
CA GLN G 65 -60.93 -46.60 -0.76
C GLN G 65 -61.13 -47.59 0.37
N LEU G 66 -60.67 -47.20 1.55
CA LEU G 66 -60.67 -48.05 2.74
C LEU G 66 -61.37 -47.32 3.87
N ASN G 67 -62.17 -48.04 4.64
CA ASN G 67 -63.00 -47.45 5.70
C ASN G 67 -62.84 -48.25 6.99
N PRO G 68 -62.03 -47.80 7.95
CA PRO G 68 -61.89 -48.53 9.22
C PRO G 68 -62.88 -48.12 10.30
N ILE G 69 -63.80 -47.20 10.02
CA ILE G 69 -64.70 -46.70 11.05
C ILE G 69 -65.64 -47.82 11.48
N ASP G 70 -65.89 -47.91 12.78
CA ASP G 70 -66.77 -48.92 13.36
C ASP G 70 -66.27 -50.33 13.04
N GLY G 71 -64.96 -50.49 12.93
CA GLY G 71 -64.37 -51.78 12.66
C GLY G 71 -64.07 -52.54 13.94
N PRO G 72 -63.22 -53.58 13.85
CA PRO G 72 -62.89 -54.35 15.04
C PRO G 72 -62.17 -53.50 16.08
N LEU G 73 -62.43 -53.80 17.35
CA LEU G 73 -61.82 -53.04 18.44
C LEU G 73 -60.34 -53.37 18.55
N PRO G 74 -59.54 -52.44 19.07
CA PRO G 74 -58.10 -52.72 19.25
C PRO G 74 -57.88 -53.74 20.36
N GLU G 75 -56.75 -54.43 20.28
CA GLU G 75 -56.37 -55.45 21.25
C GLU G 75 -55.09 -55.11 21.99
N ASP G 76 -54.05 -54.70 21.27
CA ASP G 76 -52.74 -54.43 21.85
C ASP G 76 -52.51 -52.91 21.94
N ASN G 77 -51.31 -52.55 22.40
CA ASN G 77 -50.92 -51.14 22.48
C ASN G 77 -50.49 -50.58 21.13
N GLU G 78 -50.44 -51.41 20.10
CA GLU G 78 -50.12 -50.94 18.76
C GLU G 78 -51.13 -49.87 18.35
N PRO G 79 -50.68 -48.77 17.74
CA PRO G 79 -51.62 -47.71 17.37
C PRO G 79 -52.70 -48.23 16.43
N SER G 80 -53.92 -47.74 16.64
CA SER G 80 -55.09 -48.23 15.91
C SER G 80 -55.93 -47.06 15.42
N GLY G 81 -56.46 -47.20 14.20
CA GLY G 81 -57.26 -46.17 13.57
C GLY G 81 -58.75 -46.43 13.54
N TYR G 82 -59.27 -47.35 14.35
CA TYR G 82 -60.70 -47.66 14.37
C TYR G 82 -61.38 -46.80 15.43
N ALA G 83 -62.24 -45.89 14.99
CA ALA G 83 -62.97 -44.99 15.87
C ALA G 83 -64.44 -45.37 15.88
N GLN G 84 -65.03 -45.40 17.07
CA GLN G 84 -66.43 -45.75 17.24
C GLN G 84 -67.29 -44.50 17.24
N THR G 85 -68.28 -44.46 16.35
CA THR G 85 -69.12 -43.26 16.23
C THR G 85 -69.89 -42.98 17.51
N ASP G 86 -70.47 -44.02 18.11
CA ASP G 86 -71.32 -43.83 19.28
C ASP G 86 -70.53 -43.24 20.44
N CYS G 87 -69.31 -43.73 20.67
CA CYS G 87 -68.51 -43.23 21.79
C CYS G 87 -68.24 -41.74 21.66
N VAL G 88 -67.83 -41.30 20.48
CA VAL G 88 -67.49 -39.89 20.29
C VAL G 88 -68.74 -39.03 20.33
N LEU G 89 -69.85 -39.53 19.76
CA LEU G 89 -71.09 -38.78 19.84
C LEU G 89 -71.53 -38.60 21.29
N GLU G 90 -71.37 -39.64 22.10
CA GLU G 90 -71.63 -39.52 23.54
C GLU G 90 -70.70 -38.50 24.19
N ALA G 91 -69.41 -38.56 23.84
CA ALA G 91 -68.45 -37.65 24.45
C ALA G 91 -68.80 -36.20 24.17
N MET G 92 -69.20 -35.90 22.92
CA MET G 92 -69.51 -34.52 22.57
C MET G 92 -70.91 -34.11 23.02
N ALA G 93 -71.83 -35.05 23.19
CA ALA G 93 -73.07 -34.73 23.89
C ALA G 93 -72.78 -34.30 25.32
N PHE G 94 -71.88 -35.02 26.00
CA PHE G 94 -71.48 -34.61 27.34
C PHE G 94 -70.73 -33.28 27.33
N LEU G 95 -69.93 -33.04 26.29
CA LEU G 95 -69.26 -31.75 26.15
C LEU G 95 -70.29 -30.61 26.06
N GLU G 96 -71.32 -30.79 25.23
CA GLU G 96 -72.36 -29.77 25.12
C GLU G 96 -73.08 -29.61 26.45
N GLU G 97 -73.37 -30.70 27.13
CA GLU G 97 -74.06 -30.63 28.43
C GLU G 97 -73.23 -29.87 29.45
N SER G 98 -71.92 -30.11 29.47
CA SER G 98 -71.06 -29.44 30.44
C SER G 98 -71.05 -27.93 30.25
N HIS G 99 -71.05 -27.47 29.00
CA HIS G 99 -71.05 -26.05 28.67
C HIS G 99 -72.24 -25.79 27.75
N PRO G 100 -73.43 -25.58 28.33
CA PRO G 100 -74.62 -25.41 27.49
C PRO G 100 -74.52 -24.17 26.61
N GLY G 101 -75.08 -24.28 25.40
CA GLY G 101 -75.23 -23.14 24.51
C GLY G 101 -74.00 -22.77 23.71
N ILE G 102 -72.89 -23.49 23.86
CA ILE G 102 -71.69 -23.14 23.13
C ILE G 102 -71.87 -23.37 21.63
N PHE G 103 -72.49 -24.50 21.27
CA PHE G 103 -72.62 -24.83 19.85
C PHE G 103 -73.48 -23.81 19.12
N GLU G 104 -74.59 -23.38 19.71
CA GLU G 104 -75.46 -22.41 19.05
C GLU G 104 -74.73 -21.10 18.83
N ASN G 105 -74.02 -20.62 19.85
CA ASN G 105 -73.27 -19.37 19.70
C ASN G 105 -72.20 -19.51 18.64
N SER G 106 -71.51 -20.65 18.60
CA SER G 106 -70.47 -20.87 17.59
C SER G 106 -71.07 -20.82 16.19
N CYS G 107 -72.23 -21.49 16.00
CA CYS G 107 -72.89 -21.43 14.71
C CYS G 107 -73.29 -20.01 14.36
N LEU G 108 -73.72 -19.21 15.35
CA LEU G 108 -74.10 -17.84 15.07
C LEU G 108 -72.89 -17.01 14.61
N GLU G 109 -71.76 -17.15 15.30
CA GLU G 109 -70.58 -16.40 14.89
C GLU G 109 -70.11 -16.82 13.51
N THR G 110 -70.12 -18.13 13.24
CA THR G 110 -69.76 -18.60 11.90
C THR G 110 -70.74 -18.08 10.85
N MET G 111 -72.02 -17.98 11.22
CA MET G 111 -73.03 -17.39 10.34
C MET G 111 -72.64 -15.97 9.97
N GLU G 112 -72.33 -15.15 10.97
CA GLU G 112 -71.93 -13.77 10.69
C GLU G 112 -70.69 -13.72 9.81
N ILE G 113 -69.68 -14.54 10.12
CA ILE G 113 -68.44 -14.51 9.37
C ILE G 113 -68.68 -14.91 7.92
N VAL G 114 -69.46 -15.96 7.69
CA VAL G 114 -69.71 -16.40 6.32
C VAL G 114 -70.50 -15.34 5.56
N GLN G 115 -71.42 -14.64 6.23
CA GLN G 115 -72.13 -13.57 5.54
C GLN G 115 -71.19 -12.43 5.16
N GLN G 116 -70.25 -12.09 6.05
CA GLN G 116 -69.37 -10.94 5.84
C GLN G 116 -68.08 -11.28 5.12
N THR G 117 -67.83 -12.54 4.78
CA THR G 117 -66.55 -12.92 4.18
C THR G 117 -66.43 -12.38 2.76
N ARG G 118 -65.18 -12.27 2.30
CA ARG G 118 -64.86 -11.77 0.96
C ARG G 118 -63.81 -12.68 0.33
N VAL G 119 -63.83 -12.74 -1.01
CA VAL G 119 -62.90 -13.60 -1.75
C VAL G 119 -61.45 -13.17 -1.55
N ASP G 120 -61.21 -11.90 -1.26
CA ASP G 120 -59.83 -11.42 -1.15
C ASP G 120 -59.03 -12.23 -0.13
N LYS G 121 -59.70 -12.79 0.88
CA LYS G 121 -59.00 -13.57 1.89
C LYS G 121 -58.17 -14.68 1.26
N LEU G 122 -58.64 -15.26 0.15
CA LEU G 122 -57.90 -16.35 -0.47
C LEU G 122 -56.50 -15.94 -0.89
N THR G 123 -56.27 -14.65 -1.13
CA THR G 123 -54.94 -14.20 -1.54
C THR G 123 -53.91 -14.43 -0.44
N GLN G 124 -54.29 -14.19 0.81
CA GLN G 124 -53.34 -14.32 1.92
C GLN G 124 -53.17 -15.79 2.26
N GLY G 125 -51.93 -16.27 2.19
CA GLY G 125 -51.65 -17.66 2.50
C GLY G 125 -50.25 -18.03 2.08
N ARG G 126 -49.99 -19.34 2.09
CA ARG G 126 -48.70 -19.87 1.68
C ARG G 126 -48.79 -20.34 0.23
N GLN G 127 -47.72 -20.97 -0.26
CA GLN G 127 -47.68 -21.42 -1.65
C GLN G 127 -48.67 -22.55 -1.84
N THR G 128 -49.67 -22.33 -2.70
CA THR G 128 -50.71 -23.31 -2.95
C THR G 128 -50.46 -24.05 -4.25
N TYR G 129 -51.39 -24.93 -4.60
CA TYR G 129 -51.26 -25.79 -5.77
C TYR G 129 -52.03 -25.18 -6.93
N ASP G 130 -51.33 -24.94 -8.04
CA ASP G 130 -51.92 -24.40 -9.26
C ASP G 130 -52.22 -25.58 -10.17
N TRP G 131 -53.51 -25.93 -10.27
CA TRP G 131 -53.91 -27.06 -11.10
C TRP G 131 -53.86 -26.73 -12.59
N THR G 132 -54.04 -25.45 -12.95
CA THR G 132 -54.05 -25.09 -14.36
C THR G 132 -52.75 -25.47 -15.04
N LEU G 133 -51.62 -25.17 -14.41
CA LEU G 133 -50.31 -25.54 -14.92
C LEU G 133 -49.76 -26.80 -14.26
N ASN G 134 -50.46 -27.36 -13.29
CA ASN G 134 -50.00 -28.55 -12.57
C ASN G 134 -48.66 -28.29 -11.88
N ARG G 135 -48.60 -27.19 -11.13
CA ARG G 135 -47.39 -26.80 -10.42
C ARG G 135 -47.80 -26.27 -9.04
N ASN G 136 -46.85 -25.61 -8.38
CA ASN G 136 -47.09 -24.92 -7.13
C ASN G 136 -46.82 -23.44 -7.35
N GLN G 137 -47.78 -22.61 -6.97
CA GLN G 137 -47.73 -21.17 -7.23
C GLN G 137 -48.17 -20.42 -5.99
N PRO G 138 -47.79 -19.15 -5.87
CA PRO G 138 -48.32 -18.32 -4.78
C PRO G 138 -49.82 -18.15 -4.92
N ALA G 139 -50.45 -17.78 -3.80
CA ALA G 139 -51.91 -17.72 -3.76
C ALA G 139 -52.47 -16.74 -4.78
N ALA G 140 -51.87 -15.55 -4.88
CA ALA G 140 -52.45 -14.52 -5.75
C ALA G 140 -52.38 -14.91 -7.22
N THR G 141 -51.19 -15.31 -7.69
CA THR G 141 -51.03 -15.64 -9.10
C THR G 141 -51.87 -16.86 -9.47
N ALA G 142 -51.86 -17.89 -8.62
CA ALA G 142 -52.66 -19.07 -8.88
C ALA G 142 -54.14 -18.71 -8.91
N LEU G 143 -54.58 -17.87 -7.97
CA LEU G 143 -56.00 -17.48 -7.92
C LEU G 143 -56.39 -16.74 -9.19
N ALA G 144 -55.53 -15.85 -9.67
CA ALA G 144 -55.80 -15.18 -10.94
C ALA G 144 -55.92 -16.19 -12.07
N ASN G 145 -55.02 -17.16 -12.11
CA ASN G 145 -55.10 -18.19 -13.15
C ASN G 145 -56.41 -18.96 -13.07
N THR G 146 -56.82 -19.35 -11.86
CA THR G 146 -58.02 -20.14 -11.70
C THR G 146 -59.27 -19.35 -12.09
N ILE G 147 -59.35 -18.08 -11.68
CA ILE G 147 -60.52 -17.29 -12.04
C ILE G 147 -60.54 -17.05 -13.55
N GLU G 148 -59.38 -16.83 -14.16
CA GLU G 148 -59.33 -16.67 -15.60
C GLU G 148 -59.83 -17.93 -16.31
N VAL G 149 -59.39 -19.10 -15.85
CA VAL G 149 -59.83 -20.35 -16.47
C VAL G 149 -61.34 -20.52 -16.29
N PHE G 150 -61.84 -20.23 -15.09
CA PHE G 150 -63.28 -20.35 -14.85
C PHE G 150 -64.07 -19.43 -15.78
N ARG G 151 -63.61 -18.19 -15.94
CA ARG G 151 -64.27 -17.25 -16.83
C ARG G 151 -64.14 -17.65 -18.30
N SER G 152 -63.10 -18.41 -18.65
CA SER G 152 -62.98 -18.89 -20.03
C SER G 152 -64.22 -19.68 -20.44
N ASN G 153 -64.63 -20.62 -19.60
CA ASN G 153 -65.93 -21.26 -19.77
C ASN G 153 -67.01 -20.42 -19.09
N GLY G 154 -68.26 -20.72 -19.40
CA GLY G 154 -69.35 -19.94 -18.86
C GLY G 154 -69.51 -20.13 -17.37
N LEU G 155 -69.02 -19.15 -16.58
CA LEU G 155 -69.21 -19.17 -15.14
C LEU G 155 -69.05 -17.72 -14.66
N THR G 156 -70.18 -17.08 -14.35
CA THR G 156 -70.21 -15.67 -13.99
C THR G 156 -71.03 -15.46 -12.72
N ALA G 157 -70.75 -16.27 -11.71
CA ALA G 157 -71.47 -16.17 -10.44
C ALA G 157 -70.67 -15.51 -9.33
N ASN G 158 -69.34 -15.45 -9.45
CA ASN G 158 -68.49 -14.90 -8.39
C ASN G 158 -68.19 -13.42 -8.57
N GLU G 159 -68.80 -12.77 -9.57
CA GLU G 159 -68.56 -11.35 -9.77
C GLU G 159 -69.08 -10.50 -8.62
N SER G 160 -69.93 -11.05 -7.75
CA SER G 160 -70.44 -10.30 -6.61
C SER G 160 -69.37 -10.05 -5.55
N GLY G 161 -68.24 -10.75 -5.61
CA GLY G 161 -67.19 -10.54 -4.64
C GLY G 161 -67.38 -11.25 -3.32
N ARG G 162 -68.17 -12.31 -3.30
CA ARG G 162 -68.42 -13.09 -2.09
C ARG G 162 -67.81 -14.48 -2.24
N LEU G 163 -67.15 -14.94 -1.18
CA LEU G 163 -66.53 -16.26 -1.22
C LEU G 163 -67.57 -17.36 -1.45
N ILE G 164 -68.79 -17.17 -0.94
CA ILE G 164 -69.83 -18.17 -1.15
C ILE G 164 -70.13 -18.31 -2.65
N ASP G 165 -70.07 -17.19 -3.37
CA ASP G 165 -70.28 -17.25 -4.81
C ASP G 165 -69.15 -18.00 -5.51
N PHE G 166 -67.91 -17.84 -5.04
CA PHE G 166 -66.81 -18.64 -5.58
C PHE G 166 -67.05 -20.12 -5.32
N LEU G 167 -67.50 -20.46 -4.12
CA LEU G 167 -67.79 -21.86 -3.82
C LEU G 167 -68.87 -22.40 -4.76
N LYS G 168 -69.93 -21.63 -4.97
CA LYS G 168 -70.95 -22.04 -5.92
C LYS G 168 -70.38 -22.18 -7.33
N ASP G 169 -69.46 -21.29 -7.70
CA ASP G 169 -68.83 -21.37 -9.02
C ASP G 169 -68.06 -22.67 -9.19
N VAL G 170 -67.27 -23.06 -8.19
CA VAL G 170 -66.56 -24.33 -8.29
C VAL G 170 -67.55 -25.50 -8.27
N MET G 171 -68.63 -25.35 -7.48
CA MET G 171 -69.63 -26.42 -7.40
C MET G 171 -70.22 -26.70 -8.77
N ASP G 172 -70.54 -25.63 -9.51
CA ASP G 172 -71.05 -25.77 -10.86
C ASP G 172 -69.98 -26.23 -11.83
N SER G 173 -68.75 -25.74 -11.67
CA SER G 173 -67.67 -26.10 -12.58
C SER G 173 -67.40 -27.58 -12.56
N MET G 174 -67.46 -28.20 -11.38
CA MET G 174 -67.24 -29.63 -11.30
C MET G 174 -68.29 -30.37 -12.13
N ASP G 175 -69.54 -29.91 -12.06
CA ASP G 175 -70.65 -30.59 -12.72
C ASP G 175 -70.58 -30.47 -14.25
N LYS G 176 -69.89 -29.47 -14.77
CA LYS G 176 -69.81 -29.30 -16.21
C LYS G 176 -69.14 -30.52 -16.84
N GLU G 177 -69.67 -30.96 -17.98
CA GLU G 177 -69.22 -32.21 -18.58
C GLU G 177 -67.76 -32.12 -19.01
N GLU G 178 -67.39 -31.03 -19.69
CA GLU G 178 -66.05 -30.88 -20.24
C GLU G 178 -65.45 -29.56 -19.79
N MET G 179 -64.13 -29.53 -19.67
CA MET G 179 -63.39 -28.34 -19.26
C MET G 179 -62.32 -28.03 -20.31
N GLU G 180 -62.03 -26.75 -20.50
CA GLU G 180 -61.03 -26.29 -21.45
C GLU G 180 -60.11 -25.28 -20.78
N ILE G 181 -58.82 -25.38 -21.05
CA ILE G 181 -57.82 -24.48 -20.48
C ILE G 181 -56.92 -23.97 -21.60
N THR G 182 -56.36 -22.78 -21.36
CA THR G 182 -55.47 -22.12 -22.30
C THR G 182 -54.02 -22.30 -21.86
N THR G 183 -53.16 -22.66 -22.82
CA THR G 183 -51.74 -22.87 -22.53
C THR G 183 -50.89 -21.91 -23.35
N LYS G 207 -49.80 -19.87 -28.31
CA LYS G 207 -51.14 -20.13 -27.80
C LYS G 207 -51.54 -21.58 -28.04
N LYS G 208 -51.98 -22.26 -26.98
CA LYS G 208 -52.43 -23.64 -27.06
C LYS G 208 -53.64 -23.83 -26.18
N LYS G 209 -54.46 -24.83 -26.52
CA LYS G 209 -55.67 -25.14 -25.79
C LYS G 209 -55.68 -26.63 -25.45
N GLN G 210 -56.21 -26.95 -24.26
CA GLN G 210 -56.30 -28.33 -23.82
C GLN G 210 -57.71 -28.61 -23.32
N ARG G 211 -58.23 -29.77 -23.69
CA ARG G 211 -59.56 -30.22 -23.30
C ARG G 211 -59.42 -31.38 -22.33
N LEU G 212 -60.14 -31.29 -21.21
CA LEU G 212 -60.00 -32.25 -20.11
C LEU G 212 -61.38 -32.64 -19.62
N ASN G 213 -61.57 -33.92 -19.34
CA ASN G 213 -62.89 -34.49 -19.13
C ASN G 213 -63.28 -34.41 -17.64
N LYS G 214 -64.44 -34.98 -17.31
CA LYS G 214 -64.95 -34.88 -15.94
C LYS G 214 -64.10 -35.69 -14.97
N ARG G 215 -63.75 -36.92 -15.33
CA ARG G 215 -63.00 -37.77 -14.41
C ARG G 215 -61.63 -37.17 -14.11
N SER G 216 -60.91 -36.76 -15.15
CA SER G 216 -59.59 -36.17 -14.94
C SER G 216 -59.68 -34.87 -14.15
N TYR G 217 -60.69 -34.05 -14.44
CA TYR G 217 -60.85 -32.80 -13.71
C TYR G 217 -61.12 -33.06 -12.24
N LEU G 218 -61.99 -34.04 -11.94
CA LEU G 218 -62.23 -34.40 -10.55
C LEU G 218 -60.95 -34.87 -9.88
N ILE G 219 -60.21 -35.77 -10.53
CA ILE G 219 -58.98 -36.27 -9.93
C ILE G 219 -58.02 -35.11 -9.65
N ARG G 220 -57.87 -34.20 -10.61
CA ARG G 220 -56.98 -33.07 -10.41
C ARG G 220 -57.46 -32.13 -9.31
N ALA G 221 -58.79 -32.06 -9.10
CA ALA G 221 -59.32 -31.25 -8.01
C ALA G 221 -59.09 -31.92 -6.65
N LEU G 222 -58.96 -33.25 -6.63
CA LEU G 222 -58.71 -34.00 -5.41
C LEU G 222 -57.23 -34.31 -5.22
N THR G 223 -56.36 -33.42 -5.69
CA THR G 223 -54.92 -33.67 -5.71
C THR G 223 -54.21 -32.74 -4.73
N LEU G 224 -53.41 -33.33 -3.85
CA LEU G 224 -52.52 -32.59 -2.96
C LEU G 224 -51.07 -32.78 -3.40
N ASN G 225 -50.30 -31.71 -3.38
CA ASN G 225 -48.89 -31.78 -3.77
C ASN G 225 -48.05 -32.01 -2.52
N THR G 226 -47.18 -33.02 -2.58
CA THR G 226 -46.39 -33.44 -1.44
C THR G 226 -44.93 -33.07 -1.65
N MET G 227 -44.26 -32.67 -0.57
CA MET G 227 -42.83 -32.32 -0.65
C MET G 227 -42.22 -32.47 0.74
N THR G 228 -40.89 -32.57 0.76
CA THR G 228 -40.17 -32.70 2.02
C THR G 228 -40.22 -31.38 2.80
N LYS G 229 -40.26 -31.50 4.13
CA LYS G 229 -40.23 -30.36 5.03
C LYS G 229 -38.79 -30.10 5.43
N ASP G 230 -38.34 -28.86 5.23
CA ASP G 230 -36.95 -28.48 5.49
C ASP G 230 -36.87 -27.59 6.72
N ALA G 231 -35.64 -27.40 7.19
CA ALA G 231 -35.34 -26.49 8.30
C ALA G 231 -36.21 -26.84 9.52
N GLU G 232 -36.24 -28.12 9.86
CA GLU G 232 -37.00 -28.60 11.00
C GLU G 232 -36.05 -29.10 12.07
N ARG G 233 -36.31 -28.71 13.31
CA ARG G 233 -35.44 -29.00 14.44
C ARG G 233 -36.04 -30.08 15.33
N GLY G 234 -35.17 -30.82 16.02
CA GLY G 234 -35.59 -31.81 16.97
C GLY G 234 -35.78 -33.22 16.43
N LYS G 235 -35.63 -33.41 15.12
CA LYS G 235 -35.82 -34.72 14.51
C LYS G 235 -34.64 -35.05 13.61
N LEU G 236 -34.30 -36.34 13.56
CA LEU G 236 -33.18 -36.81 12.78
C LEU G 236 -33.57 -37.17 11.35
N LYS G 237 -34.73 -37.81 11.17
CA LYS G 237 -35.19 -38.22 9.86
C LYS G 237 -36.16 -37.19 9.28
N ARG G 238 -36.09 -37.02 7.96
CA ARG G 238 -36.91 -36.02 7.29
C ARG G 238 -38.38 -36.45 7.30
N ARG G 239 -39.24 -35.49 6.96
CA ARG G 239 -40.67 -35.72 6.89
C ARG G 239 -41.22 -35.16 5.59
N ALA G 240 -42.45 -35.54 5.27
CA ALA G 240 -43.14 -35.06 4.08
C ALA G 240 -44.46 -34.40 4.48
N ILE G 241 -44.74 -33.25 3.85
CA ILE G 241 -45.97 -32.50 4.11
C ILE G 241 -46.63 -32.19 2.79
N ALA G 242 -47.93 -31.90 2.86
CA ALA G 242 -48.77 -31.76 1.68
C ALA G 242 -49.43 -30.39 1.66
N THR G 243 -49.70 -29.91 0.45
CA THR G 243 -50.43 -28.67 0.22
C THR G 243 -51.64 -28.98 -0.67
N PRO G 244 -52.86 -28.65 -0.24
CA PRO G 244 -54.03 -28.90 -1.10
C PRO G 244 -54.14 -27.90 -2.24
N GLY G 245 -55.23 -27.99 -2.99
CA GLY G 245 -55.55 -27.05 -4.04
C GLY G 245 -56.44 -25.92 -3.56
N MET G 246 -57.30 -25.45 -4.47
CA MET G 246 -58.20 -24.34 -4.18
C MET G 246 -59.63 -24.76 -3.92
N GLN G 247 -60.10 -25.82 -4.58
CA GLN G 247 -61.47 -26.25 -4.42
C GLN G 247 -61.78 -26.72 -2.99
N ILE G 248 -60.80 -26.68 -2.10
CA ILE G 248 -60.99 -27.06 -0.70
C ILE G 248 -60.59 -25.95 0.26
N ARG G 249 -59.97 -24.86 -0.21
CA ARG G 249 -59.39 -23.88 0.68
C ARG G 249 -60.46 -23.11 1.46
N GLY G 250 -61.47 -22.60 0.75
CA GLY G 250 -62.49 -21.80 1.43
C GLY G 250 -63.28 -22.60 2.44
N PHE G 251 -63.58 -23.86 2.11
CA PHE G 251 -64.34 -24.69 3.03
C PHE G 251 -63.49 -25.02 4.25
N VAL G 252 -62.18 -25.23 4.05
CA VAL G 252 -61.26 -25.40 5.16
C VAL G 252 -61.27 -24.15 6.04
N TYR G 253 -61.27 -22.98 5.43
CA TYR G 253 -61.29 -21.74 6.21
C TYR G 253 -62.57 -21.66 7.05
N PHE G 254 -63.71 -22.00 6.46
CA PHE G 254 -64.96 -21.92 7.21
C PHE G 254 -64.97 -22.91 8.37
N VAL G 255 -64.50 -24.14 8.13
CA VAL G 255 -64.42 -25.13 9.20
C VAL G 255 -63.50 -24.62 10.31
N GLU G 256 -62.36 -24.04 9.93
CA GLU G 256 -61.42 -23.53 10.92
C GLU G 256 -62.00 -22.35 11.69
N ALA G 257 -62.80 -21.51 11.04
CA ALA G 257 -63.45 -20.42 11.74
C ALA G 257 -64.42 -20.95 12.79
N LEU G 258 -65.20 -21.97 12.42
CA LEU G 258 -66.09 -22.59 13.39
C LEU G 258 -65.30 -23.20 14.55
N ALA G 259 -64.17 -23.85 14.23
CA ALA G 259 -63.35 -24.44 15.28
C ALA G 259 -62.78 -23.37 16.21
N ARG G 260 -62.34 -22.25 15.65
CA ARG G 260 -61.83 -21.16 16.48
C ARG G 260 -62.91 -20.63 17.39
N SER G 261 -64.12 -20.45 16.85
CA SER G 261 -65.22 -19.95 17.68
C SER G 261 -65.52 -20.93 18.81
N ILE G 262 -65.48 -22.24 18.52
CA ILE G 262 -65.71 -23.23 19.56
C ILE G 262 -64.61 -23.17 20.62
N CYS G 263 -63.36 -23.07 20.18
CA CYS G 263 -62.22 -23.16 21.10
C CYS G 263 -62.07 -21.90 21.94
N GLU G 264 -62.50 -20.75 21.45
CA GLU G 264 -62.31 -19.51 22.19
C GLU G 264 -63.02 -19.55 23.55
N LYS G 265 -64.10 -20.33 23.66
CA LYS G 265 -64.88 -20.40 24.89
C LYS G 265 -64.59 -21.66 25.70
N LEU G 266 -63.53 -22.39 25.38
CA LEU G 266 -63.14 -23.58 26.12
C LEU G 266 -61.90 -23.29 26.95
N GLU G 267 -61.99 -23.55 28.24
CA GLU G 267 -60.90 -23.21 29.15
C GLU G 267 -59.65 -24.05 28.89
N GLN G 268 -59.84 -25.36 28.65
CA GLN G 268 -58.71 -26.27 28.55
C GLN G 268 -58.01 -26.21 27.21
N SER G 269 -58.61 -25.59 26.19
CA SER G 269 -57.96 -25.49 24.89
C SER G 269 -56.73 -24.58 24.98
N GLY G 270 -55.64 -25.02 24.39
CA GLY G 270 -54.39 -24.28 24.39
C GLY G 270 -54.19 -23.36 23.22
N LEU G 271 -55.20 -23.16 22.38
CA LEU G 271 -55.11 -22.31 21.21
C LEU G 271 -56.27 -21.34 21.16
N PRO G 272 -56.14 -20.21 20.45
CA PRO G 272 -54.95 -19.73 19.75
C PRO G 272 -54.19 -18.66 20.53
N VAL G 273 -54.10 -18.84 21.85
CA VAL G 273 -53.50 -17.86 22.73
C VAL G 273 -52.03 -17.70 22.41
N GLY G 274 -51.43 -16.62 22.90
CA GLY G 274 -50.03 -16.34 22.63
C GLY G 274 -49.10 -16.89 23.69
N GLY G 275 -48.29 -16.01 24.29
CA GLY G 275 -47.32 -16.45 25.28
C GLY G 275 -47.37 -15.64 26.56
N ASN G 276 -48.53 -15.06 26.87
CA ASN G 276 -48.73 -14.28 28.08
C ASN G 276 -49.70 -14.94 29.04
N GLU G 277 -50.84 -15.45 28.55
CA GLU G 277 -51.84 -16.06 29.40
C GLU G 277 -51.67 -17.57 29.54
N LYS G 278 -50.71 -18.18 28.85
CA LYS G 278 -50.51 -19.62 28.97
C LYS G 278 -49.87 -19.96 30.32
N LYS G 279 -48.96 -19.11 30.80
CA LYS G 279 -48.44 -19.29 32.15
C LYS G 279 -49.57 -19.20 33.16
N ALA G 280 -50.48 -18.24 32.97
CA ALA G 280 -51.64 -18.13 33.85
C ALA G 280 -52.50 -19.38 33.76
N LYS G 281 -52.64 -19.95 32.56
CA LYS G 281 -53.43 -21.17 32.41
C LYS G 281 -52.82 -22.32 33.20
N LEU G 282 -51.50 -22.48 33.10
CA LEU G 282 -50.82 -23.54 33.85
C LEU G 282 -51.00 -23.33 35.35
N ALA G 283 -50.80 -22.10 35.82
CA ALA G 283 -51.00 -21.80 37.24
C ALA G 283 -52.43 -22.08 37.65
N ASN G 284 -53.39 -21.75 36.79
CA ASN G 284 -54.79 -21.96 37.11
C ASN G 284 -55.09 -23.45 37.27
N VAL G 285 -54.62 -24.27 36.33
CA VAL G 285 -54.93 -25.70 36.41
C VAL G 285 -54.28 -26.32 37.65
N VAL G 286 -53.01 -25.98 37.91
CA VAL G 286 -52.36 -26.57 39.08
C VAL G 286 -53.05 -26.12 40.37
N ARG G 287 -53.40 -24.83 40.46
CA ARG G 287 -54.09 -24.33 41.65
C ARG G 287 -55.43 -25.01 41.82
N LYS G 288 -56.18 -25.19 40.73
CA LYS G 288 -57.48 -25.85 40.81
C LYS G 288 -57.34 -27.28 41.29
N MET G 289 -56.28 -27.98 40.86
CA MET G 289 -56.12 -29.39 41.21
C MET G 289 -55.30 -29.60 42.48
N MET G 290 -54.83 -28.54 43.14
CA MET G 290 -54.13 -28.69 44.41
C MET G 290 -54.80 -28.03 45.59
N THR G 291 -55.55 -26.94 45.38
CA THR G 291 -56.16 -26.23 46.49
C THR G 291 -57.35 -26.99 47.06
N ASN G 292 -58.21 -27.53 46.20
CA ASN G 292 -59.39 -28.25 46.67
C ASN G 292 -59.04 -29.59 47.29
N SER G 293 -57.84 -30.11 47.03
CA SER G 293 -57.46 -31.40 47.57
C SER G 293 -57.30 -31.31 49.09
N GLN G 294 -57.66 -32.41 49.77
CA GLN G 294 -57.53 -32.50 51.21
C GLN G 294 -56.08 -32.87 51.54
N ASP G 295 -55.81 -33.11 52.83
CA ASP G 295 -54.46 -33.42 53.29
C ASP G 295 -54.11 -34.90 53.14
N THR G 296 -55.03 -35.74 52.69
CA THR G 296 -54.79 -37.16 52.52
C THR G 296 -55.14 -37.61 51.10
N GLU G 297 -54.98 -36.72 50.13
CA GLU G 297 -55.26 -37.02 48.73
C GLU G 297 -53.97 -36.94 47.92
N LEU G 298 -53.77 -37.93 47.05
CA LEU G 298 -52.58 -38.02 46.22
C LEU G 298 -52.85 -37.41 44.86
N SER G 299 -51.91 -36.59 44.39
CA SER G 299 -52.02 -35.91 43.11
C SER G 299 -50.78 -36.21 42.27
N PHE G 300 -50.99 -36.57 41.01
CA PHE G 300 -49.91 -36.91 40.11
C PHE G 300 -50.10 -36.16 38.79
N THR G 301 -48.98 -35.88 38.13
CA THR G 301 -48.97 -35.17 36.85
C THR G 301 -48.27 -36.02 35.79
N ILE G 302 -48.89 -36.09 34.62
CA ILE G 302 -48.38 -36.86 33.48
C ILE G 302 -48.08 -35.87 32.36
N THR G 303 -46.85 -35.91 31.86
CA THR G 303 -46.43 -35.10 30.73
C THR G 303 -46.13 -36.06 29.57
N GLY G 304 -46.74 -35.81 28.42
CA GLY G 304 -46.57 -36.69 27.29
C GLY G 304 -47.21 -36.14 26.03
N ASP G 305 -46.84 -36.76 24.91
CA ASP G 305 -47.33 -36.40 23.60
C ASP G 305 -48.24 -37.49 23.05
N ASN G 306 -48.70 -37.31 21.82
CA ASN G 306 -49.53 -38.28 21.12
C ASN G 306 -48.79 -38.76 19.88
N THR G 307 -48.78 -40.08 19.68
CA THR G 307 -48.04 -40.68 18.58
C THR G 307 -48.93 -40.87 17.36
N LYS G 308 -48.38 -40.54 16.18
CA LYS G 308 -49.08 -40.70 14.91
C LYS G 308 -50.42 -39.94 14.94
N TRP G 309 -50.32 -38.64 15.18
CA TRP G 309 -51.51 -37.82 15.36
C TRP G 309 -52.30 -37.71 14.06
N ASN G 310 -51.64 -37.35 12.96
CA ASN G 310 -52.34 -36.99 11.74
C ASN G 310 -52.60 -38.18 10.81
N GLU G 311 -52.06 -39.35 11.11
CA GLU G 311 -52.31 -40.54 10.31
C GLU G 311 -53.40 -41.42 10.91
N ASN G 312 -54.15 -40.93 11.90
CA ASN G 312 -55.18 -41.71 12.56
C ASN G 312 -56.51 -40.98 12.65
N GLN G 313 -56.63 -39.77 12.12
CA GLN G 313 -57.87 -39.00 12.16
C GLN G 313 -58.56 -39.10 10.80
N ASN G 314 -59.77 -39.67 10.79
CA ASN G 314 -60.50 -39.91 9.56
C ASN G 314 -61.41 -38.72 9.25
N PRO G 315 -61.42 -38.20 8.02
CA PRO G 315 -62.32 -37.08 7.72
C PRO G 315 -63.79 -37.39 7.93
N ARG G 316 -64.20 -38.65 7.75
CA ARG G 316 -65.60 -39.01 7.94
C ARG G 316 -66.04 -38.72 9.37
N MET G 317 -65.15 -38.93 10.33
CA MET G 317 -65.49 -38.61 11.71
C MET G 317 -65.71 -37.11 11.87
N PHE G 318 -64.92 -36.30 11.18
CA PHE G 318 -65.15 -34.86 11.21
C PHE G 318 -66.46 -34.50 10.52
N LEU G 319 -66.87 -35.26 9.50
CA LEU G 319 -68.20 -35.08 8.93
C LEU G 319 -69.26 -35.28 10.01
N ALA G 320 -69.18 -36.40 10.72
CA ALA G 320 -70.11 -36.66 11.81
C ALA G 320 -70.07 -35.54 12.85
N MET G 321 -68.87 -35.01 13.11
CA MET G 321 -68.73 -34.00 14.16
C MET G 321 -69.40 -32.70 13.76
N ILE G 322 -69.16 -32.21 12.55
CA ILE G 322 -69.83 -30.99 12.12
C ILE G 322 -71.32 -31.23 12.01
N THR G 323 -71.74 -32.45 11.66
CA THR G 323 -73.17 -32.75 11.63
C THR G 323 -73.79 -32.60 13.01
N TYR G 324 -73.12 -33.13 14.03
CA TYR G 324 -73.64 -33.02 15.39
C TYR G 324 -73.60 -31.58 15.88
N ILE G 325 -72.56 -30.84 15.51
CA ILE G 325 -72.38 -29.48 16.02
C ILE G 325 -73.47 -28.56 15.48
N THR G 326 -73.81 -28.68 14.20
CA THR G 326 -74.71 -27.76 13.52
C THR G 326 -76.17 -28.23 13.55
N ARG G 327 -76.56 -29.00 14.57
CA ARG G 327 -77.94 -29.46 14.65
C ARG G 327 -78.89 -28.27 14.74
N ASN G 328 -80.03 -28.40 14.06
CA ASN G 328 -81.07 -27.37 14.05
C ASN G 328 -80.53 -26.05 13.48
N GLN G 329 -80.06 -26.13 12.24
CA GLN G 329 -79.51 -25.00 11.52
C GLN G 329 -80.00 -25.02 10.08
N PRO G 330 -79.93 -23.90 9.37
CA PRO G 330 -80.35 -23.89 7.97
C PRO G 330 -79.56 -24.88 7.14
N GLU G 331 -80.24 -25.48 6.16
CA GLU G 331 -79.64 -26.59 5.41
C GLU G 331 -78.40 -26.15 4.64
N TRP G 332 -78.44 -24.97 4.02
CA TRP G 332 -77.31 -24.54 3.20
C TRP G 332 -76.06 -24.36 4.04
N PHE G 333 -76.19 -23.78 5.24
CA PHE G 333 -75.06 -23.66 6.15
C PHE G 333 -74.48 -25.04 6.48
N ARG G 334 -75.36 -26.00 6.77
CA ARG G 334 -74.90 -27.35 7.08
C ARG G 334 -74.14 -27.94 5.90
N ASN G 335 -74.66 -27.77 4.69
CA ASN G 335 -74.00 -28.33 3.52
C ASN G 335 -72.62 -27.72 3.32
N VAL G 336 -72.53 -26.39 3.37
CA VAL G 336 -71.24 -25.73 3.14
C VAL G 336 -70.24 -26.14 4.20
N LEU G 337 -70.70 -26.32 5.45
CA LEU G 337 -69.79 -26.74 6.51
C LEU G 337 -69.43 -28.22 6.42
N SER G 338 -70.29 -29.05 5.82
CA SER G 338 -70.03 -30.48 5.73
C SER G 338 -69.19 -30.85 4.51
N ILE G 339 -69.11 -29.93 3.53
CA ILE G 339 -68.36 -30.12 2.26
C ILE G 339 -66.93 -30.57 2.56
N ALA G 340 -66.24 -29.86 3.46
CA ALA G 340 -64.84 -30.13 3.87
C ALA G 340 -64.65 -31.63 4.19
N PRO G 341 -65.28 -32.21 5.25
CA PRO G 341 -65.15 -33.65 5.55
C PRO G 341 -65.13 -34.62 4.35
N ILE G 342 -66.11 -34.49 3.46
CA ILE G 342 -66.28 -35.33 2.27
C ILE G 342 -65.10 -35.13 1.32
N MET G 343 -64.77 -33.86 1.04
CA MET G 343 -63.68 -33.55 0.14
C MET G 343 -62.38 -34.17 0.61
N PHE G 344 -62.11 -34.10 1.92
CA PHE G 344 -60.85 -34.64 2.41
C PHE G 344 -60.91 -36.17 2.48
N SER G 345 -62.10 -36.76 2.62
CA SER G 345 -62.22 -38.21 2.55
C SER G 345 -62.12 -38.73 1.13
N ASN G 346 -62.21 -37.86 0.12
CA ASN G 346 -62.07 -38.25 -1.27
C ASN G 346 -60.88 -37.54 -1.92
N LYS G 347 -59.74 -37.53 -1.23
CA LYS G 347 -58.54 -36.86 -1.71
C LYS G 347 -57.56 -37.85 -2.33
N MET G 348 -56.70 -37.32 -3.20
CA MET G 348 -55.71 -38.11 -3.91
C MET G 348 -54.35 -37.42 -3.80
N ALA G 349 -53.30 -38.22 -3.64
CA ALA G 349 -51.98 -37.70 -3.35
C ALA G 349 -51.05 -37.90 -4.54
N ARG G 350 -50.35 -36.82 -4.92
CA ARG G 350 -49.32 -36.91 -5.94
C ARG G 350 -48.05 -37.54 -5.36
N LEU G 351 -47.35 -38.31 -6.18
CA LEU G 351 -46.16 -39.00 -5.69
C LEU G 351 -45.01 -38.02 -5.46
N GLY G 352 -44.75 -37.14 -6.43
CA GLY G 352 -43.68 -36.16 -6.28
C GLY G 352 -42.81 -36.03 -7.51
N LYS G 353 -41.59 -35.49 -7.32
CA LYS G 353 -40.70 -35.24 -8.45
C LYS G 353 -40.31 -36.53 -9.16
N GLY G 354 -39.97 -37.57 -8.41
CA GLY G 354 -39.58 -38.84 -8.99
C GLY G 354 -38.29 -39.39 -8.42
N TYR G 355 -37.52 -40.09 -9.24
CA TYR G 355 -36.26 -40.68 -8.84
C TYR G 355 -35.16 -40.28 -9.81
N MET G 356 -33.92 -40.61 -9.46
CA MET G 356 -32.77 -40.36 -10.30
C MET G 356 -31.89 -41.61 -10.32
N PHE G 357 -31.42 -41.98 -11.50
CA PHE G 357 -30.64 -43.20 -11.70
C PHE G 357 -29.25 -42.84 -12.20
N GLU G 358 -28.25 -43.60 -11.76
CA GLU G 358 -26.86 -43.35 -12.10
C GLU G 358 -26.22 -44.64 -12.59
N SER G 359 -25.51 -44.53 -13.71
CA SER G 359 -24.69 -45.60 -14.27
C SER G 359 -23.24 -45.27 -13.96
N LYS G 360 -22.63 -46.07 -13.07
CA LYS G 360 -21.28 -45.77 -12.58
C LYS G 360 -20.21 -46.13 -13.60
N SER G 361 -20.38 -47.24 -14.32
CA SER G 361 -19.36 -47.64 -15.28
C SER G 361 -19.25 -46.65 -16.43
N MET G 362 -20.39 -46.19 -16.96
CA MET G 362 -20.40 -45.27 -18.08
C MET G 362 -20.48 -43.81 -17.65
N LYS G 363 -20.62 -43.53 -16.36
CA LYS G 363 -20.72 -42.15 -15.86
C LYS G 363 -21.90 -41.42 -16.51
N LEU G 364 -23.09 -41.92 -16.22
CA LEU G 364 -24.32 -41.32 -16.72
C LEU G 364 -25.30 -41.10 -15.57
N ARG G 365 -26.14 -40.08 -15.71
CA ARG G 365 -27.22 -39.84 -14.76
C ARG G 365 -28.47 -39.43 -15.51
N THR G 366 -29.62 -39.96 -15.09
CA THR G 366 -30.90 -39.70 -15.72
C THR G 366 -31.97 -39.53 -14.66
N GLN G 367 -33.07 -38.89 -15.04
CA GLN G 367 -34.18 -38.62 -14.14
C GLN G 367 -35.41 -39.40 -14.59
N VAL G 368 -36.10 -40.03 -13.64
CA VAL G 368 -37.28 -40.84 -13.89
C VAL G 368 -38.46 -40.14 -13.22
N PRO G 369 -39.41 -39.56 -13.98
CA PRO G 369 -40.56 -38.92 -13.34
C PRO G 369 -41.45 -39.94 -12.66
N ALA G 370 -42.16 -39.46 -11.62
CA ALA G 370 -43.02 -40.33 -10.84
C ALA G 370 -44.23 -40.83 -11.61
N GLU G 371 -44.66 -40.11 -12.65
CA GLU G 371 -45.84 -40.53 -13.40
C GLU G 371 -45.66 -41.90 -14.02
N MET G 372 -44.42 -42.27 -14.36
CA MET G 372 -44.12 -43.53 -15.01
C MET G 372 -43.88 -44.67 -14.01
N LEU G 373 -43.76 -44.36 -12.72
CA LEU G 373 -43.46 -45.38 -11.72
C LEU G 373 -44.47 -46.52 -11.74
N ALA G 374 -45.69 -46.28 -12.24
CA ALA G 374 -46.72 -47.32 -12.22
C ALA G 374 -46.27 -48.57 -12.96
N ASN G 375 -45.50 -48.39 -14.04
CA ASN G 375 -45.08 -49.52 -14.90
C ASN G 375 -43.56 -49.42 -15.12
N ILE G 376 -42.80 -50.24 -14.39
CA ILE G 376 -41.36 -50.32 -14.59
C ILE G 376 -40.85 -51.56 -13.87
N ASP G 377 -39.76 -52.12 -14.37
CA ASP G 377 -39.12 -53.24 -13.71
C ASP G 377 -38.55 -52.81 -12.36
N LEU G 378 -38.56 -53.74 -11.40
CA LEU G 378 -38.15 -53.45 -10.04
C LEU G 378 -36.68 -53.79 -9.79
N LYS G 379 -35.90 -54.03 -10.84
CA LYS G 379 -34.50 -54.38 -10.66
C LYS G 379 -33.63 -53.18 -10.28
N TYR G 380 -34.01 -51.98 -10.71
CA TYR G 380 -33.17 -50.81 -10.47
C TYR G 380 -33.13 -50.45 -8.98
N PHE G 381 -34.27 -50.49 -8.30
CA PHE G 381 -34.34 -50.02 -6.93
C PHE G 381 -33.80 -51.07 -5.96
N ASN G 382 -33.53 -50.63 -4.73
CA ASN G 382 -33.04 -51.53 -3.70
C ASN G 382 -34.23 -52.21 -3.03
N LYS G 383 -33.96 -52.90 -1.91
CA LYS G 383 -35.00 -53.69 -1.25
C LYS G 383 -36.13 -52.80 -0.74
N SER G 384 -35.80 -51.76 0.01
CA SER G 384 -36.84 -50.96 0.68
C SER G 384 -37.70 -50.23 -0.35
N THR G 385 -37.07 -49.58 -1.34
CA THR G 385 -37.83 -48.86 -2.35
C THR G 385 -38.68 -49.82 -3.17
N ARG G 386 -38.14 -51.01 -3.48
CA ARG G 386 -38.92 -51.99 -4.23
C ARG G 386 -40.14 -52.43 -3.43
N GLU G 387 -39.97 -52.68 -2.14
CA GLU G 387 -41.10 -53.06 -1.31
C GLU G 387 -42.15 -51.95 -1.26
N LYS G 388 -41.71 -50.71 -1.11
CA LYS G 388 -42.65 -49.59 -1.10
C LYS G 388 -43.41 -49.50 -2.42
N ILE G 389 -42.71 -49.64 -3.54
CA ILE G 389 -43.35 -49.56 -4.85
C ILE G 389 -44.37 -50.67 -5.00
N GLU G 390 -44.01 -51.89 -4.62
CA GLU G 390 -44.94 -53.00 -4.75
C GLU G 390 -46.17 -52.80 -3.86
N LYS G 391 -45.96 -52.31 -2.64
CA LYS G 391 -47.09 -52.06 -1.74
C LYS G 391 -48.03 -51.00 -2.33
N ILE G 392 -47.48 -49.93 -2.90
CA ILE G 392 -48.32 -48.84 -3.37
C ILE G 392 -48.96 -49.15 -4.73
N ARG G 393 -48.38 -50.07 -5.51
CA ARG G 393 -48.85 -50.26 -6.88
C ARG G 393 -50.36 -50.45 -7.00
N PRO G 394 -51.02 -51.29 -6.21
CA PRO G 394 -52.48 -51.46 -6.40
C PRO G 394 -53.28 -50.19 -6.16
N LEU G 395 -52.71 -49.20 -5.46
CA LEU G 395 -53.46 -48.00 -5.10
C LEU G 395 -53.40 -46.90 -6.15
N LEU G 396 -52.28 -46.79 -6.86
CA LEU G 396 -52.06 -45.63 -7.72
C LEU G 396 -53.05 -45.59 -8.86
N ILE G 397 -53.34 -44.38 -9.33
CA ILE G 397 -54.21 -44.16 -10.48
C ILE G 397 -53.82 -42.83 -11.12
N ASP G 398 -53.63 -42.83 -12.43
CA ASP G 398 -53.29 -41.60 -13.16
C ASP G 398 -52.10 -40.90 -12.54
N GLY G 399 -51.15 -41.69 -12.04
CA GLY G 399 -49.97 -41.15 -11.39
C GLY G 399 -50.18 -40.67 -9.97
N THR G 400 -51.36 -40.85 -9.41
CA THR G 400 -51.67 -40.43 -8.05
C THR G 400 -52.23 -41.60 -7.27
N ALA G 401 -52.09 -41.54 -5.95
CA ALA G 401 -52.51 -42.62 -5.06
C ALA G 401 -53.71 -42.21 -4.24
N SER G 402 -54.66 -43.12 -4.09
CA SER G 402 -55.83 -42.86 -3.26
C SER G 402 -55.44 -42.89 -1.79
N LEU G 403 -55.88 -41.89 -1.05
CA LEU G 403 -55.51 -41.71 0.36
C LEU G 403 -56.75 -41.38 1.18
N SER G 404 -57.81 -42.18 1.01
CA SER G 404 -59.05 -41.90 1.73
C SER G 404 -58.85 -41.77 3.23
N PRO G 405 -58.14 -42.68 3.91
CA PRO G 405 -57.97 -42.52 5.36
C PRO G 405 -56.82 -41.60 5.72
N GLY G 406 -56.96 -40.94 6.87
CA GLY G 406 -55.91 -40.13 7.43
C GLY G 406 -55.86 -38.72 6.85
N MET G 407 -54.98 -37.91 7.45
CA MET G 407 -54.80 -36.51 7.07
C MET G 407 -53.31 -36.22 7.01
N MET G 408 -52.78 -36.01 5.80
CA MET G 408 -51.33 -35.87 5.65
C MET G 408 -50.82 -34.62 6.36
N MET G 409 -51.41 -33.46 6.05
CA MET G 409 -50.92 -32.19 6.58
C MET G 409 -51.65 -31.74 7.84
N GLY G 410 -52.75 -32.39 8.22
CA GLY G 410 -53.44 -32.03 9.43
C GLY G 410 -53.86 -30.58 9.46
N MET G 411 -54.44 -30.10 8.35
CA MET G 411 -54.90 -28.71 8.30
C MET G 411 -55.91 -28.43 9.40
N PHE G 412 -56.66 -29.43 9.83
CA PHE G 412 -57.63 -29.29 10.91
C PHE G 412 -56.90 -29.34 12.25
N ASN G 413 -56.11 -28.30 12.48
CA ASN G 413 -55.27 -28.21 13.68
C ASN G 413 -56.05 -27.84 14.92
N MET G 414 -57.36 -27.64 14.82
CA MET G 414 -58.14 -27.08 15.92
C MET G 414 -59.32 -27.95 16.28
N LEU G 415 -59.90 -28.65 15.29
CA LEU G 415 -60.97 -29.60 15.58
C LEU G 415 -60.46 -30.77 16.40
N SER G 416 -59.27 -31.26 16.07
CA SER G 416 -58.67 -32.34 16.86
C SER G 416 -58.46 -31.89 18.30
N THR G 417 -58.16 -30.61 18.51
CA THR G 417 -58.06 -30.09 19.87
C THR G 417 -59.42 -30.10 20.55
N VAL G 418 -60.49 -29.85 19.80
CA VAL G 418 -61.83 -29.96 20.36
C VAL G 418 -62.08 -31.40 20.82
N LEU G 419 -61.69 -32.37 20.00
CA LEU G 419 -61.82 -33.78 20.41
C LEU G 419 -61.01 -34.06 21.67
N GLY G 420 -59.78 -33.57 21.71
CA GLY G 420 -58.94 -33.82 22.88
C GLY G 420 -59.53 -33.23 24.15
N VAL G 421 -60.02 -32.00 24.06
CA VAL G 421 -60.59 -31.35 25.24
C VAL G 421 -61.89 -32.02 25.65
N SER G 422 -62.69 -32.51 24.69
CA SER G 422 -63.87 -33.28 25.04
C SER G 422 -63.48 -34.53 25.83
N ILE G 423 -62.48 -35.26 25.35
CA ILE G 423 -62.05 -36.45 26.08
C ILE G 423 -61.50 -36.07 27.45
N LEU G 424 -60.83 -34.92 27.54
CA LEU G 424 -60.31 -34.45 28.82
C LEU G 424 -61.43 -34.21 29.82
N ASN G 425 -62.44 -33.42 29.42
CA ASN G 425 -63.53 -33.12 30.33
C ASN G 425 -64.44 -34.31 30.57
N LEU G 426 -64.29 -35.38 29.78
CA LEU G 426 -65.02 -36.61 30.03
C LEU G 426 -64.68 -37.23 31.38
N GLY G 427 -63.55 -36.84 31.99
CA GLY G 427 -63.11 -37.45 33.24
C GLY G 427 -63.56 -36.71 34.49
N GLN G 428 -64.63 -35.94 34.38
CA GLN G 428 -65.12 -35.17 35.52
C GLN G 428 -65.54 -36.11 36.65
N LYS G 429 -65.81 -35.51 37.81
CA LYS G 429 -66.25 -36.28 38.97
C LYS G 429 -67.57 -36.99 38.70
N LYS G 430 -68.49 -36.31 38.00
CA LYS G 430 -69.80 -36.90 37.75
C LYS G 430 -69.70 -38.09 36.82
N TYR G 431 -68.96 -37.96 35.71
CA TYR G 431 -68.90 -39.02 34.72
C TYR G 431 -68.00 -40.17 35.17
N THR G 432 -66.93 -39.88 35.92
CA THR G 432 -66.04 -40.94 36.37
C THR G 432 -66.77 -41.90 37.29
N LYS G 433 -67.61 -41.39 38.18
CA LYS G 433 -68.35 -42.21 39.14
C LYS G 433 -67.40 -43.06 39.98
N THR G 434 -66.27 -42.49 40.37
CA THR G 434 -65.28 -43.20 41.17
C THR G 434 -64.50 -42.19 42.00
N THR G 435 -63.71 -42.70 42.95
CA THR G 435 -62.96 -41.82 43.83
C THR G 435 -61.97 -40.95 43.06
N TYR G 436 -61.28 -41.55 42.09
CA TYR G 436 -60.27 -40.80 41.34
C TYR G 436 -60.94 -39.87 40.33
N TRP G 437 -60.21 -38.83 39.96
CA TRP G 437 -60.66 -37.90 38.93
C TRP G 437 -59.42 -37.28 38.29
N TRP G 438 -59.63 -36.61 37.14
CA TRP G 438 -58.50 -36.06 36.41
C TRP G 438 -58.96 -34.90 35.53
N ASP G 439 -57.99 -34.13 35.07
CA ASP G 439 -58.22 -33.08 34.07
C ASP G 439 -56.87 -32.53 33.67
N GLY G 440 -56.85 -31.70 32.64
CA GLY G 440 -55.61 -31.13 32.18
C GLY G 440 -55.78 -30.28 30.94
N LEU G 441 -54.65 -30.06 30.27
CA LEU G 441 -54.59 -29.18 29.12
C LEU G 441 -54.25 -29.97 27.86
N GLN G 442 -54.77 -29.50 26.73
CA GLN G 442 -54.56 -30.14 25.43
C GLN G 442 -54.25 -29.05 24.41
N SER G 443 -53.28 -29.31 23.53
CA SER G 443 -52.96 -28.39 22.45
C SER G 443 -52.48 -29.23 21.27
N SER G 444 -53.39 -29.49 20.33
CA SER G 444 -53.08 -30.32 19.18
C SER G 444 -52.42 -31.63 19.61
N ASP G 445 -51.14 -31.81 19.29
CA ASP G 445 -50.46 -33.05 19.65
C ASP G 445 -50.17 -33.12 21.15
N ASP G 446 -49.68 -32.03 21.73
CA ASP G 446 -49.22 -32.05 23.11
C ASP G 446 -50.40 -32.05 24.08
N PHE G 447 -50.16 -32.60 25.28
CA PHE G 447 -51.16 -32.59 26.32
C PHE G 447 -50.48 -32.85 27.65
N ALA G 448 -51.09 -32.33 28.71
CA ALA G 448 -50.64 -32.55 30.07
C ALA G 448 -51.84 -32.94 30.93
N LEU G 449 -51.65 -33.90 31.83
CA LEU G 449 -52.74 -34.45 32.62
C LEU G 449 -52.40 -34.38 34.09
N ILE G 450 -53.43 -34.24 34.94
CA ILE G 450 -53.29 -34.29 36.38
C ILE G 450 -54.40 -35.18 36.92
N VAL G 451 -54.04 -36.13 37.78
CA VAL G 451 -54.96 -37.11 38.33
C VAL G 451 -54.88 -37.04 39.85
N ASN G 452 -56.05 -36.97 40.49
CA ASN G 452 -56.16 -36.98 41.94
C ASN G 452 -56.91 -38.23 42.37
N ALA G 453 -56.33 -38.96 43.33
CA ALA G 453 -56.93 -40.17 43.86
C ALA G 453 -56.38 -40.41 45.26
N PRO G 454 -57.11 -41.15 46.10
CA PRO G 454 -56.66 -41.32 47.49
C PRO G 454 -55.48 -42.27 47.65
N ASN G 455 -55.29 -43.18 46.70
CA ASN G 455 -54.23 -44.19 46.80
C ASN G 455 -53.62 -44.42 45.44
N HIS G 456 -52.47 -45.10 45.44
CA HIS G 456 -51.74 -45.35 44.20
C HIS G 456 -52.56 -46.19 43.24
N GLU G 457 -53.31 -47.18 43.77
CA GLU G 457 -54.18 -47.95 42.90
C GLU G 457 -55.21 -47.07 42.23
N GLY G 458 -55.69 -46.04 42.91
CA GLY G 458 -56.66 -45.14 42.31
C GLY G 458 -56.10 -44.38 41.12
N ILE G 459 -54.90 -43.82 41.27
CA ILE G 459 -54.30 -43.10 40.15
C ILE G 459 -53.96 -44.07 39.02
N GLN G 460 -53.54 -45.28 39.34
CA GLN G 460 -53.27 -46.27 38.29
C GLN G 460 -54.54 -46.59 37.51
N ALA G 461 -55.65 -46.81 38.23
CA ALA G 461 -56.91 -47.08 37.56
C ALA G 461 -57.36 -45.90 36.71
N GLY G 462 -57.18 -44.69 37.22
CA GLY G 462 -57.54 -43.51 36.44
C GLY G 462 -56.71 -43.38 35.18
N VAL G 463 -55.41 -43.65 35.28
CA VAL G 463 -54.55 -43.58 34.10
C VAL G 463 -54.99 -44.62 33.06
N ASP G 464 -55.27 -45.84 33.52
CA ASP G 464 -55.73 -46.87 32.61
C ASP G 464 -57.05 -46.48 31.96
N ARG G 465 -57.96 -45.91 32.74
CA ARG G 465 -59.26 -45.48 32.20
C ARG G 465 -59.06 -44.41 31.12
N PHE G 466 -58.21 -43.43 31.39
CA PHE G 466 -57.97 -42.38 30.41
C PHE G 466 -57.36 -42.96 29.14
N TYR G 467 -56.39 -43.86 29.29
CA TYR G 467 -55.75 -44.46 28.10
C TYR G 467 -56.77 -45.22 27.28
N ARG G 468 -57.62 -46.01 27.93
CA ARG G 468 -58.62 -46.80 27.20
C ARG G 468 -59.63 -45.89 26.52
N THR G 469 -60.09 -44.85 27.22
CA THR G 469 -61.04 -43.91 26.61
C THR G 469 -60.43 -43.24 25.40
N CYS G 470 -59.17 -42.81 25.50
CA CYS G 470 -58.51 -42.19 24.36
C CYS G 470 -58.38 -43.16 23.20
N LYS G 471 -58.01 -44.42 23.50
CA LYS G 471 -57.89 -45.41 22.43
C LYS G 471 -59.24 -45.66 21.76
N LEU G 472 -60.33 -45.54 22.49
CA LEU G 472 -61.66 -45.73 21.91
C LEU G 472 -62.00 -44.66 20.86
N VAL G 473 -61.24 -43.57 20.80
CA VAL G 473 -61.52 -42.47 19.87
C VAL G 473 -60.55 -42.44 18.72
N GLY G 474 -59.57 -43.34 18.68
CA GLY G 474 -58.48 -43.22 17.73
C GLY G 474 -57.36 -42.32 18.19
N ILE G 475 -57.44 -41.78 19.40
CA ILE G 475 -56.37 -40.95 19.96
C ILE G 475 -55.35 -41.89 20.59
N ASN G 476 -54.11 -41.80 20.12
CA ASN G 476 -53.03 -42.67 20.56
C ASN G 476 -52.03 -41.85 21.37
N MET G 477 -51.73 -42.31 22.57
CA MET G 477 -50.86 -41.59 23.50
C MET G 477 -49.50 -42.29 23.52
N SER G 478 -48.45 -41.53 23.21
CA SER G 478 -47.11 -42.10 23.12
C SER G 478 -46.63 -42.52 24.50
N LYS G 479 -46.24 -43.79 24.63
CA LYS G 479 -45.72 -44.31 25.89
C LYS G 479 -44.23 -44.07 26.05
N LYS G 480 -43.53 -43.68 24.99
CA LYS G 480 -42.10 -43.46 25.07
C LYS G 480 -41.72 -42.05 25.49
N LYS G 481 -42.48 -41.04 25.05
CA LYS G 481 -42.16 -39.65 25.32
C LYS G 481 -42.95 -39.10 26.52
N SER G 482 -43.49 -39.97 27.36
CA SER G 482 -44.35 -39.57 28.45
C SER G 482 -43.82 -40.11 29.77
N TYR G 483 -44.07 -39.35 30.84
CA TYR G 483 -43.69 -39.80 32.17
C TYR G 483 -44.60 -39.13 33.21
N ILE G 484 -44.66 -39.74 34.38
CA ILE G 484 -45.55 -39.33 35.47
C ILE G 484 -44.73 -39.08 36.72
N ASN G 485 -45.07 -38.02 37.44
CA ASN G 485 -44.40 -37.70 38.70
C ASN G 485 -45.38 -37.01 39.62
N ARG G 486 -44.88 -36.55 40.77
CA ARG G 486 -45.72 -35.82 41.71
C ARG G 486 -46.02 -34.43 41.18
N THR G 487 -47.19 -33.92 41.53
CA THR G 487 -47.60 -32.59 41.08
C THR G 487 -46.72 -31.52 41.72
N GLY G 488 -46.48 -30.45 40.96
CA GLY G 488 -45.64 -29.36 41.40
C GLY G 488 -44.71 -28.87 40.32
N THR G 489 -44.26 -29.78 39.46
CA THR G 489 -43.41 -29.45 38.32
C THR G 489 -43.81 -30.30 37.13
N PHE G 490 -43.88 -29.67 35.96
CA PHE G 490 -44.11 -30.41 34.72
C PHE G 490 -43.82 -29.49 33.53
N GLU G 491 -44.21 -29.93 32.34
CA GLU G 491 -43.96 -29.17 31.12
C GLU G 491 -45.17 -29.27 30.21
N PHE G 492 -45.37 -28.23 29.39
CA PHE G 492 -46.47 -28.20 28.42
C PHE G 492 -46.06 -27.30 27.27
N THR G 493 -45.87 -27.87 26.09
CA THR G 493 -45.54 -27.13 24.88
C THR G 493 -44.34 -26.20 25.13
N SER G 494 -43.26 -26.80 25.62
CA SER G 494 -41.99 -26.10 25.87
C SER G 494 -42.13 -25.05 26.97
N PHE G 495 -43.23 -25.05 27.71
CA PHE G 495 -43.39 -24.21 28.90
C PHE G 495 -43.09 -25.07 30.11
N PHE G 496 -41.98 -24.78 30.79
CA PHE G 496 -41.56 -25.55 31.95
C PHE G 496 -42.05 -24.86 33.21
N TYR G 497 -42.79 -25.60 34.03
CA TYR G 497 -43.43 -25.08 35.23
C TYR G 497 -42.81 -25.76 36.45
N ARG G 498 -42.36 -24.94 37.40
CA ARG G 498 -41.69 -25.42 38.62
C ARG G 498 -42.05 -24.47 39.76
N TYR G 499 -42.86 -24.94 40.70
CA TYR G 499 -43.12 -24.25 41.97
C TYR G 499 -43.35 -22.76 41.75
N GLY G 500 -44.32 -22.42 40.93
CA GLY G 500 -44.75 -21.06 40.72
C GLY G 500 -44.04 -20.32 39.61
N PHE G 501 -43.00 -20.90 39.01
CA PHE G 501 -42.23 -20.24 37.96
C PHE G 501 -42.46 -20.96 36.64
N VAL G 502 -42.69 -20.19 35.58
CA VAL G 502 -42.89 -20.75 34.24
C VAL G 502 -41.88 -20.12 33.30
N ALA G 503 -41.21 -20.96 32.50
CA ALA G 503 -40.21 -20.51 31.55
C ALA G 503 -40.70 -20.74 30.12
N ASN G 504 -40.47 -19.76 29.26
CA ASN G 504 -40.90 -19.81 27.87
C ASN G 504 -39.68 -20.01 26.97
N PHE G 505 -39.66 -21.11 26.23
CA PHE G 505 -38.57 -21.39 25.30
C PHE G 505 -39.08 -22.03 24.01
N SER G 506 -40.28 -21.67 23.58
CA SER G 506 -40.91 -22.28 22.41
C SER G 506 -40.59 -21.55 21.11
N MET G 507 -39.77 -20.50 21.15
CA MET G 507 -39.45 -19.73 19.96
C MET G 507 -37.95 -19.64 19.78
N GLU G 508 -37.51 -19.59 18.53
CA GLU G 508 -36.10 -19.48 18.20
C GLU G 508 -35.70 -18.01 18.07
N LEU G 509 -34.55 -17.67 18.63
CA LEU G 509 -34.08 -16.29 18.59
C LEU G 509 -33.69 -15.91 17.18
N PRO G 510 -34.24 -14.85 16.60
CA PRO G 510 -33.83 -14.45 15.24
C PRO G 510 -32.52 -13.67 15.26
N SER G 511 -31.95 -13.54 14.07
CA SER G 511 -30.75 -12.73 13.88
C SER G 511 -31.15 -11.28 13.68
N PHE G 512 -30.77 -10.42 14.63
CA PHE G 512 -31.12 -9.00 14.58
C PHE G 512 -30.16 -8.31 13.62
N GLY G 513 -30.49 -8.36 12.34
CA GLY G 513 -29.68 -7.72 11.31
C GLY G 513 -30.42 -6.61 10.60
N VAL G 514 -29.92 -6.19 9.45
CA VAL G 514 -30.52 -5.10 8.69
C VAL G 514 -31.45 -5.69 7.64
N SER G 515 -32.70 -5.21 7.64
CA SER G 515 -33.70 -5.76 6.72
C SER G 515 -33.33 -5.50 5.26
N GLY G 516 -32.81 -4.31 4.96
CA GLY G 516 -32.39 -4.00 3.60
C GLY G 516 -33.47 -3.36 2.75
N ILE G 517 -34.00 -2.22 3.17
CA ILE G 517 -34.95 -1.45 2.36
C ILE G 517 -34.44 -0.02 2.19
N ASN G 518 -34.26 0.70 3.30
CA ASN G 518 -33.86 2.10 3.25
C ASN G 518 -33.05 2.41 4.50
N GLU G 519 -32.42 3.59 4.49
CA GLU G 519 -31.69 4.04 5.67
C GLU G 519 -32.64 4.23 6.85
N SER G 520 -33.84 4.76 6.61
CA SER G 520 -34.77 5.07 7.67
C SER G 520 -35.73 3.93 7.98
N ALA G 521 -36.01 3.07 7.02
CA ALA G 521 -36.90 1.95 7.28
C ALA G 521 -36.21 0.86 8.10
N ASP G 522 -34.93 0.62 7.84
CA ASP G 522 -34.22 -0.46 8.51
C ASP G 522 -34.15 -0.23 10.02
N MET G 523 -33.83 1.00 10.43
CA MET G 523 -33.72 1.28 11.86
C MET G 523 -35.06 1.05 12.56
N SER G 524 -36.15 1.58 11.99
CA SER G 524 -37.45 1.40 12.61
C SER G 524 -37.82 -0.07 12.67
N VAL G 525 -37.58 -0.82 11.59
CA VAL G 525 -37.95 -2.23 11.58
C VAL G 525 -37.17 -2.99 12.64
N GLY G 526 -35.86 -2.75 12.73
CA GLY G 526 -35.05 -3.46 13.70
C GLY G 526 -35.46 -3.14 15.13
N VAL G 527 -35.71 -1.87 15.43
CA VAL G 527 -36.13 -1.50 16.78
C VAL G 527 -37.48 -2.14 17.10
N THR G 528 -38.41 -2.13 16.14
CA THR G 528 -39.71 -2.74 16.39
C THR G 528 -39.58 -4.24 16.62
N VAL G 529 -38.69 -4.91 15.88
CA VAL G 529 -38.47 -6.34 16.08
C VAL G 529 -37.92 -6.59 17.48
N ILE G 530 -36.95 -5.79 17.91
CA ILE G 530 -36.41 -5.95 19.25
C ILE G 530 -37.51 -5.81 20.29
N LYS G 531 -38.34 -4.77 20.14
CA LYS G 531 -39.41 -4.54 21.11
C LYS G 531 -40.42 -5.69 21.12
N ASN G 532 -40.79 -6.18 19.93
CA ASN G 532 -41.77 -7.26 19.85
C ASN G 532 -41.22 -8.53 20.49
N ASN G 533 -39.95 -8.85 20.24
CA ASN G 533 -39.34 -10.00 20.90
C ASN G 533 -39.33 -9.80 22.40
N MET G 534 -39.04 -8.58 22.86
CA MET G 534 -39.05 -8.31 24.28
C MET G 534 -40.42 -8.59 24.89
N ILE G 535 -41.49 -8.13 24.25
CA ILE G 535 -42.82 -8.23 24.86
C ILE G 535 -43.38 -9.65 24.75
N ASN G 536 -43.24 -10.30 23.59
CA ASN G 536 -43.92 -11.57 23.38
C ASN G 536 -43.05 -12.78 23.67
N ASN G 537 -41.77 -12.75 23.30
CA ASN G 537 -40.89 -13.90 23.42
C ASN G 537 -40.15 -13.96 24.74
N ASP G 538 -40.43 -13.04 25.67
CA ASP G 538 -39.81 -13.05 27.00
C ASP G 538 -38.29 -12.90 26.88
N LEU G 539 -37.88 -11.81 26.25
CA LEU G 539 -36.47 -11.47 26.13
C LEU G 539 -36.04 -10.63 27.33
N GLY G 540 -34.93 -11.00 27.95
CA GLY G 540 -34.44 -10.30 29.11
C GLY G 540 -33.92 -8.92 28.75
N PRO G 541 -33.74 -8.07 29.75
CA PRO G 541 -33.26 -6.71 29.48
C PRO G 541 -31.85 -6.67 28.91
N ALA G 542 -30.92 -7.36 29.57
CA ALA G 542 -29.54 -7.37 29.10
C ALA G 542 -29.45 -7.99 27.72
N THR G 543 -30.24 -9.05 27.47
CA THR G 543 -30.27 -9.66 26.15
C THR G 543 -30.73 -8.66 25.11
N ALA G 544 -31.78 -7.89 25.42
CA ALA G 544 -32.26 -6.88 24.48
C ALA G 544 -31.21 -5.82 24.23
N GLN G 545 -30.50 -5.38 25.27
CA GLN G 545 -29.46 -4.38 25.09
C GLN G 545 -28.35 -4.89 24.18
N MET G 546 -27.91 -6.12 24.40
CA MET G 546 -26.86 -6.69 23.55
C MET G 546 -27.35 -6.80 22.10
N ALA G 547 -28.60 -7.22 21.91
CA ALA G 547 -29.15 -7.29 20.56
C ALA G 547 -29.16 -5.91 19.91
N LEU G 548 -29.54 -4.89 20.66
CA LEU G 548 -29.55 -3.53 20.13
C LEU G 548 -28.15 -3.11 19.71
N GLN G 549 -27.14 -3.41 20.55
CA GLN G 549 -25.77 -3.05 20.20
C GLN G 549 -25.31 -3.76 18.93
N LEU G 550 -25.61 -5.05 18.81
CA LEU G 550 -25.21 -5.79 17.61
C LEU G 550 -25.89 -5.22 16.37
N PHE G 551 -27.19 -4.91 16.48
CA PHE G 551 -27.90 -4.33 15.35
C PHE G 551 -27.32 -2.98 14.96
N ILE G 552 -26.96 -2.16 15.94
CA ILE G 552 -26.41 -0.85 15.62
C ILE G 552 -25.08 -1.01 14.89
N LYS G 553 -24.24 -1.93 15.36
CA LYS G 553 -22.97 -2.18 14.67
C LYS G 553 -23.22 -2.60 13.22
N ASP G 554 -24.15 -3.54 13.02
CA ASP G 554 -24.42 -4.05 11.68
C ASP G 554 -24.94 -2.94 10.77
N TYR G 555 -25.86 -2.12 11.27
CA TYR G 555 -26.41 -1.04 10.47
C TYR G 555 -25.33 -0.04 10.09
N ARG G 556 -24.50 0.36 11.07
CA ARG G 556 -23.44 1.32 10.79
C ARG G 556 -22.47 0.78 9.76
N TYR G 557 -22.12 -0.50 9.85
N TYR G 557 -22.10 -0.49 9.87
CA TYR G 557 -21.18 -1.05 8.88
CA TYR G 557 -21.18 -1.06 8.88
C TYR G 557 -21.81 -1.26 7.51
C TYR G 557 -21.84 -1.17 7.51
N THR G 558 -23.11 -1.56 7.45
CA THR G 558 -23.78 -1.73 6.17
C THR G 558 -23.87 -0.42 5.41
N TYR G 559 -24.30 0.65 6.08
CA TYR G 559 -24.49 1.93 5.41
C TYR G 559 -23.30 2.88 5.54
N ARG G 560 -22.23 2.46 6.20
CA ARG G 560 -21.01 3.26 6.32
C ARG G 560 -21.26 4.58 7.06
N CYS G 561 -22.29 4.63 7.90
CA CYS G 561 -22.64 5.84 8.63
C CYS G 561 -22.05 5.79 10.04
N HIS G 562 -20.73 5.73 10.09
CA HIS G 562 -20.04 5.67 11.38
C HIS G 562 -20.21 6.98 12.13
N ARG G 563 -19.63 7.05 13.32
CA ARG G 563 -19.74 8.25 14.13
C ARG G 563 -18.95 9.39 13.48
N GLY G 564 -19.34 10.62 13.82
CA GLY G 564 -18.72 11.80 13.25
C GLY G 564 -17.37 12.16 13.83
N ASP G 565 -16.94 11.48 14.89
CA ASP G 565 -15.64 11.72 15.48
C ASP G 565 -14.69 10.54 15.38
N THR G 566 -15.19 9.34 15.08
CA THR G 566 -14.34 8.18 14.93
C THR G 566 -13.41 8.37 13.73
N GLN G 567 -12.19 7.82 13.84
CA GLN G 567 -11.15 8.01 12.84
C GLN G 567 -11.17 6.93 11.77
N ILE G 568 -12.31 6.32 11.49
CA ILE G 568 -12.40 5.28 10.48
C ILE G 568 -12.47 5.93 9.11
N GLN G 569 -11.64 5.46 8.18
CA GLN G 569 -11.58 6.01 6.83
C GLN G 569 -12.58 5.28 5.94
N THR G 570 -13.41 6.06 5.24
CA THR G 570 -14.44 5.50 4.37
C THR G 570 -14.76 6.54 3.30
N ARG G 571 -15.57 6.14 2.33
CA ARG G 571 -15.96 7.06 1.27
C ARG G 571 -16.80 8.20 1.83
N ARG G 572 -17.61 7.93 2.86
CA ARG G 572 -18.47 8.95 3.45
C ARG G 572 -17.83 9.65 4.63
N ALA G 573 -16.56 9.37 4.92
CA ALA G 573 -15.93 9.96 6.10
C ALA G 573 -15.90 11.48 6.02
N PHE G 574 -15.50 12.02 4.87
CA PHE G 574 -15.32 13.46 4.76
C PHE G 574 -16.61 14.21 5.02
N GLU G 575 -17.69 13.78 4.37
CA GLU G 575 -18.98 14.48 4.54
C GLU G 575 -19.49 14.37 5.96
N LEU G 576 -19.37 13.18 6.57
CA LEU G 576 -19.85 13.00 7.93
C LEU G 576 -19.07 13.89 8.90
N LYS G 577 -17.75 13.95 8.74
CA LYS G 577 -16.94 14.79 9.63
C LYS G 577 -17.25 16.26 9.43
N LYS G 578 -17.45 16.69 8.18
CA LYS G 578 -17.82 18.08 7.94
C LYS G 578 -19.15 18.42 8.61
N LEU G 579 -20.13 17.53 8.48
CA LEU G 579 -21.42 17.75 9.13
C LEU G 579 -21.27 17.79 10.66
N TRP G 580 -20.47 16.90 11.21
CA TRP G 580 -20.26 16.89 12.66
C TRP G 580 -19.65 18.21 13.12
N GLU G 581 -18.63 18.69 12.42
CA GLU G 581 -18.01 19.96 12.80
C GLU G 581 -19.00 21.11 12.68
N GLN G 582 -19.83 21.12 11.64
CA GLN G 582 -20.73 22.24 11.43
C GLN G 582 -21.73 22.39 12.58
N THR G 583 -22.30 21.29 13.05
CA THR G 583 -23.37 21.37 14.02
C THR G 583 -22.86 21.86 15.36
N ARG G 584 -23.73 22.59 16.07
CA ARG G 584 -23.41 23.05 17.41
C ARG G 584 -23.65 21.96 18.44
N SER G 585 -24.89 21.44 18.48
CA SER G 585 -25.25 20.36 19.39
C SER G 585 -25.13 19.04 18.63
N LYS G 586 -24.15 18.23 19.03
CA LYS G 586 -23.89 16.97 18.33
C LYS G 586 -24.88 15.88 18.69
N ALA G 587 -25.73 16.11 19.68
CA ALA G 587 -26.64 15.07 20.17
C ALA G 587 -27.92 14.96 19.35
N GLY G 588 -28.14 15.83 18.37
CA GLY G 588 -29.34 15.78 17.56
C GLY G 588 -29.15 15.03 16.26
N LEU G 589 -27.90 14.81 15.87
CA LEU G 589 -27.63 14.17 14.59
C LEU G 589 -28.19 12.76 14.57
N LEU G 590 -28.80 12.38 13.44
CA LEU G 590 -29.33 11.04 13.29
C LEU G 590 -28.20 10.02 13.23
N VAL G 591 -28.56 8.75 13.45
CA VAL G 591 -27.56 7.69 13.36
C VAL G 591 -27.05 7.56 11.93
N SER G 592 -27.93 7.78 10.96
CA SER G 592 -27.52 7.72 9.56
C SER G 592 -26.63 8.87 9.14
N ASP G 593 -26.55 9.93 9.96
CA ASP G 593 -25.75 11.11 9.65
C ASP G 593 -24.55 11.22 10.60
N GLY G 594 -24.08 10.10 11.11
CA GLY G 594 -22.96 10.11 12.04
C GLY G 594 -23.26 10.75 13.37
N GLY G 595 -24.45 10.51 13.91
CA GLY G 595 -24.80 11.00 15.22
C GLY G 595 -24.63 9.92 16.27
N PRO G 596 -24.85 10.27 17.54
CA PRO G 596 -24.75 9.28 18.61
C PRO G 596 -25.99 8.40 18.66
N ASN G 597 -25.92 7.38 19.50
CA ASN G 597 -27.03 6.47 19.73
C ASN G 597 -27.69 6.83 21.06
N LEU G 598 -29.00 7.07 21.02
CA LEU G 598 -29.76 7.42 22.20
C LEU G 598 -30.81 6.38 22.55
N TYR G 599 -31.00 5.36 21.71
CA TYR G 599 -32.04 4.38 21.96
C TYR G 599 -31.72 3.58 23.23
N ASN G 600 -32.78 3.19 23.93
CA ASN G 600 -32.65 2.33 25.10
C ASN G 600 -33.97 1.57 25.26
N ILE G 601 -34.06 0.81 26.36
CA ILE G 601 -35.25 -0.02 26.58
C ILE G 601 -36.48 0.87 26.74
N ARG G 602 -36.36 1.97 27.49
CA ARG G 602 -37.48 2.89 27.65
C ARG G 602 -37.84 3.61 26.35
N ASN G 603 -36.89 3.76 25.43
CA ASN G 603 -37.09 4.52 24.21
C ASN G 603 -37.32 3.63 22.99
N LEU G 604 -37.65 2.36 23.19
CA LEU G 604 -37.71 1.40 22.09
C LEU G 604 -38.94 1.57 21.22
N HIS G 605 -39.89 2.41 21.61
CA HIS G 605 -41.11 2.61 20.83
C HIS G 605 -41.19 3.95 20.12
N ILE G 606 -40.38 4.93 20.51
CA ILE G 606 -40.43 6.24 19.88
C ILE G 606 -39.67 6.19 18.55
N PRO G 607 -40.26 6.64 17.44
CA PRO G 607 -39.50 6.69 16.19
C PRO G 607 -38.32 7.64 16.29
N GLU G 608 -37.27 7.34 15.51
CA GLU G 608 -36.01 8.05 15.67
C GLU G 608 -36.17 9.54 15.41
N VAL G 609 -36.89 9.91 14.34
CA VAL G 609 -36.96 11.31 13.95
C VAL G 609 -37.58 12.15 15.08
N CYS G 610 -38.69 11.67 15.64
CA CYS G 610 -39.33 12.37 16.75
C CYS G 610 -38.58 12.23 18.06
N LEU G 611 -37.68 11.24 18.17
CA LEU G 611 -36.97 11.02 19.42
C LEU G 611 -35.99 12.15 19.72
N LYS G 612 -35.40 12.76 18.69
CA LYS G 612 -34.38 13.79 18.87
C LYS G 612 -34.82 15.15 18.35
N TRP G 613 -36.12 15.35 18.17
CA TRP G 613 -36.59 16.57 17.52
C TRP G 613 -36.17 17.82 18.30
N GLU G 614 -36.28 17.78 19.62
CA GLU G 614 -36.03 18.96 20.45
C GLU G 614 -34.54 19.24 20.63
N LEU G 615 -33.65 18.40 20.08
CA LEU G 615 -32.22 18.57 20.26
C LEU G 615 -31.48 18.95 18.98
N MET G 616 -32.15 18.97 17.83
CA MET G 616 -31.47 19.21 16.57
C MET G 616 -31.39 20.70 16.26
N ASP G 617 -30.41 21.05 15.44
CA ASP G 617 -30.20 22.44 15.05
C ASP G 617 -31.29 22.90 14.10
N GLU G 618 -31.53 24.22 14.10
CA GLU G 618 -32.57 24.79 13.25
C GLU G 618 -32.27 24.53 11.78
N ASP G 619 -31.07 24.91 11.32
CA ASP G 619 -30.74 24.74 9.91
C ASP G 619 -30.66 23.28 9.54
N TYR G 620 -30.07 22.45 10.41
CA TYR G 620 -29.93 21.03 10.09
C TYR G 620 -31.29 20.37 9.97
N GLN G 621 -32.21 20.68 10.89
CA GLN G 621 -33.54 20.09 10.80
C GLN G 621 -34.32 20.64 9.63
N GLY G 622 -34.07 21.89 9.24
CA GLY G 622 -34.69 22.42 8.04
C GLY G 622 -34.24 21.70 6.79
N ARG G 623 -32.95 21.41 6.68
CA ARG G 623 -32.44 20.71 5.50
C ARG G 623 -32.85 19.24 5.53
N LEU G 624 -32.84 18.61 6.70
CA LEU G 624 -33.08 17.17 6.79
C LEU G 624 -34.48 16.81 6.31
N CYS G 625 -35.50 17.57 6.74
CA CYS G 625 -36.87 17.32 6.37
C CYS G 625 -37.30 18.13 5.15
N ASN G 626 -36.38 18.42 4.26
CA ASN G 626 -36.67 19.27 3.11
C ASN G 626 -37.72 18.60 2.23
N PRO G 627 -38.88 19.23 1.99
CA PRO G 627 -39.92 18.58 1.19
C PRO G 627 -39.72 18.67 -0.31
N MET G 628 -38.83 19.54 -0.80
CA MET G 628 -38.51 19.60 -2.21
C MET G 628 -37.18 18.94 -2.55
N ASN G 629 -36.70 18.04 -1.69
CA ASN G 629 -35.44 17.37 -1.96
C ASN G 629 -35.62 16.40 -3.13
N PRO G 630 -34.55 16.13 -3.89
CA PRO G 630 -34.67 15.26 -5.07
C PRO G 630 -34.71 13.77 -4.74
N PHE G 631 -34.28 13.37 -3.54
CA PHE G 631 -34.11 11.96 -3.24
C PHE G 631 -35.44 11.26 -3.02
N VAL G 632 -36.36 11.88 -2.31
CA VAL G 632 -37.64 11.26 -2.00
C VAL G 632 -38.53 11.21 -3.24
N SER G 633 -38.86 12.38 -3.78
CA SER G 633 -39.72 12.47 -4.96
C SER G 633 -39.73 13.88 -5.52
N ASP G 658 -43.90 2.32 11.46
CA ASP G 658 -43.42 3.50 12.16
C ASP G 658 -42.27 4.14 11.39
N ALA G 659 -42.52 5.31 10.81
CA ALA G 659 -41.50 6.03 10.06
C ALA G 659 -41.97 7.46 9.85
N VAL G 660 -40.99 8.34 9.63
CA VAL G 660 -41.24 9.75 9.33
C VAL G 660 -40.49 10.11 8.06
N ALA G 661 -41.17 10.78 7.13
CA ALA G 661 -40.54 11.15 5.88
C ALA G 661 -39.35 12.07 6.13
N THR G 662 -38.23 11.77 5.49
CA THR G 662 -37.01 12.55 5.63
C THR G 662 -36.21 12.43 4.33
N THR G 663 -34.97 12.93 4.34
CA THR G 663 -34.11 12.84 3.17
C THR G 663 -33.55 11.44 2.96
N HIS G 664 -33.53 10.61 4.01
CA HIS G 664 -32.94 9.29 3.91
C HIS G 664 -33.87 8.26 3.28
N SER G 665 -35.14 8.58 3.10
CA SER G 665 -36.10 7.66 2.51
C SER G 665 -36.00 7.77 0.99
N TRP G 666 -35.10 6.99 0.42
CA TRP G 666 -34.88 6.97 -1.03
C TRP G 666 -35.16 5.58 -1.57
N ILE G 667 -35.19 5.47 -2.89
CA ILE G 667 -35.51 4.23 -3.60
C ILE G 667 -34.22 3.69 -4.21
N PRO G 668 -33.72 2.55 -3.75
CA PRO G 668 -32.51 1.99 -4.34
C PRO G 668 -32.75 1.46 -5.74
N LYS G 669 -31.66 1.35 -6.50
CA LYS G 669 -31.75 0.81 -7.85
C LYS G 669 -32.13 -0.66 -7.81
N ARG G 670 -32.81 -1.11 -8.86
CA ARG G 670 -33.24 -2.50 -8.96
C ARG G 670 -32.03 -3.43 -9.02
N ASN H 42 -31.87 -13.20 -0.18
CA ASN H 42 -31.85 -12.41 1.05
C ASN H 42 -31.55 -10.95 0.74
N PRO H 43 -32.53 -10.06 1.00
CA PRO H 43 -32.30 -8.63 0.69
C PRO H 43 -31.14 -8.02 1.45
N ALA H 44 -30.86 -8.52 2.66
CA ALA H 44 -29.83 -7.91 3.49
C ALA H 44 -28.47 -7.93 2.78
N LEU H 45 -28.03 -9.10 2.32
CA LEU H 45 -26.77 -9.16 1.60
C LEU H 45 -26.86 -8.48 0.24
N ARG H 46 -28.05 -8.44 -0.36
CA ARG H 46 -28.18 -7.73 -1.63
C ARG H 46 -27.84 -6.26 -1.46
N MET H 47 -28.36 -5.61 -0.41
CA MET H 47 -27.98 -4.21 -0.19
C MET H 47 -26.56 -4.10 0.37
N LYS H 48 -26.09 -5.09 1.13
CA LYS H 48 -24.67 -5.07 1.52
C LYS H 48 -23.78 -4.96 0.30
N TRP H 49 -24.14 -5.65 -0.78
CA TRP H 49 -23.41 -5.51 -2.04
C TRP H 49 -23.73 -4.20 -2.75
N MET H 50 -25.00 -3.79 -2.75
CA MET H 50 -25.40 -2.61 -3.51
C MET H 50 -24.71 -1.35 -2.99
N MET H 51 -24.60 -1.21 -1.66
CA MET H 51 -23.91 -0.06 -1.09
C MET H 51 -22.44 -0.03 -1.45
N ALA H 52 -21.87 -1.18 -1.83
CA ALA H 52 -20.45 -1.24 -2.20
C ALA H 52 -20.19 -0.69 -3.60
N MET H 53 -21.23 -0.44 -4.39
CA MET H 53 -21.05 0.13 -5.71
C MET H 53 -20.89 1.64 -5.60
N LYS H 54 -20.81 2.31 -6.76
CA LYS H 54 -20.59 3.75 -6.77
C LYS H 54 -21.89 4.51 -6.58
N TYR H 55 -22.89 4.25 -7.42
CA TYR H 55 -24.15 4.98 -7.42
C TYR H 55 -25.30 4.01 -7.23
N PRO H 56 -25.63 3.63 -5.99
CA PRO H 56 -26.77 2.75 -5.75
C PRO H 56 -28.12 3.45 -5.75
N ILE H 57 -28.18 4.76 -5.54
CA ILE H 57 -29.44 5.47 -5.35
C ILE H 57 -29.87 6.04 -6.69
N THR H 58 -31.18 6.20 -6.86
CA THR H 58 -31.76 6.77 -8.07
C THR H 58 -32.56 8.03 -7.71
N ALA H 59 -32.31 9.12 -8.42
CA ALA H 59 -32.96 10.40 -8.12
C ALA H 59 -33.47 11.02 -9.41
N ASP H 60 -34.07 12.20 -9.28
CA ASP H 60 -34.66 12.90 -10.41
C ASP H 60 -33.57 13.68 -11.16
N LYS H 61 -33.97 14.58 -12.04
CA LYS H 61 -33.06 15.26 -12.94
C LYS H 61 -32.69 16.67 -12.49
N ARG H 62 -33.58 17.33 -11.74
CA ARG H 62 -33.26 18.65 -11.23
C ARG H 62 -32.18 18.62 -10.16
N ILE H 63 -31.81 17.44 -9.66
CA ILE H 63 -30.75 17.35 -8.66
C ILE H 63 -29.45 17.91 -9.22
N MET H 64 -29.25 17.80 -10.53
CA MET H 64 -28.04 18.32 -11.15
C MET H 64 -27.93 19.83 -11.01
N GLU H 65 -29.02 20.52 -10.69
CA GLU H 65 -29.02 21.97 -10.63
C GLU H 65 -28.78 22.53 -9.23
N MET H 66 -28.88 21.70 -8.19
CA MET H 66 -28.75 22.17 -6.82
C MET H 66 -27.44 21.74 -6.17
N ILE H 67 -27.03 20.48 -6.35
CA ILE H 67 -25.80 19.99 -5.75
C ILE H 67 -24.76 19.81 -6.85
N PRO H 68 -23.49 20.14 -6.62
CA PRO H 68 -22.51 20.07 -7.70
C PRO H 68 -22.04 18.65 -7.96
N GLU H 69 -21.39 18.46 -9.11
CA GLU H 69 -20.93 17.14 -9.51
C GLU H 69 -19.73 16.66 -8.72
N ARG H 70 -19.05 17.54 -8.00
CA ARG H 70 -17.87 17.16 -7.24
C ARG H 70 -17.89 17.84 -5.88
N ASN H 71 -17.23 17.19 -4.92
CA ASN H 71 -17.12 17.70 -3.56
C ASN H 71 -16.03 18.76 -3.48
N GLU H 72 -15.80 19.30 -2.29
CA GLU H 72 -14.65 20.16 -2.04
C GLU H 72 -13.34 19.39 -2.06
N GLN H 73 -13.40 18.05 -2.05
CA GLN H 73 -12.22 17.21 -2.11
C GLN H 73 -12.09 16.47 -3.43
N GLY H 74 -13.11 16.51 -4.29
CA GLY H 74 -13.06 15.91 -5.61
C GLY H 74 -13.89 14.65 -5.75
N GLN H 75 -14.69 14.27 -4.78
CA GLN H 75 -15.47 13.05 -4.86
C GLN H 75 -16.69 13.25 -5.75
N THR H 76 -16.90 12.32 -6.67
CA THR H 76 -18.05 12.39 -7.56
C THR H 76 -19.34 12.14 -6.78
N LEU H 77 -20.39 12.88 -7.12
CA LEU H 77 -21.68 12.75 -6.47
C LEU H 77 -22.72 12.08 -7.35
N TRP H 78 -22.82 12.46 -8.62
CA TRP H 78 -23.78 11.84 -9.53
C TRP H 78 -23.13 11.65 -10.89
N SER H 79 -23.71 10.74 -11.67
CA SER H 79 -23.18 10.36 -12.97
C SER H 79 -24.18 10.75 -14.06
N LYS H 80 -23.64 11.05 -15.24
CA LYS H 80 -24.47 11.44 -16.38
C LYS H 80 -25.35 10.30 -16.86
N THR H 81 -24.98 9.05 -16.57
CA THR H 81 -25.75 7.92 -17.03
C THR H 81 -27.18 8.00 -16.51
N ASN H 82 -28.14 7.73 -17.38
CA ASN H 82 -29.55 7.76 -17.02
C ASN H 82 -30.04 6.37 -16.65
N ASP H 83 -31.08 6.33 -15.83
CA ASP H 83 -31.66 5.07 -15.40
C ASP H 83 -32.26 4.32 -16.58
N ALA H 84 -32.18 3.00 -16.52
CA ALA H 84 -32.77 2.15 -17.56
C ALA H 84 -34.27 2.07 -17.37
N GLY H 85 -35.03 2.29 -18.45
CA GLY H 85 -36.47 2.27 -18.41
C GLY H 85 -37.12 3.57 -17.99
N SER H 86 -36.33 4.57 -17.62
CA SER H 86 -36.85 5.86 -17.21
C SER H 86 -35.78 6.92 -17.49
N ASP H 87 -35.99 8.12 -16.98
CA ASP H 87 -35.07 9.24 -17.17
C ASP H 87 -34.35 9.62 -15.87
N ARG H 88 -34.47 8.79 -14.84
CA ARG H 88 -33.83 9.10 -13.56
C ARG H 88 -32.32 9.04 -13.71
N VAL H 89 -31.64 9.60 -12.70
CA VAL H 89 -30.19 9.74 -12.72
C VAL H 89 -29.60 9.01 -11.51
N MET H 90 -28.47 8.37 -11.72
CA MET H 90 -27.80 7.63 -10.66
C MET H 90 -27.12 8.62 -9.70
N VAL H 91 -27.26 8.39 -8.41
CA VAL H 91 -26.62 9.21 -7.38
C VAL H 91 -26.05 8.31 -6.30
N SER H 92 -24.88 8.70 -5.79
CA SER H 92 -24.21 8.01 -4.69
C SER H 92 -24.72 8.54 -3.35
N PRO H 93 -24.57 7.77 -2.27
CA PRO H 93 -25.05 8.26 -0.96
C PRO H 93 -24.37 9.53 -0.51
N LEU H 94 -23.18 9.85 -1.04
CA LEU H 94 -22.52 11.11 -0.68
C LEU H 94 -23.42 12.29 -0.98
N ALA H 95 -24.29 12.17 -2.00
CA ALA H 95 -25.22 13.24 -2.30
C ALA H 95 -26.16 13.51 -1.15
N VAL H 96 -26.58 12.46 -0.45
CA VAL H 96 -27.51 12.64 0.66
C VAL H 96 -26.87 13.46 1.77
N THR H 97 -25.65 13.12 2.15
CA THR H 97 -24.97 13.86 3.21
C THR H 97 -24.64 15.28 2.75
N TRP H 98 -24.28 15.43 1.47
CA TRP H 98 -24.04 16.76 0.92
C TRP H 98 -25.29 17.63 1.06
N TRP H 99 -26.45 17.08 0.71
CA TRP H 99 -27.69 17.82 0.87
C TRP H 99 -27.95 18.15 2.33
N ASN H 100 -27.72 17.18 3.22
CA ASN H 100 -28.01 17.41 4.63
C ASN H 100 -27.17 18.52 5.21
N ARG H 101 -25.88 18.57 4.86
CA ARG H 101 -24.99 19.60 5.41
C ARG H 101 -24.94 20.85 4.54
N ASN H 102 -25.30 20.76 3.26
CA ASN H 102 -25.29 21.91 2.35
C ASN H 102 -26.54 21.82 1.49
N GLY H 103 -27.52 22.68 1.78
CA GLY H 103 -28.75 22.70 1.03
C GLY H 103 -29.71 23.76 1.53
N PRO H 104 -30.82 23.94 0.83
CA PRO H 104 -31.80 24.95 1.24
C PRO H 104 -32.38 24.64 2.60
N THR H 105 -32.69 25.70 3.35
CA THR H 105 -33.26 25.59 4.69
C THR H 105 -34.72 26.05 4.65
N THR H 106 -35.49 25.58 5.64
CA THR H 106 -36.91 25.87 5.73
C THR H 106 -37.33 25.80 7.19
N SER H 107 -38.48 26.43 7.48
CA SER H 107 -39.05 26.42 8.82
C SER H 107 -40.10 25.32 8.87
N THR H 108 -40.02 24.47 9.89
CA THR H 108 -40.90 23.32 10.05
C THR H 108 -41.76 23.53 11.29
N VAL H 109 -43.00 23.98 11.08
CA VAL H 109 -43.98 24.12 12.15
C VAL H 109 -45.24 23.38 11.72
N HIS H 110 -45.08 22.38 10.86
CA HIS H 110 -46.23 21.64 10.34
C HIS H 110 -46.03 20.14 10.58
N TYR H 111 -44.78 19.70 10.65
CA TYR H 111 -44.52 18.28 10.94
C TYR H 111 -45.10 17.84 12.27
N PRO H 112 -44.84 18.52 13.39
CA PRO H 112 -45.40 18.04 14.68
C PRO H 112 -46.91 17.99 14.69
N LYS H 113 -47.57 18.98 14.08
CA LYS H 113 -49.03 19.00 14.03
C LYS H 113 -49.53 17.78 13.29
N VAL H 114 -48.89 17.43 12.18
CA VAL H 114 -49.26 16.24 11.45
C VAL H 114 -48.98 14.99 12.27
N TYR H 115 -47.79 14.91 12.85
CA TYR H 115 -47.39 13.78 13.69
C TYR H 115 -47.66 14.05 15.16
N LYS H 116 -48.90 14.40 15.48
CA LYS H 116 -49.23 14.81 16.84
C LYS H 116 -49.09 13.65 17.83
N THR H 117 -49.47 12.44 17.40
CA THR H 117 -49.45 11.31 18.32
C THR H 117 -48.04 10.99 18.79
N TYR H 118 -47.07 10.97 17.88
CA TYR H 118 -45.70 10.64 18.27
C TYR H 118 -45.16 11.69 19.24
N PHE H 119 -45.36 12.97 18.95
CA PHE H 119 -44.90 14.01 19.85
C PHE H 119 -45.58 13.95 21.21
N GLU H 120 -46.87 13.61 21.25
CA GLU H 120 -47.54 13.41 22.53
C GLU H 120 -46.90 12.26 23.29
N LYS H 121 -46.51 11.20 22.58
CA LYS H 121 -45.84 10.07 23.24
C LYS H 121 -44.56 10.53 23.93
N VAL H 122 -43.75 11.34 23.25
CA VAL H 122 -42.51 11.80 23.85
C VAL H 122 -42.80 12.77 25.00
N GLU H 123 -43.79 13.64 24.84
CA GLU H 123 -44.11 14.60 25.88
C GLU H 123 -44.55 13.90 27.17
N ARG H 124 -45.38 12.86 27.05
CA ARG H 124 -45.81 12.14 28.22
C ARG H 124 -44.62 11.48 28.93
N LEU H 125 -43.72 10.88 28.17
CA LEU H 125 -42.55 10.21 28.73
C LEU H 125 -41.65 11.22 29.44
MG MG K . 48.47 34.87 -8.06
#